data_6PI5
#
_entry.id   6PI5
#
_cell.length_a   99.006
_cell.length_b   63.142
_cell.length_c   120.373
_cell.angle_alpha   90.00
_cell.angle_beta   93.55
_cell.angle_gamma   90.00
#
_symmetry.space_group_name_H-M   'P 1 21 1'
#
loop_
_entity.id
_entity.type
_entity.pdbx_description
1 polymer 'Atrazine periplasmic binding protein'
2 non-polymer GUANINE
3 non-polymer 'DIMETHYL SULFOXIDE'
4 water water
#
_entity_poly.entity_id   1
_entity_poly.type   'polypeptide(L)'
_entity_poly.pdbx_seq_one_letter_code
;MGSSHHHHHHSSGLVPRGSHMQEPLKVAFVYAGPVSDAGYTYAHDQGRLAMEKNLGAKVKSSYVENVPEGADAERVIRKL
AADGNKLIFTTSFGFMNPTERVAKAFPNVVFEHATGVKLAKNLGVYESRQYEGTYLQGVLAAKMTKTGVIGFVGSFPVPE
VIRNINAYTLGAQSVNPKIKTKVIWVSTWYDPAKERQAAETLIAQGADVLTQNTNSPATLQVAQEKGKYAFGCDADMSKF
APKAHLTASISNWGDFYTKTAQAVMAGTWKSEEVHWGMAEGMVKMAPLNAAVPPDAAKLFEEKKAAMVSGKIKPFQGPLK
DQSGAVKVAAGSDLPLASLKGMNWYVQGVEGTIPK
;
_entity_poly.pdbx_strand_id   A,B,C,D
#
loop_
_chem_comp.id
_chem_comp.type
_chem_comp.name
_chem_comp.formula
DMS non-polymer 'DIMETHYL SULFOXIDE' 'C2 H6 O S'
GUN non-polymer GUANINE 'C5 H5 N5 O'
#
# COMPACT_ATOMS: atom_id res chain seq x y z
N GLN A 22 -29.54 -31.86 -30.41
CA GLN A 22 -29.46 -30.70 -31.35
C GLN A 22 -28.21 -30.83 -32.24
N GLU A 23 -28.35 -30.49 -33.52
CA GLU A 23 -27.27 -30.27 -34.52
C GLU A 23 -26.22 -29.33 -33.94
N PRO A 24 -24.90 -29.48 -34.21
CA PRO A 24 -23.92 -28.49 -33.74
C PRO A 24 -24.21 -27.08 -34.30
N LEU A 25 -24.02 -26.07 -33.47
CA LEU A 25 -24.22 -24.66 -33.86
C LEU A 25 -23.01 -24.24 -34.68
N LYS A 26 -23.23 -23.78 -35.91
CA LYS A 26 -22.18 -23.27 -36.80
C LYS A 26 -21.91 -21.81 -36.44
N VAL A 27 -20.67 -21.54 -36.06
CA VAL A 27 -20.25 -20.20 -35.58
C VAL A 27 -19.07 -19.75 -36.44
N ALA A 28 -19.12 -18.52 -36.93
CA ALA A 28 -18.04 -17.96 -37.75
C ALA A 28 -17.51 -16.67 -37.16
N PHE A 29 -16.20 -16.46 -37.36
CA PHE A 29 -15.44 -15.27 -36.92
C PHE A 29 -14.84 -14.60 -38.14
N VAL A 30 -15.00 -13.31 -38.24
CA VAL A 30 -14.44 -12.48 -39.33
C VAL A 30 -13.38 -11.57 -38.71
N TYR A 31 -12.13 -11.78 -39.16
CA TYR A 31 -10.98 -10.97 -38.71
C TYR A 31 -10.49 -10.00 -39.77
N ALA A 32 -10.10 -8.81 -39.33
CA ALA A 32 -9.54 -7.73 -40.22
C ALA A 32 -8.02 -7.95 -40.42
N GLY A 33 -7.43 -8.74 -39.58
CA GLY A 33 -5.98 -9.00 -39.62
C GLY A 33 -5.69 -10.48 -39.58
N PRO A 34 -4.40 -10.86 -39.45
CA PRO A 34 -4.01 -12.27 -39.38
C PRO A 34 -3.92 -12.77 -37.96
N VAL A 35 -4.19 -14.06 -37.77
N VAL A 35 -4.19 -14.07 -37.78
CA VAL A 35 -4.00 -14.70 -36.45
CA VAL A 35 -4.00 -14.73 -36.46
C VAL A 35 -2.53 -14.63 -36.04
C VAL A 35 -2.53 -14.63 -36.04
N SER A 36 -1.62 -14.51 -37.01
CA SER A 36 -0.16 -14.38 -36.76
C SER A 36 0.22 -12.95 -36.40
N ASP A 37 -0.72 -12.02 -36.13
CA ASP A 37 -0.33 -10.67 -35.64
C ASP A 37 0.29 -10.78 -34.25
N ALA A 38 0.01 -11.84 -33.49
CA ALA A 38 0.43 -12.06 -32.08
C ALA A 38 -0.15 -10.95 -31.19
N GLY A 39 -1.25 -10.32 -31.63
CA GLY A 39 -1.90 -9.24 -30.88
C GLY A 39 -3.42 -9.36 -30.97
N TYR A 40 -4.06 -8.36 -31.53
CA TYR A 40 -5.53 -8.21 -31.52
C TYR A 40 -6.23 -9.44 -32.13
N THR A 41 -5.89 -9.80 -33.34
CA THR A 41 -6.61 -10.91 -34.03
C THR A 41 -6.24 -12.22 -33.34
N TYR A 42 -4.97 -12.43 -32.99
CA TYR A 42 -4.53 -13.56 -32.16
C TYR A 42 -5.42 -13.75 -30.95
N ALA A 43 -5.68 -12.66 -30.19
CA ALA A 43 -6.49 -12.72 -28.96
C ALA A 43 -7.95 -13.13 -29.31
N HIS A 44 -8.53 -12.54 -30.36
CA HIS A 44 -9.92 -12.95 -30.75
C HIS A 44 -9.90 -14.44 -31.09
N ASP A 45 -8.91 -14.90 -31.82
CA ASP A 45 -8.82 -16.31 -32.26
C ASP A 45 -8.59 -17.21 -31.04
N GLN A 46 -7.82 -16.79 -30.03
CA GLN A 46 -7.71 -17.55 -28.77
C GLN A 46 -9.09 -17.67 -28.11
N GLY A 47 -9.91 -16.63 -28.24
CA GLY A 47 -11.29 -16.68 -27.71
C GLY A 47 -12.15 -17.69 -28.45
N ARG A 48 -12.02 -17.74 -29.77
CA ARG A 48 -12.70 -18.79 -30.60
C ARG A 48 -12.25 -20.15 -30.11
N LEU A 49 -10.94 -20.37 -29.94
CA LEU A 49 -10.44 -21.69 -29.54
C LEU A 49 -10.91 -22.01 -28.13
N ALA A 50 -11.04 -21.03 -27.23
CA ALA A 50 -11.57 -21.28 -25.87
C ALA A 50 -13.03 -21.68 -25.96
N MET A 51 -13.81 -21.05 -26.82
CA MET A 51 -15.24 -21.40 -27.05
C MET A 51 -15.31 -22.85 -27.52
N GLU A 52 -14.46 -23.24 -28.46
N GLU A 52 -14.45 -23.24 -28.46
CA GLU A 52 -14.40 -24.65 -28.97
CA GLU A 52 -14.39 -24.64 -28.98
C GLU A 52 -14.05 -25.62 -27.84
C GLU A 52 -14.06 -25.61 -27.84
N LYS A 53 -13.08 -25.28 -27.00
CA LYS A 53 -12.70 -26.15 -25.85
C LYS A 53 -13.89 -26.26 -24.87
N ASN A 54 -14.56 -25.15 -24.59
CA ASN A 54 -15.61 -25.07 -23.55
C ASN A 54 -16.89 -25.76 -24.04
N LEU A 55 -17.23 -25.68 -25.33
CA LEU A 55 -18.54 -26.18 -25.86
C LEU A 55 -18.39 -27.48 -26.64
N GLY A 56 -17.16 -27.88 -26.99
CA GLY A 56 -16.83 -29.16 -27.64
C GLY A 56 -17.67 -29.37 -28.89
N ALA A 57 -18.31 -30.55 -28.98
CA ALA A 57 -19.03 -30.96 -30.20
C ALA A 57 -20.35 -30.18 -30.41
N LYS A 58 -20.80 -29.40 -29.43
CA LYS A 58 -22.02 -28.56 -29.55
C LYS A 58 -21.80 -27.39 -30.52
N VAL A 59 -20.55 -27.06 -30.86
N VAL A 59 -20.55 -27.04 -30.84
CA VAL A 59 -20.22 -25.92 -31.77
CA VAL A 59 -20.24 -25.93 -31.79
C VAL A 59 -19.25 -26.38 -32.86
C VAL A 59 -19.25 -26.39 -32.86
N LYS A 60 -19.34 -25.76 -34.03
CA LYS A 60 -18.40 -25.95 -35.13
C LYS A 60 -17.99 -24.55 -35.57
N SER A 61 -16.75 -24.16 -35.30
CA SER A 61 -16.31 -22.77 -35.58
C SER A 61 -15.50 -22.76 -36.87
N SER A 62 -15.52 -21.62 -37.53
CA SER A 62 -14.59 -21.34 -38.63
C SER A 62 -14.26 -19.86 -38.60
N TYR A 63 -13.27 -19.50 -39.37
CA TYR A 63 -12.86 -18.08 -39.39
C TYR A 63 -12.32 -17.71 -40.76
N VAL A 64 -12.31 -16.43 -41.01
CA VAL A 64 -11.69 -15.81 -42.18
C VAL A 64 -10.77 -14.71 -41.69
N GLU A 65 -9.51 -14.69 -42.12
CA GLU A 65 -8.58 -13.65 -41.69
C GLU A 65 -8.27 -12.65 -42.82
N ASN A 66 -7.72 -11.50 -42.43
CA ASN A 66 -7.22 -10.47 -43.36
C ASN A 66 -8.36 -9.95 -44.25
N VAL A 67 -9.55 -9.80 -43.69
CA VAL A 67 -10.71 -9.32 -44.48
C VAL A 67 -10.68 -7.81 -44.54
N PRO A 68 -10.62 -7.20 -45.73
CA PRO A 68 -10.66 -5.74 -45.84
C PRO A 68 -12.05 -5.18 -45.52
N GLU A 69 -12.12 -3.89 -45.28
CA GLU A 69 -13.41 -3.16 -45.04
C GLU A 69 -14.22 -3.02 -46.34
N GLY A 70 -15.50 -2.61 -46.20
CA GLY A 70 -16.40 -2.23 -47.30
C GLY A 70 -16.90 -3.47 -48.02
N ALA A 71 -16.79 -3.49 -49.33
CA ALA A 71 -17.49 -4.45 -50.22
C ALA A 71 -16.93 -5.85 -49.98
N ASP A 72 -15.63 -5.96 -49.73
CA ASP A 72 -14.99 -7.27 -49.49
C ASP A 72 -15.56 -7.85 -48.18
N ALA A 73 -15.65 -7.00 -47.14
CA ALA A 73 -16.17 -7.49 -45.83
C ALA A 73 -17.62 -7.97 -46.01
N GLU A 74 -18.43 -7.17 -46.69
CA GLU A 74 -19.85 -7.54 -46.90
C GLU A 74 -19.93 -8.88 -47.62
N ARG A 75 -19.11 -9.09 -48.67
CA ARG A 75 -19.13 -10.35 -49.45
C ARG A 75 -18.77 -11.54 -48.54
N VAL A 76 -17.73 -11.39 -47.72
CA VAL A 76 -17.29 -12.47 -46.80
C VAL A 76 -18.40 -12.78 -45.79
N ILE A 77 -18.94 -11.75 -45.16
CA ILE A 77 -19.98 -11.93 -44.08
C ILE A 77 -21.22 -12.61 -44.72
N ARG A 78 -21.63 -12.14 -45.89
CA ARG A 78 -22.81 -12.71 -46.61
C ARG A 78 -22.55 -14.19 -46.93
N LYS A 79 -21.35 -14.53 -47.40
CA LYS A 79 -21.02 -15.93 -47.76
C LYS A 79 -21.09 -16.83 -46.51
N LEU A 80 -20.58 -16.36 -45.35
CA LEU A 80 -20.66 -17.17 -44.13
C LEU A 80 -22.14 -17.36 -43.74
N ALA A 81 -22.97 -16.35 -43.88
CA ALA A 81 -24.40 -16.48 -43.52
C ALA A 81 -25.07 -17.46 -44.52
N ALA A 82 -24.74 -17.34 -45.81
CA ALA A 82 -25.33 -18.20 -46.87
C ALA A 82 -24.93 -19.65 -46.67
N ASP A 83 -23.74 -19.91 -46.11
CA ASP A 83 -23.23 -21.29 -45.90
C ASP A 83 -23.82 -21.93 -44.64
N GLY A 84 -24.64 -21.26 -43.86
CA GLY A 84 -25.37 -21.88 -42.74
C GLY A 84 -24.84 -21.53 -41.37
N ASN A 85 -23.92 -20.56 -41.26
CA ASN A 85 -23.49 -20.11 -39.92
C ASN A 85 -24.69 -19.43 -39.25
N LYS A 86 -24.97 -19.77 -38.01
CA LYS A 86 -26.13 -19.24 -37.26
C LYS A 86 -25.71 -18.13 -36.30
N LEU A 87 -24.40 -17.99 -36.07
CA LEU A 87 -23.87 -16.95 -35.16
C LEU A 87 -22.56 -16.49 -35.80
N ILE A 88 -22.46 -15.19 -36.07
CA ILE A 88 -21.29 -14.60 -36.76
C ILE A 88 -20.79 -13.43 -35.95
N PHE A 89 -19.49 -13.51 -35.58
CA PHE A 89 -18.78 -12.41 -34.89
C PHE A 89 -17.95 -11.63 -35.90
N THR A 90 -18.17 -10.35 -36.01
CA THR A 90 -17.37 -9.47 -36.89
C THR A 90 -16.50 -8.59 -36.00
N THR A 91 -15.20 -8.84 -36.01
CA THR A 91 -14.32 -8.45 -34.89
C THR A 91 -13.58 -7.12 -35.10
N SER A 92 -14.00 -6.27 -36.03
CA SER A 92 -13.36 -4.98 -36.31
C SER A 92 -14.39 -3.89 -36.38
N PHE A 93 -14.06 -2.69 -35.91
CA PHE A 93 -14.90 -1.49 -36.08
C PHE A 93 -15.30 -1.30 -37.54
N GLY A 94 -14.36 -1.56 -38.47
CA GLY A 94 -14.55 -1.32 -39.89
C GLY A 94 -15.59 -2.23 -40.52
N PHE A 95 -16.07 -3.22 -39.79
CA PHE A 95 -17.10 -4.15 -40.32
C PHE A 95 -18.49 -3.68 -39.91
N MET A 96 -18.62 -2.55 -39.24
CA MET A 96 -19.94 -2.12 -38.66
C MET A 96 -21.03 -2.03 -39.73
N ASN A 97 -20.84 -1.26 -40.78
CA ASN A 97 -21.92 -1.04 -41.78
C ASN A 97 -22.16 -2.29 -42.61
N PRO A 98 -21.13 -3.01 -43.10
CA PRO A 98 -21.33 -4.31 -43.75
C PRO A 98 -22.15 -5.30 -42.89
N THR A 99 -21.85 -5.37 -41.59
CA THR A 99 -22.55 -6.29 -40.69
C THR A 99 -24.02 -5.87 -40.60
N GLU A 100 -24.30 -4.58 -40.46
CA GLU A 100 -25.70 -4.08 -40.33
C GLU A 100 -26.46 -4.46 -41.60
N ARG A 101 -25.84 -4.34 -42.77
CA ARG A 101 -26.53 -4.64 -44.06
C ARG A 101 -26.78 -6.13 -44.20
N VAL A 102 -25.81 -6.97 -43.83
CA VAL A 102 -25.99 -8.43 -43.94
C VAL A 102 -27.06 -8.87 -42.92
N ALA A 103 -27.05 -8.32 -41.71
CA ALA A 103 -27.98 -8.74 -40.64
C ALA A 103 -29.42 -8.52 -41.14
N LYS A 104 -29.68 -7.47 -41.90
CA LYS A 104 -31.06 -7.21 -42.42
C LYS A 104 -31.46 -8.30 -43.39
N ALA A 105 -30.53 -8.84 -44.16
CA ALA A 105 -30.78 -9.87 -45.21
C ALA A 105 -30.86 -11.25 -44.60
N PHE A 106 -30.39 -11.46 -43.34
CA PHE A 106 -30.33 -12.80 -42.73
C PHE A 106 -30.96 -12.76 -41.37
N PRO A 107 -32.31 -12.61 -41.27
CA PRO A 107 -32.95 -12.42 -39.98
C PRO A 107 -32.93 -13.64 -39.08
N ASN A 108 -32.56 -14.81 -39.59
CA ASN A 108 -32.49 -16.04 -38.77
C ASN A 108 -31.05 -16.28 -38.27
N VAL A 109 -30.14 -15.36 -38.54
CA VAL A 109 -28.72 -15.45 -38.08
C VAL A 109 -28.49 -14.39 -37.03
N VAL A 110 -27.74 -14.74 -35.98
CA VAL A 110 -27.32 -13.80 -34.92
C VAL A 110 -25.95 -13.20 -35.30
N PHE A 111 -25.88 -11.88 -35.28
CA PHE A 111 -24.64 -11.12 -35.57
C PHE A 111 -24.20 -10.41 -34.31
N GLU A 112 -22.88 -10.46 -34.05
CA GLU A 112 -22.28 -9.75 -32.91
C GLU A 112 -21.10 -8.95 -33.48
N HIS A 113 -21.16 -7.63 -33.34
CA HIS A 113 -20.16 -6.73 -33.93
C HIS A 113 -19.31 -6.11 -32.80
N ALA A 114 -18.00 -6.27 -32.94
CA ALA A 114 -17.05 -5.73 -31.94
C ALA A 114 -16.90 -4.23 -32.11
N THR A 115 -17.12 -3.51 -31.03
CA THR A 115 -16.84 -2.07 -30.83
C THR A 115 -17.82 -1.16 -31.53
N GLY A 116 -18.88 -1.69 -32.13
CA GLY A 116 -19.84 -0.86 -32.86
C GLY A 116 -20.92 -0.24 -31.98
N VAL A 117 -21.77 0.54 -32.62
CA VAL A 117 -22.87 1.27 -31.93
C VAL A 117 -24.19 1.01 -32.65
N LYS A 118 -24.21 0.13 -33.65
CA LYS A 118 -25.46 -0.18 -34.41
C LYS A 118 -26.02 -1.51 -33.90
N LEU A 119 -27.30 -1.52 -33.56
CA LEU A 119 -28.00 -2.75 -33.10
C LEU A 119 -29.26 -2.96 -33.93
N ALA A 120 -29.75 -4.17 -33.88
CA ALA A 120 -31.00 -4.60 -34.56
C ALA A 120 -31.54 -5.80 -33.82
N LYS A 121 -32.70 -6.33 -34.24
CA LYS A 121 -33.27 -7.50 -33.53
C LYS A 121 -32.27 -8.68 -33.53
N ASN A 122 -31.47 -8.82 -34.58
CA ASN A 122 -30.50 -9.93 -34.71
C ASN A 122 -29.06 -9.40 -34.74
N LEU A 123 -28.81 -8.23 -34.18
CA LEU A 123 -27.46 -7.64 -34.18
C LEU A 123 -27.19 -7.05 -32.80
N GLY A 124 -26.21 -7.63 -32.09
CA GLY A 124 -25.68 -7.07 -30.85
C GLY A 124 -24.27 -6.51 -31.05
N VAL A 125 -23.80 -5.76 -30.06
CA VAL A 125 -22.43 -5.20 -30.08
C VAL A 125 -21.75 -5.53 -28.76
N TYR A 126 -20.44 -5.68 -28.84
CA TYR A 126 -19.65 -6.06 -27.65
C TYR A 126 -18.30 -5.36 -27.72
N GLU A 127 -17.74 -5.12 -26.55
CA GLU A 127 -16.39 -4.52 -26.48
C GLU A 127 -15.84 -4.72 -25.09
N SER A 128 -14.56 -4.48 -24.98
CA SER A 128 -13.84 -4.53 -23.71
C SER A 128 -13.69 -3.08 -23.22
N ARG A 129 -13.48 -2.92 -21.93
CA ARG A 129 -13.06 -1.64 -21.32
C ARG A 129 -11.53 -1.70 -21.21
N GLN A 130 -10.85 -1.85 -22.34
CA GLN A 130 -9.37 -1.97 -22.35
C GLN A 130 -8.77 -0.69 -21.77
N TYR A 131 -9.47 0.44 -21.83
CA TYR A 131 -8.97 1.72 -21.28
C TYR A 131 -8.69 1.64 -19.77
N GLU A 132 -9.27 0.67 -19.08
CA GLU A 132 -8.91 0.39 -17.66
C GLU A 132 -7.46 -0.04 -17.58
N GLY A 133 -7.07 -0.98 -18.46
CA GLY A 133 -5.69 -1.42 -18.59
C GLY A 133 -4.78 -0.28 -19.04
N THR A 134 -5.23 0.50 -20.02
CA THR A 134 -4.39 1.59 -20.55
C THR A 134 -4.10 2.63 -19.45
N TYR A 135 -5.06 2.89 -18.59
CA TYR A 135 -4.87 3.83 -17.44
C TYR A 135 -3.69 3.31 -16.59
N LEU A 136 -3.71 2.00 -16.25
CA LEU A 136 -2.62 1.40 -15.44
C LEU A 136 -1.31 1.45 -16.20
N GLN A 137 -1.30 1.25 -17.53
CA GLN A 137 -0.05 1.42 -18.31
C GLN A 137 0.45 2.86 -18.14
N GLY A 138 -0.43 3.85 -18.15
CA GLY A 138 -0.06 5.26 -17.96
C GLY A 138 0.57 5.50 -16.62
N VAL A 139 0.01 4.90 -15.58
CA VAL A 139 0.63 5.00 -14.22
C VAL A 139 2.06 4.52 -14.30
N LEU A 140 2.29 3.34 -14.86
N LEU A 140 2.29 3.34 -14.87
CA LEU A 140 3.66 2.79 -14.97
CA LEU A 140 3.67 2.79 -14.98
C LEU A 140 4.52 3.64 -15.91
C LEU A 140 4.52 3.66 -15.90
N ALA A 141 3.96 4.16 -17.01
CA ALA A 141 4.74 4.96 -17.95
C ALA A 141 5.30 6.20 -17.21
N ALA A 142 4.51 6.83 -16.37
CA ALA A 142 4.95 8.02 -15.61
C ALA A 142 6.12 7.65 -14.69
N LYS A 143 6.11 6.47 -14.11
CA LYS A 143 7.17 6.00 -13.21
C LYS A 143 8.44 5.67 -13.99
N MET A 144 8.33 5.25 -15.24
CA MET A 144 9.50 4.71 -15.99
C MET A 144 10.07 5.75 -16.96
N THR A 145 9.32 6.80 -17.33
CA THR A 145 9.80 7.79 -18.32
C THR A 145 10.99 8.59 -17.75
N LYS A 146 11.95 8.90 -18.60
CA LYS A 146 13.07 9.83 -18.28
C LYS A 146 12.84 11.16 -18.99
N THR A 147 12.12 11.21 -20.10
CA THR A 147 11.87 12.46 -20.85
C THR A 147 10.63 13.19 -20.35
N GLY A 148 9.73 12.53 -19.61
CA GLY A 148 8.41 13.07 -19.30
C GLY A 148 7.46 13.12 -20.47
N VAL A 149 7.82 12.42 -21.56
CA VAL A 149 7.00 12.37 -22.79
C VAL A 149 6.73 10.89 -23.08
N ILE A 150 5.45 10.56 -23.10
CA ILE A 150 4.99 9.20 -23.44
C ILE A 150 4.32 9.27 -24.81
N GLY A 151 4.30 8.12 -25.49
CA GLY A 151 3.90 8.08 -26.88
C GLY A 151 2.82 7.07 -27.17
N PHE A 152 2.05 7.38 -28.17
CA PHE A 152 0.89 6.55 -28.54
C PHE A 152 0.82 6.40 -30.05
N VAL A 153 0.87 5.14 -30.54
CA VAL A 153 0.67 4.81 -31.98
C VAL A 153 -0.81 4.58 -32.22
N GLY A 154 -1.47 5.51 -32.87
CA GLY A 154 -2.91 5.40 -33.17
C GLY A 154 -3.21 4.88 -34.57
N SER A 155 -4.36 4.26 -34.71
CA SER A 155 -4.94 3.73 -35.96
C SER A 155 -5.80 4.80 -36.61
N PHE A 156 -7.01 4.99 -36.11
CA PHE A 156 -8.04 5.96 -36.55
C PHE A 156 -8.65 6.60 -35.30
N PRO A 157 -9.05 7.88 -35.39
CA PRO A 157 -9.61 8.61 -34.25
C PRO A 157 -11.07 8.26 -33.97
N VAL A 158 -11.31 7.01 -33.64
CA VAL A 158 -12.63 6.50 -33.25
C VAL A 158 -12.66 6.41 -31.73
N PRO A 159 -13.85 6.31 -31.12
CA PRO A 159 -13.95 6.38 -29.68
C PRO A 159 -13.08 5.38 -28.88
N GLU A 160 -12.94 4.17 -29.37
CA GLU A 160 -12.09 3.17 -28.69
C GLU A 160 -10.68 3.77 -28.50
N VAL A 161 -10.16 4.36 -29.57
CA VAL A 161 -8.76 4.81 -29.58
C VAL A 161 -8.61 6.10 -28.77
N ILE A 162 -9.56 7.01 -28.89
CA ILE A 162 -9.49 8.26 -28.12
C ILE A 162 -9.63 7.95 -26.62
N ARG A 163 -10.49 7.01 -26.24
CA ARG A 163 -10.55 6.60 -24.81
C ARG A 163 -9.20 6.09 -24.35
N ASN A 164 -8.52 5.24 -25.17
CA ASN A 164 -7.20 4.72 -24.78
C ASN A 164 -6.16 5.84 -24.66
N ILE A 165 -6.14 6.80 -25.61
CA ILE A 165 -5.18 7.93 -25.55
C ILE A 165 -5.40 8.71 -24.24
N ASN A 166 -6.66 9.02 -23.95
CA ASN A 166 -6.98 9.84 -22.75
C ASN A 166 -6.68 9.05 -21.49
N ALA A 167 -6.98 7.77 -21.46
CA ALA A 167 -6.75 6.97 -20.24
C ALA A 167 -5.27 6.84 -19.97
N TYR A 168 -4.44 6.60 -21.02
CA TYR A 168 -2.99 6.51 -20.89
C TYR A 168 -2.48 7.82 -20.24
N THR A 169 -2.96 8.92 -20.74
CA THR A 169 -2.54 10.29 -20.32
C THR A 169 -2.98 10.55 -18.87
N LEU A 170 -4.23 10.24 -18.54
CA LEU A 170 -4.76 10.45 -17.17
C LEU A 170 -4.03 9.55 -16.18
N GLY A 171 -3.79 8.29 -16.55
CA GLY A 171 -3.04 7.41 -15.66
C GLY A 171 -1.66 7.95 -15.39
N ALA A 172 -0.95 8.46 -16.40
CA ALA A 172 0.38 9.05 -16.24
C ALA A 172 0.25 10.30 -15.34
N GLN A 173 -0.76 11.13 -15.60
CA GLN A 173 -0.89 12.45 -14.90
C GLN A 173 -1.24 12.21 -13.43
N SER A 174 -1.81 11.07 -13.06
CA SER A 174 -2.09 10.71 -11.64
C SER A 174 -0.77 10.58 -10.87
N VAL A 175 0.34 10.32 -11.53
CA VAL A 175 1.70 10.22 -10.95
C VAL A 175 2.43 11.55 -11.13
N ASN A 176 2.45 12.08 -12.35
CA ASN A 176 3.21 13.30 -12.76
C ASN A 176 2.27 14.14 -13.59
N PRO A 177 1.64 15.19 -13.02
CA PRO A 177 0.73 16.03 -13.78
C PRO A 177 1.36 16.77 -14.97
N LYS A 178 2.68 16.81 -15.07
CA LYS A 178 3.37 17.55 -16.15
C LYS A 178 3.58 16.62 -17.36
N ILE A 179 3.14 15.36 -17.28
CA ILE A 179 3.43 14.42 -18.41
C ILE A 179 2.76 14.94 -19.67
N LYS A 180 3.43 14.73 -20.80
CA LYS A 180 2.87 15.03 -22.13
C LYS A 180 2.74 13.70 -22.91
N THR A 181 1.70 13.54 -23.64
CA THR A 181 1.45 12.38 -24.54
C THR A 181 1.55 12.84 -26.00
N LYS A 182 2.49 12.30 -26.75
CA LYS A 182 2.57 12.56 -28.19
C LYS A 182 1.92 11.39 -28.93
N VAL A 183 1.09 11.72 -29.88
CA VAL A 183 0.28 10.76 -30.68
C VAL A 183 0.74 10.86 -32.12
N ILE A 184 0.87 9.71 -32.76
CA ILE A 184 1.10 9.60 -34.22
C ILE A 184 0.05 8.66 -34.80
N TRP A 185 -0.46 8.95 -35.97
CA TRP A 185 -1.56 8.19 -36.59
C TRP A 185 -1.02 7.45 -37.83
N VAL A 186 -1.37 6.19 -37.98
CA VAL A 186 -0.93 5.41 -39.17
C VAL A 186 -2.11 5.04 -40.08
N SER A 187 -3.37 5.32 -39.71
CA SER A 187 -4.54 5.14 -40.60
C SER A 187 -4.66 3.68 -41.05
N THR A 188 -4.38 2.78 -40.13
CA THR A 188 -4.54 1.33 -40.31
C THR A 188 -4.57 0.76 -38.91
N TRP A 189 -5.23 -0.39 -38.73
CA TRP A 189 -5.10 -1.11 -37.46
C TRP A 189 -3.88 -2.02 -37.42
N TYR A 190 -3.37 -2.40 -38.61
CA TYR A 190 -2.32 -3.45 -38.64
C TYR A 190 -1.44 -3.24 -39.89
N ASP A 191 -0.19 -2.88 -39.67
CA ASP A 191 0.82 -2.79 -40.76
C ASP A 191 2.16 -2.72 -40.07
N PRO A 192 2.85 -3.84 -39.87
CA PRO A 192 4.06 -3.81 -39.06
C PRO A 192 5.09 -2.80 -39.54
N ALA A 193 5.20 -2.60 -40.85
CA ALA A 193 6.19 -1.63 -41.39
C ALA A 193 5.81 -0.20 -40.97
N LYS A 194 4.54 0.15 -41.14
CA LYS A 194 4.06 1.51 -40.79
C LYS A 194 4.13 1.71 -39.26
N GLU A 195 3.81 0.70 -38.48
CA GLU A 195 3.85 0.77 -37.01
C GLU A 195 5.31 0.99 -36.59
N ARG A 196 6.24 0.28 -37.20
N ARG A 196 6.24 0.28 -37.20
CA ARG A 196 7.69 0.44 -36.87
CA ARG A 196 7.69 0.43 -36.87
C ARG A 196 8.12 1.89 -37.15
C ARG A 196 8.12 1.88 -37.15
N GLN A 197 7.81 2.43 -38.32
N GLN A 197 7.80 2.41 -38.32
CA GLN A 197 8.15 3.81 -38.72
CA GLN A 197 8.19 3.79 -38.64
C GLN A 197 7.55 4.79 -37.68
C GLN A 197 7.55 4.78 -37.66
N ALA A 198 6.31 4.55 -37.28
CA ALA A 198 5.61 5.46 -36.32
C ALA A 198 6.32 5.44 -34.99
N ALA A 199 6.72 4.26 -34.49
CA ALA A 199 7.41 4.13 -33.21
C ALA A 199 8.77 4.85 -33.30
N GLU A 200 9.48 4.71 -34.44
CA GLU A 200 10.77 5.40 -34.63
C GLU A 200 10.54 6.91 -34.54
N THR A 201 9.49 7.43 -35.15
CA THR A 201 9.20 8.88 -35.17
C THR A 201 8.87 9.34 -33.75
N LEU A 202 8.06 8.58 -33.01
CA LEU A 202 7.78 8.99 -31.61
C LEU A 202 9.06 9.08 -30.80
N ILE A 203 9.96 8.11 -30.93
CA ILE A 203 11.20 8.08 -30.11
C ILE A 203 12.08 9.24 -30.58
N ALA A 204 12.14 9.50 -31.87
CA ALA A 204 12.94 10.65 -32.39
C ALA A 204 12.43 11.97 -31.80
N GLN A 205 11.11 12.07 -31.53
CA GLN A 205 10.47 13.29 -31.01
C GLN A 205 10.35 13.24 -29.48
N GLY A 206 11.06 12.34 -28.83
CA GLY A 206 11.33 12.41 -27.38
C GLY A 206 10.43 11.54 -26.53
N ALA A 207 9.52 10.74 -27.12
CA ALA A 207 8.72 9.80 -26.31
C ALA A 207 9.57 8.62 -25.89
N ASP A 208 9.53 8.17 -24.64
CA ASP A 208 10.38 7.04 -24.26
C ASP A 208 9.64 5.86 -23.62
N VAL A 209 8.31 5.97 -23.54
CA VAL A 209 7.44 4.85 -23.10
C VAL A 209 6.25 4.85 -24.04
N LEU A 210 6.10 3.80 -24.83
CA LEU A 210 5.14 3.80 -25.94
C LEU A 210 4.01 2.78 -25.69
N THR A 211 2.81 3.15 -26.09
CA THR A 211 1.69 2.18 -26.24
C THR A 211 1.02 2.42 -27.59
N GLN A 212 0.01 1.63 -27.89
CA GLN A 212 -0.56 1.66 -29.26
C GLN A 212 -2.02 1.20 -29.24
N ASN A 213 -2.73 1.47 -30.33
CA ASN A 213 -4.03 0.83 -30.60
C ASN A 213 -3.97 0.09 -31.95
N THR A 214 -2.79 -0.03 -32.54
CA THR A 214 -2.53 -0.95 -33.68
C THR A 214 -2.28 -2.34 -33.12
N ASN A 215 -2.01 -3.31 -34.00
CA ASN A 215 -2.20 -4.71 -33.61
C ASN A 215 -0.92 -5.55 -33.61
N SER A 216 0.24 -4.99 -33.90
CA SER A 216 1.50 -5.80 -34.06
C SER A 216 2.45 -5.52 -32.90
N PRO A 217 3.47 -6.37 -32.73
CA PRO A 217 4.57 -6.10 -31.81
C PRO A 217 5.67 -5.17 -32.36
N ALA A 218 5.44 -4.47 -33.47
CA ALA A 218 6.46 -3.64 -34.12
C ALA A 218 6.95 -2.55 -33.16
N THR A 219 6.05 -1.88 -32.45
CA THR A 219 6.44 -0.76 -31.55
C THR A 219 7.36 -1.30 -30.44
N LEU A 220 7.05 -2.46 -29.90
CA LEU A 220 7.90 -3.09 -28.86
C LEU A 220 9.29 -3.38 -29.43
N GLN A 221 9.35 -3.92 -30.64
CA GLN A 221 10.65 -4.28 -31.25
C GLN A 221 11.48 -3.02 -31.43
N VAL A 222 10.88 -1.92 -31.87
CA VAL A 222 11.61 -0.64 -32.03
C VAL A 222 12.05 -0.17 -30.64
N ALA A 223 11.19 -0.24 -29.65
CA ALA A 223 11.54 0.22 -28.28
C ALA A 223 12.78 -0.54 -27.81
N GLN A 224 12.79 -1.85 -28.02
CA GLN A 224 13.96 -2.66 -27.55
C GLN A 224 15.22 -2.23 -28.30
N GLU A 225 15.15 -2.04 -29.61
CA GLU A 225 16.32 -1.63 -30.44
C GLU A 225 16.87 -0.29 -29.92
N LYS A 226 16.01 0.63 -29.50
CA LYS A 226 16.39 2.01 -29.11
C LYS A 226 16.62 2.14 -27.61
N GLY A 227 16.43 1.09 -26.81
CA GLY A 227 16.61 1.13 -25.36
C GLY A 227 15.51 1.88 -24.65
N LYS A 228 14.27 1.80 -25.16
CA LYS A 228 13.09 2.47 -24.62
C LYS A 228 12.11 1.39 -24.13
N TYR A 229 10.97 1.82 -23.62
CA TYR A 229 9.98 0.88 -23.09
C TYR A 229 8.69 0.95 -23.90
N ALA A 230 7.94 -0.15 -23.87
CA ALA A 230 6.60 -0.17 -24.47
C ALA A 230 5.75 -1.24 -23.79
N PHE A 231 4.49 -1.34 -24.21
CA PHE A 231 3.50 -2.25 -23.65
C PHE A 231 3.01 -3.20 -24.75
N GLY A 232 2.77 -4.45 -24.36
CA GLY A 232 2.00 -5.36 -25.23
C GLY A 232 0.55 -4.93 -25.32
N CYS A 233 -0.09 -5.27 -26.43
CA CYS A 233 -1.47 -4.82 -26.74
C CYS A 233 -2.26 -6.09 -27.06
N ASP A 234 -3.28 -6.41 -26.25
CA ASP A 234 -4.25 -7.52 -26.44
C ASP A 234 -3.64 -8.87 -26.05
N ALA A 235 -2.33 -9.02 -26.06
CA ALA A 235 -1.65 -10.26 -25.67
C ALA A 235 -0.32 -9.91 -25.02
N ASP A 236 0.20 -10.83 -24.23
CA ASP A 236 1.59 -10.70 -23.71
C ASP A 236 2.54 -10.77 -24.90
N MET A 237 3.30 -9.73 -25.17
CA MET A 237 4.22 -9.66 -26.33
C MET A 237 5.67 -9.70 -25.83
N SER A 238 5.90 -10.17 -24.61
CA SER A 238 7.26 -10.07 -23.98
C SER A 238 8.30 -10.85 -24.80
N LYS A 239 7.90 -11.93 -25.46
N LYS A 239 7.91 -11.93 -25.46
CA LYS A 239 8.86 -12.77 -26.23
CA LYS A 239 8.92 -12.74 -26.20
C LYS A 239 9.46 -11.95 -27.38
C LYS A 239 9.47 -11.95 -27.39
N PHE A 240 8.77 -10.91 -27.89
CA PHE A 240 9.24 -10.09 -29.00
C PHE A 240 10.25 -9.05 -28.53
N ALA A 241 10.27 -8.73 -27.24
CA ALA A 241 11.03 -7.58 -26.72
C ALA A 241 11.10 -7.67 -25.21
N PRO A 242 11.86 -8.64 -24.68
CA PRO A 242 11.88 -8.88 -23.24
C PRO A 242 12.41 -7.71 -22.40
N LYS A 243 13.30 -6.91 -22.95
CA LYS A 243 13.85 -5.75 -22.19
C LYS A 243 12.87 -4.57 -22.20
N ALA A 244 12.12 -4.38 -23.30
CA ALA A 244 11.25 -3.20 -23.47
C ALA A 244 9.86 -3.44 -22.87
N HIS A 245 9.40 -4.70 -22.81
CA HIS A 245 7.98 -4.99 -22.47
C HIS A 245 7.70 -4.76 -20.99
N LEU A 246 7.06 -3.68 -20.60
CA LEU A 246 6.82 -3.39 -19.17
C LEU A 246 5.71 -4.28 -18.62
N THR A 247 4.66 -4.49 -19.42
CA THR A 247 3.47 -5.31 -19.14
C THR A 247 2.62 -5.22 -20.41
N ALA A 248 1.39 -5.72 -20.34
CA ALA A 248 0.47 -5.77 -21.50
C ALA A 248 -0.94 -5.77 -20.97
N SER A 249 -1.86 -5.20 -21.71
CA SER A 249 -3.30 -5.25 -21.44
C SER A 249 -3.85 -6.43 -22.28
N ILE A 250 -4.11 -7.55 -21.62
CA ILE A 250 -4.44 -8.83 -22.29
C ILE A 250 -5.97 -8.84 -22.47
N SER A 251 -6.43 -9.25 -23.66
CA SER A 251 -7.86 -9.33 -24.00
C SER A 251 -8.24 -10.79 -23.94
N ASN A 252 -9.17 -11.14 -23.06
CA ASN A 252 -9.70 -12.50 -22.90
C ASN A 252 -11.15 -12.51 -23.42
N TRP A 253 -11.37 -13.00 -24.64
CA TRP A 253 -12.71 -12.98 -25.29
C TRP A 253 -13.45 -14.30 -25.09
N GLY A 254 -12.77 -15.33 -24.58
CA GLY A 254 -13.29 -16.71 -24.61
C GLY A 254 -14.54 -16.89 -23.79
N ASP A 255 -14.62 -16.27 -22.62
CA ASP A 255 -15.83 -16.41 -21.77
C ASP A 255 -17.02 -15.73 -22.48
N PHE A 256 -16.82 -14.56 -23.08
CA PHE A 256 -17.88 -13.86 -23.80
C PHE A 256 -18.35 -14.71 -25.00
N TYR A 257 -17.42 -15.23 -25.78
CA TYR A 257 -17.78 -16.04 -26.98
C TYR A 257 -18.54 -17.30 -26.55
N THR A 258 -18.10 -17.94 -25.47
CA THR A 258 -18.76 -19.12 -24.91
C THR A 258 -20.18 -18.77 -24.48
N LYS A 259 -20.36 -17.73 -23.68
CA LYS A 259 -21.68 -17.26 -23.15
C LYS A 259 -22.60 -16.99 -24.33
N THR A 260 -22.11 -16.30 -25.37
CA THR A 260 -22.95 -15.91 -26.51
C THR A 260 -23.41 -17.17 -27.28
N ALA A 261 -22.49 -18.08 -27.59
CA ALA A 261 -22.79 -19.33 -28.31
C ALA A 261 -23.79 -20.14 -27.48
N GLN A 262 -23.59 -20.22 -26.17
CA GLN A 262 -24.52 -20.96 -25.25
C GLN A 262 -25.91 -20.35 -25.36
N ALA A 263 -26.02 -19.02 -25.37
CA ALA A 263 -27.30 -18.29 -25.42
C ALA A 263 -28.00 -18.62 -26.72
N VAL A 264 -27.27 -18.64 -27.85
CA VAL A 264 -27.91 -18.95 -29.14
C VAL A 264 -28.42 -20.39 -29.11
N MET A 265 -27.64 -21.34 -28.62
CA MET A 265 -28.04 -22.77 -28.57
C MET A 265 -29.27 -22.93 -27.67
N ALA A 266 -29.37 -22.18 -26.57
CA ALA A 266 -30.39 -22.39 -25.51
C ALA A 266 -31.64 -21.58 -25.85
N GLY A 267 -31.59 -20.73 -26.85
CA GLY A 267 -32.71 -19.85 -27.19
C GLY A 267 -32.88 -18.66 -26.26
N THR A 268 -31.82 -18.19 -25.57
CA THR A 268 -31.89 -17.05 -24.62
C THR A 268 -31.25 -15.78 -25.19
N TRP A 269 -30.68 -15.84 -26.39
CA TRP A 269 -29.93 -14.68 -26.93
C TRP A 269 -30.88 -13.51 -27.17
N LYS A 270 -30.42 -12.32 -26.86
CA LYS A 270 -31.13 -11.09 -27.26
C LYS A 270 -30.10 -10.03 -27.62
N SER A 271 -30.52 -9.09 -28.45
CA SER A 271 -29.67 -7.96 -28.88
C SER A 271 -29.37 -7.06 -27.68
N GLU A 272 -28.12 -6.81 -27.40
CA GLU A 272 -27.74 -5.84 -26.36
C GLU A 272 -26.35 -5.28 -26.64
N GLU A 273 -25.99 -4.23 -25.92
CA GLU A 273 -24.62 -3.69 -25.91
C GLU A 273 -23.96 -4.25 -24.67
N VAL A 274 -22.88 -4.97 -24.86
CA VAL A 274 -22.11 -5.63 -23.78
C VAL A 274 -20.74 -4.95 -23.69
N HIS A 275 -20.32 -4.56 -22.49
CA HIS A 275 -18.95 -4.06 -22.28
C HIS A 275 -18.46 -4.73 -21.00
N TRP A 276 -17.34 -5.42 -21.10
CA TRP A 276 -16.73 -6.11 -19.96
C TRP A 276 -15.33 -5.51 -19.75
N GLY A 277 -14.88 -5.46 -18.50
CA GLY A 277 -13.56 -4.94 -18.17
C GLY A 277 -12.81 -5.86 -17.22
N MET A 278 -12.03 -5.27 -16.32
CA MET A 278 -11.16 -6.04 -15.42
C MET A 278 -12.01 -6.84 -14.42
N ALA A 279 -13.12 -6.28 -13.97
CA ALA A 279 -14.01 -6.98 -12.99
C ALA A 279 -14.57 -8.27 -13.61
N GLU A 280 -14.86 -8.30 -14.91
CA GLU A 280 -15.48 -9.47 -15.57
C GLU A 280 -14.41 -10.41 -16.12
N GLY A 281 -13.12 -10.05 -16.04
CA GLY A 281 -12.01 -10.88 -16.53
C GLY A 281 -11.74 -10.76 -18.01
N MET A 282 -12.37 -9.80 -18.72
CA MET A 282 -12.09 -9.61 -20.16
C MET A 282 -10.75 -8.89 -20.33
N VAL A 283 -10.37 -8.07 -19.34
CA VAL A 283 -9.10 -7.31 -19.38
C VAL A 283 -8.25 -7.77 -18.22
N LYS A 284 -7.04 -8.23 -18.51
CA LYS A 284 -6.07 -8.65 -17.47
C LYS A 284 -4.72 -8.00 -17.78
N MET A 285 -3.87 -7.83 -16.78
CA MET A 285 -2.51 -7.29 -17.04
C MET A 285 -1.50 -8.44 -17.02
N ALA A 286 -0.52 -8.41 -17.89
CA ALA A 286 0.66 -9.29 -17.84
C ALA A 286 1.49 -8.93 -16.62
N PRO A 287 2.32 -9.88 -16.17
CA PRO A 287 3.29 -9.59 -15.11
C PRO A 287 4.20 -8.41 -15.48
N LEU A 288 4.71 -7.73 -14.45
CA LEU A 288 5.62 -6.59 -14.61
C LEU A 288 7.03 -7.05 -14.98
N ASN A 289 7.66 -6.32 -15.87
CA ASN A 289 9.07 -6.45 -16.22
C ASN A 289 9.94 -6.32 -14.95
N ALA A 290 11.02 -7.07 -14.91
CA ALA A 290 11.96 -7.03 -13.74
C ALA A 290 12.58 -5.64 -13.55
N ALA A 291 12.63 -4.80 -14.58
CA ALA A 291 13.21 -3.45 -14.50
C ALA A 291 12.32 -2.49 -13.70
N VAL A 292 11.06 -2.82 -13.42
CA VAL A 292 10.18 -1.89 -12.67
C VAL A 292 10.64 -1.88 -11.22
N PRO A 293 11.05 -0.72 -10.67
CA PRO A 293 11.51 -0.68 -9.28
C PRO A 293 10.40 -0.89 -8.28
N PRO A 294 10.73 -1.26 -7.02
CA PRO A 294 9.69 -1.63 -6.07
C PRO A 294 8.64 -0.56 -5.79
N ASP A 295 9.00 0.73 -5.73
CA ASP A 295 8.02 1.83 -5.48
C ASP A 295 6.98 1.84 -6.60
N ALA A 296 7.44 1.69 -7.85
CA ALA A 296 6.54 1.72 -9.03
C ALA A 296 5.67 0.46 -9.01
N ALA A 297 6.26 -0.71 -8.75
CA ALA A 297 5.48 -1.99 -8.71
C ALA A 297 4.38 -1.92 -7.65
N LYS A 298 4.71 -1.35 -6.49
CA LYS A 298 3.73 -1.26 -5.38
C LYS A 298 2.55 -0.39 -5.77
N LEU A 299 2.83 0.78 -6.36
CA LEU A 299 1.77 1.71 -6.80
C LEU A 299 0.92 0.99 -7.86
N PHE A 300 1.58 0.36 -8.83
CA PHE A 300 0.85 -0.34 -9.92
C PHE A 300 -0.12 -1.35 -9.31
N GLU A 301 0.35 -2.16 -8.36
CA GLU A 301 -0.55 -3.21 -7.79
C GLU A 301 -1.71 -2.58 -7.02
N GLU A 302 -1.47 -1.48 -6.28
CA GLU A 302 -2.56 -0.77 -5.56
C GLU A 302 -3.60 -0.25 -6.55
N LYS A 303 -3.15 0.40 -7.64
CA LYS A 303 -4.09 0.99 -8.63
C LYS A 303 -4.84 -0.12 -9.38
N LYS A 304 -4.17 -1.24 -9.65
CA LYS A 304 -4.83 -2.40 -10.31
C LYS A 304 -5.95 -2.91 -9.42
N ALA A 305 -5.69 -3.09 -8.13
CA ALA A 305 -6.75 -3.54 -7.18
C ALA A 305 -7.92 -2.56 -7.15
N ALA A 306 -7.63 -1.26 -7.13
CA ALA A 306 -8.66 -0.21 -7.11
C ALA A 306 -9.44 -0.23 -8.44
N MET A 307 -8.78 -0.54 -9.55
CA MET A 307 -9.47 -0.55 -10.88
C MET A 307 -10.44 -1.73 -10.93
N VAL A 308 -9.98 -2.90 -10.46
CA VAL A 308 -10.82 -4.13 -10.47
C VAL A 308 -12.04 -3.91 -9.56
N SER A 309 -11.87 -3.29 -8.39
CA SER A 309 -12.94 -3.13 -7.37
C SER A 309 -13.90 -2.00 -7.74
N GLY A 310 -13.53 -1.10 -8.66
CA GLY A 310 -14.31 0.08 -9.03
C GLY A 310 -14.11 1.23 -8.07
N LYS A 311 -13.10 1.17 -7.18
CA LYS A 311 -12.76 2.28 -6.27
C LYS A 311 -12.21 3.47 -7.08
N ILE A 312 -11.52 3.22 -8.20
CA ILE A 312 -11.15 4.30 -9.16
C ILE A 312 -11.71 3.94 -10.54
N LYS A 313 -12.01 4.95 -11.33
CA LYS A 313 -12.50 4.78 -12.72
C LYS A 313 -11.58 5.65 -13.57
N PRO A 314 -11.18 5.23 -14.78
CA PRO A 314 -10.27 6.07 -15.58
C PRO A 314 -10.81 7.48 -15.84
N PHE A 315 -12.13 7.61 -16.01
CA PHE A 315 -12.72 8.91 -16.41
C PHE A 315 -13.52 9.52 -15.24
N GLN A 316 -13.08 9.26 -14.02
CA GLN A 316 -13.62 9.99 -12.84
C GLN A 316 -13.18 11.45 -12.93
N GLY A 317 -14.05 12.34 -12.49
CA GLY A 317 -13.75 13.78 -12.50
C GLY A 317 -12.72 14.12 -11.43
N PRO A 318 -12.13 15.33 -11.49
CA PRO A 318 -12.46 16.31 -12.54
C PRO A 318 -11.69 16.08 -13.85
N LEU A 319 -12.33 16.34 -14.99
CA LEU A 319 -11.66 16.26 -16.30
C LEU A 319 -11.93 17.57 -17.02
N LYS A 320 -10.92 18.06 -17.70
CA LYS A 320 -11.07 19.16 -18.67
C LYS A 320 -10.55 18.69 -20.03
N ASP A 321 -11.10 19.26 -21.07
CA ASP A 321 -10.57 19.04 -22.44
C ASP A 321 -9.46 20.07 -22.70
N GLN A 322 -8.92 19.99 -23.88
CA GLN A 322 -7.73 20.81 -24.24
C GLN A 322 -8.05 22.28 -24.40
N SER A 323 -9.33 22.66 -24.50
CA SER A 323 -9.74 24.08 -24.51
C SER A 323 -10.02 24.57 -23.08
N GLY A 324 -9.80 23.74 -22.06
CA GLY A 324 -10.05 24.12 -20.66
C GLY A 324 -11.51 23.96 -20.28
N ALA A 325 -12.37 23.38 -21.11
CA ALA A 325 -13.77 23.14 -20.77
C ALA A 325 -13.87 21.98 -19.78
N VAL A 326 -14.68 22.15 -18.74
CA VAL A 326 -14.98 21.05 -17.80
C VAL A 326 -15.86 20.00 -18.48
N LYS A 327 -15.41 18.75 -18.47
CA LYS A 327 -16.19 17.62 -19.02
C LYS A 327 -16.90 16.86 -17.91
N VAL A 328 -16.27 16.79 -16.75
CA VAL A 328 -16.75 16.04 -15.54
C VAL A 328 -16.30 16.83 -14.33
N ALA A 329 -17.20 17.16 -13.41
CA ALA A 329 -16.86 17.76 -12.09
C ALA A 329 -16.23 16.70 -11.18
N ALA A 330 -15.40 17.14 -10.24
CA ALA A 330 -14.89 16.33 -9.12
C ALA A 330 -16.08 15.62 -8.43
N GLY A 331 -15.90 14.35 -8.06
CA GLY A 331 -16.92 13.51 -7.40
C GLY A 331 -17.94 12.91 -8.37
N SER A 332 -17.81 13.16 -9.68
CA SER A 332 -18.68 12.57 -10.71
C SER A 332 -17.83 11.71 -11.64
N ASP A 333 -18.48 10.86 -12.44
CA ASP A 333 -17.82 10.01 -13.46
C ASP A 333 -18.36 10.43 -14.82
N LEU A 334 -17.55 10.29 -15.86
CA LEU A 334 -18.00 10.64 -17.22
C LEU A 334 -19.18 9.74 -17.58
N PRO A 335 -20.31 10.31 -18.04
CA PRO A 335 -21.45 9.52 -18.46
C PRO A 335 -21.18 8.54 -19.62
N LEU A 336 -21.97 7.46 -19.68
CA LEU A 336 -21.84 6.38 -20.69
C LEU A 336 -21.93 6.96 -22.11
N ALA A 337 -22.81 7.94 -22.37
CA ALA A 337 -22.99 8.55 -23.71
C ALA A 337 -21.69 9.26 -24.14
N SER A 338 -21.03 9.95 -23.21
CA SER A 338 -19.78 10.69 -23.50
C SER A 338 -18.65 9.68 -23.72
N LEU A 339 -18.61 8.61 -22.92
CA LEU A 339 -17.60 7.54 -23.14
C LEU A 339 -17.79 6.92 -24.53
N LYS A 340 -19.04 6.62 -24.91
CA LYS A 340 -19.37 5.91 -26.16
C LYS A 340 -19.00 6.76 -27.38
N GLY A 341 -19.06 8.06 -27.29
CA GLY A 341 -18.85 8.93 -28.45
C GLY A 341 -17.56 9.71 -28.35
N MET A 342 -16.69 9.39 -27.40
CA MET A 342 -15.54 10.23 -27.03
C MET A 342 -14.75 10.69 -28.28
N ASN A 343 -14.67 11.99 -28.50
CA ASN A 343 -13.92 12.57 -29.64
C ASN A 343 -13.13 13.80 -29.18
N TRP A 344 -12.83 13.93 -27.90
CA TRP A 344 -12.10 15.03 -27.31
C TRP A 344 -10.88 14.48 -26.58
N TYR A 345 -9.93 15.32 -26.30
CA TYR A 345 -8.67 15.01 -25.64
C TYR A 345 -8.56 15.75 -24.33
N VAL A 346 -7.93 15.10 -23.38
CA VAL A 346 -7.52 15.73 -22.12
C VAL A 346 -6.31 16.63 -22.40
N GLN A 347 -6.13 17.64 -21.54
N GLN A 347 -6.13 17.63 -21.54
CA GLN A 347 -4.95 18.53 -21.57
CA GLN A 347 -4.94 18.50 -21.53
C GLN A 347 -3.68 17.66 -21.50
C GLN A 347 -3.67 17.64 -21.50
N GLY A 348 -2.69 17.96 -22.35
CA GLY A 348 -1.40 17.31 -22.38
C GLY A 348 -1.24 16.34 -23.56
N VAL A 349 -2.28 16.13 -24.31
CA VAL A 349 -2.23 15.30 -25.56
C VAL A 349 -1.82 16.22 -26.71
N GLU A 350 -0.84 15.82 -27.49
CA GLU A 350 -0.48 16.57 -28.71
C GLU A 350 -0.09 15.60 -29.82
N GLY A 351 -0.06 16.10 -31.04
CA GLY A 351 0.44 15.33 -32.19
C GLY A 351 1.95 15.45 -32.35
N THR A 352 2.51 14.56 -33.13
CA THR A 352 3.91 14.60 -33.60
C THR A 352 4.00 15.62 -34.73
N ILE A 353 5.21 16.12 -34.95
CA ILE A 353 5.51 16.92 -36.17
C ILE A 353 5.58 16.00 -37.37
N PRO A 354 4.81 16.29 -38.44
CA PRO A 354 4.73 15.38 -39.58
C PRO A 354 6.07 15.20 -40.34
N LYS A 355 6.39 13.95 -40.72
CA LYS A 355 7.61 13.54 -41.48
C LYS A 355 7.31 13.60 -42.98
N GLN B 22 22.17 -9.54 3.25
CA GLN B 22 22.10 -9.73 4.73
C GLN B 22 20.65 -10.10 5.08
N GLU B 23 20.43 -11.20 5.81
CA GLU B 23 19.14 -11.59 6.46
C GLU B 23 18.59 -10.39 7.24
N PRO B 24 17.27 -10.24 7.43
CA PRO B 24 16.77 -9.18 8.33
C PRO B 24 17.31 -9.33 9.76
N LEU B 25 17.62 -8.20 10.40
CA LEU B 25 17.99 -8.18 11.82
C LEU B 25 16.75 -8.45 12.67
N LYS B 26 16.79 -9.49 13.49
CA LYS B 26 15.69 -9.81 14.43
C LYS B 26 15.89 -8.96 15.70
N VAL B 27 14.89 -8.16 15.99
CA VAL B 27 14.89 -7.18 17.09
C VAL B 27 13.71 -7.46 18.00
N ALA B 28 13.95 -7.56 19.31
CA ALA B 28 12.89 -7.84 20.29
C ALA B 28 12.85 -6.74 21.34
N PHE B 29 11.63 -6.49 21.81
CA PHE B 29 11.31 -5.50 22.86
C PHE B 29 10.61 -6.20 24.01
N VAL B 30 11.08 -5.96 25.21
CA VAL B 30 10.52 -6.56 26.44
C VAL B 30 9.86 -5.43 27.24
N TYR B 31 8.56 -5.53 27.42
CA TYR B 31 7.75 -4.51 28.13
C TYR B 31 7.30 -5.04 29.47
N ALA B 32 7.28 -4.17 30.49
CA ALA B 32 6.83 -4.49 31.86
C ALA B 32 5.31 -4.28 31.96
N GLY B 33 4.72 -3.58 31.02
CA GLY B 33 3.28 -3.29 31.05
C GLY B 33 2.62 -3.60 29.72
N PRO B 34 1.35 -3.21 29.55
CA PRO B 34 0.63 -3.44 28.30
C PRO B 34 0.76 -2.28 27.33
N VAL B 35 0.70 -2.57 26.04
CA VAL B 35 0.67 -1.53 24.99
C VAL B 35 -0.60 -0.68 25.17
N SER B 36 -1.65 -1.27 25.77
CA SER B 36 -2.91 -0.55 26.06
C SER B 36 -2.80 0.33 27.31
N ASP B 37 -1.63 0.55 27.92
CA ASP B 37 -1.50 1.53 29.04
C ASP B 37 -1.78 2.93 28.50
N ALA B 38 -1.61 3.18 27.19
CA ALA B 38 -1.71 4.49 26.51
C ALA B 38 -0.69 5.47 27.10
N GLY B 39 0.39 4.94 27.69
CA GLY B 39 1.47 5.74 28.26
C GLY B 39 2.82 5.12 27.95
N TYR B 40 3.53 4.71 28.98
CA TYR B 40 4.94 4.34 28.91
C TYR B 40 5.18 3.23 27.88
N THR B 41 4.48 2.12 28.03
CA THR B 41 4.70 0.95 27.15
C THR B 41 4.21 1.29 25.74
N TYR B 42 3.03 1.94 25.63
CA TYR B 42 2.53 2.46 24.36
C TYR B 42 3.64 3.23 23.60
N ALA B 43 4.33 4.14 24.31
CA ALA B 43 5.36 5.00 23.71
C ALA B 43 6.57 4.16 23.23
N HIS B 44 7.01 3.20 24.03
CA HIS B 44 8.11 2.31 23.59
C HIS B 44 7.67 1.55 22.34
N ASP B 45 6.43 1.08 22.33
CA ASP B 45 5.90 0.31 21.18
C ASP B 45 5.76 1.19 19.94
N GLN B 46 5.37 2.45 20.09
CA GLN B 46 5.41 3.43 18.96
C GLN B 46 6.84 3.58 18.43
N GLY B 47 7.82 3.52 19.30
CA GLY B 47 9.23 3.57 18.89
C GLY B 47 9.62 2.35 18.05
N ARG B 48 9.18 1.16 18.48
CA ARG B 48 9.36 -0.09 17.69
C ARG B 48 8.76 0.10 16.29
N LEU B 49 7.54 0.59 16.23
CA LEU B 49 6.82 0.78 14.95
C LEU B 49 7.51 1.83 14.10
N ALA B 50 8.08 2.87 14.70
CA ALA B 50 8.85 3.89 13.96
C ALA B 50 10.13 3.26 13.34
N MET B 51 10.81 2.42 14.11
CA MET B 51 11.99 1.69 13.63
C MET B 51 11.60 0.82 12.41
N GLU B 52 10.48 0.13 12.50
CA GLU B 52 9.96 -0.73 11.39
C GLU B 52 9.64 0.15 10.18
N LYS B 53 9.03 1.31 10.37
CA LYS B 53 8.71 2.23 9.23
C LYS B 53 10.00 2.74 8.60
N ASN B 54 11.00 3.09 9.39
CA ASN B 54 12.27 3.64 8.89
C ASN B 54 13.10 2.58 8.15
N LEU B 55 13.16 1.34 8.65
CA LEU B 55 14.14 0.33 8.18
C LEU B 55 13.47 -0.78 7.35
N GLY B 56 12.13 -0.86 7.35
CA GLY B 56 11.33 -1.80 6.53
C GLY B 56 11.84 -3.24 6.62
N ALA B 57 12.14 -3.87 5.49
CA ALA B 57 12.49 -5.30 5.44
C ALA B 57 13.86 -5.62 6.06
N LYS B 58 14.69 -4.62 6.38
N LYS B 58 14.69 -4.62 6.38
CA LYS B 58 16.02 -4.82 7.01
CA LYS B 58 16.02 -4.81 7.00
C LYS B 58 15.85 -5.29 8.47
C LYS B 58 15.85 -5.29 8.47
N VAL B 59 14.67 -5.13 9.08
CA VAL B 59 14.42 -5.52 10.49
C VAL B 59 13.14 -6.33 10.58
N LYS B 60 13.09 -7.23 11.55
CA LYS B 60 11.89 -8.01 11.91
C LYS B 60 11.75 -7.88 13.41
N SER B 61 10.73 -7.15 13.87
CA SER B 61 10.57 -6.88 15.31
C SER B 61 9.54 -7.80 15.93
N SER B 62 9.70 -8.06 17.20
CA SER B 62 8.67 -8.69 18.04
C SER B 62 8.73 -8.09 19.43
N TYR B 63 7.71 -8.37 20.21
CA TYR B 63 7.61 -7.82 21.57
C TYR B 63 6.87 -8.78 22.46
N VAL B 64 7.12 -8.64 23.74
CA VAL B 64 6.41 -9.35 24.81
C VAL B 64 5.94 -8.27 25.79
N GLU B 65 4.63 -8.30 26.11
CA GLU B 65 4.02 -7.33 27.04
C GLU B 65 3.88 -7.94 28.44
N ASN B 66 3.71 -7.07 29.45
CA ASN B 66 3.30 -7.49 30.83
C ASN B 66 4.31 -8.47 31.43
N VAL B 67 5.59 -8.27 31.20
CA VAL B 67 6.65 -9.18 31.72
C VAL B 67 6.98 -8.78 33.14
N PRO B 68 6.80 -9.68 34.13
CA PRO B 68 7.16 -9.35 35.51
C PRO B 68 8.69 -9.30 35.69
N GLU B 69 9.14 -8.78 36.81
CA GLU B 69 10.57 -8.74 37.19
C GLU B 69 11.06 -10.13 37.67
N GLY B 70 12.39 -10.25 37.83
CA GLY B 70 13.09 -11.42 38.41
C GLY B 70 13.08 -12.59 37.45
N ALA B 71 12.65 -13.75 37.92
CA ALA B 71 12.89 -15.06 37.25
C ALA B 71 12.09 -15.09 35.95
N ASP B 72 10.88 -14.52 35.95
CA ASP B 72 10.01 -14.47 34.75
C ASP B 72 10.71 -13.61 33.70
N ALA B 73 11.26 -12.45 34.08
CA ALA B 73 11.91 -11.56 33.10
C ALA B 73 13.12 -12.29 32.50
N GLU B 74 13.94 -12.93 33.33
CA GLU B 74 15.14 -13.66 32.84
C GLU B 74 14.67 -14.72 31.84
N ARG B 75 13.60 -15.48 32.14
CA ARG B 75 13.11 -16.56 31.27
C ARG B 75 12.67 -15.98 29.92
N VAL B 76 11.93 -14.85 29.94
CA VAL B 76 11.43 -14.22 28.70
C VAL B 76 12.64 -13.73 27.88
N ILE B 77 13.54 -13.01 28.50
CA ILE B 77 14.68 -12.39 27.76
C ILE B 77 15.54 -13.54 27.16
N ARG B 78 15.80 -14.58 27.96
CA ARG B 78 16.58 -15.77 27.49
C ARG B 78 15.87 -16.40 26.28
N LYS B 79 14.57 -16.60 26.33
CA LYS B 79 13.81 -17.21 25.25
C LYS B 79 13.94 -16.36 23.98
N LEU B 80 13.84 -15.01 24.08
CA LEU B 80 14.01 -14.18 22.89
C LEU B 80 15.44 -14.29 22.33
N ALA B 81 16.44 -14.43 23.15
CA ALA B 81 17.85 -14.57 22.67
C ALA B 81 17.99 -15.97 22.02
N ALA B 82 17.37 -16.98 22.61
CA ALA B 82 17.45 -18.39 22.13
C ALA B 82 16.70 -18.52 20.81
N ASP B 83 15.68 -17.69 20.56
CA ASP B 83 14.87 -17.75 19.33
C ASP B 83 15.57 -17.00 18.17
N GLY B 84 16.71 -16.37 18.39
CA GLY B 84 17.59 -15.80 17.36
C GLY B 84 17.50 -14.26 17.26
N ASN B 85 16.90 -13.61 18.22
CA ASN B 85 16.95 -12.11 18.23
C ASN B 85 18.40 -11.68 18.44
N LYS B 86 18.87 -10.73 17.65
CA LYS B 86 20.27 -10.23 17.72
C LYS B 86 20.38 -8.88 18.41
N LEU B 87 19.23 -8.23 18.66
CA LEU B 87 19.16 -6.93 19.35
C LEU B 87 17.92 -6.98 20.22
N ILE B 88 18.10 -6.82 21.52
CA ILE B 88 17.01 -6.94 22.50
C ILE B 88 17.02 -5.68 23.36
N PHE B 89 15.87 -4.98 23.37
CA PHE B 89 15.63 -3.81 24.25
C PHE B 89 14.81 -4.25 25.45
N THR B 90 15.31 -4.05 26.64
CA THR B 90 14.57 -4.35 27.88
C THR B 90 14.17 -3.01 28.50
N THR B 91 12.89 -2.72 28.46
CA THR B 91 12.42 -1.31 28.58
C THR B 91 12.01 -0.89 30.00
N SER B 92 12.46 -1.58 31.04
CA SER B 92 12.07 -1.26 32.43
C SER B 92 13.30 -1.33 33.32
N PHE B 93 13.39 -0.43 34.27
CA PHE B 93 14.44 -0.46 35.33
C PHE B 93 14.53 -1.85 35.98
N GLY B 94 13.40 -2.47 36.19
CA GLY B 94 13.28 -3.76 36.91
C GLY B 94 13.88 -4.92 36.14
N PHE B 95 14.22 -4.72 34.87
CA PHE B 95 14.86 -5.79 34.05
C PHE B 95 16.37 -5.72 34.12
N MET B 96 16.95 -4.82 34.91
CA MET B 96 18.39 -4.57 34.91
C MET B 96 19.20 -5.87 35.18
N ASN B 97 18.97 -6.52 36.30
CA ASN B 97 19.83 -7.69 36.68
C ASN B 97 19.56 -8.90 35.79
N PRO B 98 18.30 -9.25 35.46
CA PRO B 98 18.02 -10.28 34.46
C PRO B 98 18.74 -10.03 33.13
N THR B 99 18.71 -8.78 32.65
CA THR B 99 19.35 -8.46 31.36
C THR B 99 20.86 -8.71 31.49
N GLU B 100 21.49 -8.27 32.57
CA GLU B 100 22.96 -8.43 32.76
C GLU B 100 23.29 -9.93 32.75
N ARG B 101 22.46 -10.75 33.37
CA ARG B 101 22.71 -12.23 33.43
C ARG B 101 22.54 -12.87 32.06
N VAL B 102 21.50 -12.50 31.31
CA VAL B 102 21.30 -13.10 29.98
C VAL B 102 22.40 -12.60 29.03
N ALA B 103 22.81 -11.33 29.10
CA ALA B 103 23.84 -10.77 28.20
C ALA B 103 25.13 -11.61 28.33
N LYS B 104 25.47 -12.04 29.53
CA LYS B 104 26.72 -12.84 29.72
C LYS B 104 26.61 -14.18 28.98
N ALA B 105 25.44 -14.75 28.88
CA ALA B 105 25.19 -16.08 28.25
C ALA B 105 25.07 -15.96 26.73
N PHE B 106 24.86 -14.74 26.21
CA PHE B 106 24.59 -14.54 24.77
C PHE B 106 25.52 -13.47 24.24
N PRO B 107 26.83 -13.75 24.10
CA PRO B 107 27.79 -12.73 23.72
C PRO B 107 27.64 -12.23 22.28
N ASN B 108 26.87 -12.91 21.45
CA ASN B 108 26.65 -12.51 20.04
C ASN B 108 25.36 -11.69 19.90
N VAL B 109 24.70 -11.41 21.01
CA VAL B 109 23.42 -10.62 20.99
C VAL B 109 23.75 -9.27 21.64
N VAL B 110 23.17 -8.19 21.09
CA VAL B 110 23.30 -6.84 21.67
C VAL B 110 22.08 -6.59 22.55
N PHE B 111 22.33 -6.19 23.79
CA PHE B 111 21.28 -5.85 24.78
C PHE B 111 21.35 -4.35 25.07
N GLU B 112 20.18 -3.72 25.11
CA GLU B 112 20.03 -2.28 25.48
C GLU B 112 19.00 -2.26 26.60
N HIS B 113 19.40 -1.74 27.74
CA HIS B 113 18.56 -1.68 28.93
C HIS B 113 18.17 -0.26 29.24
N ALA B 114 16.87 -0.03 29.38
CA ALA B 114 16.33 1.33 29.67
C ALA B 114 16.53 1.66 31.15
N THR B 115 17.23 2.76 31.39
CA THR B 115 17.38 3.48 32.68
C THR B 115 18.32 2.78 33.64
N GLY B 116 19.04 1.75 33.21
CA GLY B 116 19.96 1.02 34.09
C GLY B 116 21.31 1.69 34.23
N VAL B 117 22.16 1.08 35.06
CA VAL B 117 23.54 1.56 35.31
C VAL B 117 24.55 0.44 35.05
N LYS B 118 24.12 -0.73 34.60
CA LYS B 118 25.05 -1.86 34.35
C LYS B 118 25.35 -1.97 32.85
N LEU B 119 26.64 -2.06 32.51
CA LEU B 119 27.12 -2.19 31.12
C LEU B 119 28.06 -3.39 31.02
N ALA B 120 28.25 -3.85 29.81
CA ALA B 120 29.17 -4.94 29.42
C ALA B 120 29.51 -4.78 27.96
N LYS B 121 30.39 -5.62 27.41
CA LYS B 121 30.79 -5.52 26.00
C LYS B 121 29.55 -5.57 25.09
N ASN B 122 28.52 -6.33 25.47
CA ASN B 122 27.30 -6.47 24.64
C ASN B 122 26.07 -5.91 25.36
N LEU B 123 26.27 -4.97 26.28
CA LEU B 123 25.15 -4.41 27.08
C LEU B 123 25.34 -2.90 27.20
N GLY B 124 24.44 -2.14 26.59
CA GLY B 124 24.37 -0.68 26.73
C GLY B 124 23.15 -0.26 27.54
N VAL B 125 23.14 1.01 27.96
CA VAL B 125 21.98 1.55 28.72
C VAL B 125 21.54 2.83 28.05
N TYR B 126 20.24 3.06 28.08
CA TYR B 126 19.69 4.27 27.43
C TYR B 126 18.57 4.83 28.30
N GLU B 127 18.38 6.15 28.19
CA GLU B 127 17.28 6.77 28.91
C GLU B 127 17.00 8.14 28.33
N SER B 128 15.84 8.63 28.72
CA SER B 128 15.43 10.00 28.31
C SER B 128 15.76 10.96 29.44
N ARG B 129 15.89 12.25 29.13
CA ARG B 129 15.97 13.31 30.15
C ARG B 129 14.55 13.88 30.36
N GLN B 130 13.62 13.01 30.75
CA GLN B 130 12.20 13.40 30.85
C GLN B 130 12.02 14.54 31.86
N TYR B 131 12.95 14.68 32.80
CA TYR B 131 12.90 15.75 33.83
C TYR B 131 12.96 17.14 33.20
N GLU B 132 13.47 17.28 31.99
CA GLU B 132 13.36 18.56 31.23
C GLU B 132 11.90 18.91 31.02
N GLY B 133 11.11 17.92 30.56
CA GLY B 133 9.66 18.07 30.41
C GLY B 133 8.98 18.32 31.74
N THR B 134 9.35 17.56 32.75
CA THR B 134 8.69 17.68 34.08
C THR B 134 8.96 19.08 34.69
N TYR B 135 10.11 19.68 34.40
CA TYR B 135 10.41 21.05 34.88
C TYR B 135 9.38 22.00 34.25
N LEU B 136 9.14 21.86 32.93
CA LEU B 136 8.16 22.72 32.23
C LEU B 136 6.75 22.46 32.77
N GLN B 137 6.41 21.21 33.09
CA GLN B 137 5.11 20.93 33.72
C GLN B 137 5.02 21.70 35.06
N GLY B 138 6.11 21.77 35.82
CA GLY B 138 6.13 22.48 37.11
C GLY B 138 5.89 23.97 36.91
N VAL B 139 6.49 24.56 35.91
CA VAL B 139 6.24 25.99 35.57
C VAL B 139 4.74 26.18 35.34
N LEU B 140 4.10 25.34 34.54
CA LEU B 140 2.67 25.48 34.26
C LEU B 140 1.85 25.18 35.52
N ALA B 141 2.26 24.19 36.32
CA ALA B 141 1.53 23.84 37.55
C ALA B 141 1.45 25.09 38.46
N ALA B 142 2.54 25.82 38.60
CA ALA B 142 2.58 27.01 39.49
C ALA B 142 1.64 28.08 38.96
N LYS B 143 1.47 28.21 37.66
CA LYS B 143 0.54 29.18 37.05
C LYS B 143 -0.91 28.76 37.26
N MET B 144 -1.20 27.47 37.35
CA MET B 144 -2.58 26.96 37.32
C MET B 144 -3.07 26.57 38.73
N THR B 145 -2.19 26.37 39.71
CA THR B 145 -2.59 25.90 41.07
C THR B 145 -3.39 27.01 41.78
N LYS B 146 -4.42 26.63 42.53
CA LYS B 146 -5.14 27.55 43.45
C LYS B 146 -4.72 27.29 44.90
N THR B 147 -4.29 26.09 45.23
CA THR B 147 -3.92 25.72 46.61
C THR B 147 -2.46 26.03 46.91
N GLY B 148 -1.60 26.20 45.89
CA GLY B 148 -0.16 26.29 46.08
C GLY B 148 0.50 24.96 46.42
N VAL B 149 -0.25 23.87 46.24
CA VAL B 149 0.25 22.50 46.53
C VAL B 149 0.08 21.66 45.26
N ILE B 150 1.20 21.15 44.76
CA ILE B 150 1.18 20.27 43.58
C ILE B 150 1.53 18.86 44.04
N GLY B 151 1.12 17.87 43.25
CA GLY B 151 1.18 16.47 43.68
C GLY B 151 1.93 15.59 42.70
N PHE B 152 2.54 14.55 43.23
CA PHE B 152 3.33 13.62 42.43
C PHE B 152 3.02 12.17 42.84
N VAL B 153 2.58 11.35 41.89
CA VAL B 153 2.38 9.90 42.08
C VAL B 153 3.66 9.19 41.70
N GLY B 154 4.39 8.69 42.69
CA GLY B 154 5.66 8.00 42.48
C GLY B 154 5.53 6.49 42.47
N SER B 155 6.45 5.87 41.78
CA SER B 155 6.54 4.40 41.64
C SER B 155 7.48 3.86 42.73
N PHE B 156 8.78 4.00 42.50
CA PHE B 156 9.90 3.62 43.41
C PHE B 156 10.91 4.76 43.44
N PRO B 157 11.60 4.99 44.57
CA PRO B 157 12.56 6.08 44.71
C PRO B 157 13.89 5.79 44.02
N VAL B 158 13.86 5.64 42.72
CA VAL B 158 15.06 5.43 41.91
C VAL B 158 15.38 6.78 41.27
N PRO B 159 16.61 6.96 40.75
CA PRO B 159 17.03 8.30 40.32
C PRO B 159 16.12 8.93 39.26
N GLU B 160 15.60 8.13 38.34
CA GLU B 160 14.67 8.67 37.32
C GLU B 160 13.52 9.41 38.03
N VAL B 161 12.97 8.79 39.05
CA VAL B 161 11.74 9.34 39.70
C VAL B 161 12.12 10.53 40.56
N ILE B 162 13.22 10.43 41.30
CA ILE B 162 13.64 11.56 42.16
C ILE B 162 14.00 12.76 41.29
N ARG B 163 14.67 12.56 40.17
CA ARG B 163 14.90 13.68 39.22
C ARG B 163 13.59 14.33 38.83
N ASN B 164 12.57 13.53 38.49
CA ASN B 164 11.26 14.10 38.06
C ASN B 164 10.60 14.87 39.22
N ILE B 165 10.64 14.32 40.42
CA ILE B 165 10.03 15.00 41.61
C ILE B 165 10.70 16.37 41.80
N ASN B 166 12.04 16.36 41.78
CA ASN B 166 12.80 17.62 42.03
C ASN B 166 12.57 18.59 40.89
N ALA B 167 12.57 18.11 39.64
CA ALA B 167 12.38 19.01 38.50
C ALA B 167 11.00 19.66 38.53
N TYR B 168 9.95 18.90 38.84
CA TYR B 168 8.58 19.38 38.96
C TYR B 168 8.54 20.55 39.97
N THR B 169 9.18 20.32 41.10
CA THR B 169 9.24 21.26 42.23
C THR B 169 10.03 22.53 41.85
N LEU B 170 11.19 22.36 41.24
CA LEU B 170 12.05 23.51 40.82
C LEU B 170 11.36 24.29 39.74
N GLY B 171 10.71 23.63 38.78
CA GLY B 171 9.98 24.36 37.75
C GLY B 171 8.86 25.21 38.34
N ALA B 172 8.11 24.65 39.28
CA ALA B 172 7.03 25.39 39.97
C ALA B 172 7.65 26.55 40.78
N GLN B 173 8.72 26.31 41.46
CA GLN B 173 9.33 27.33 42.39
C GLN B 173 9.94 28.47 41.57
N SER B 174 10.28 28.25 40.30
CA SER B 174 10.77 29.34 39.42
C SER B 174 9.69 30.39 39.20
N VAL B 175 8.42 30.04 39.35
CA VAL B 175 7.25 30.94 39.26
C VAL B 175 6.87 31.41 40.66
N ASN B 176 6.70 30.48 41.58
CA ASN B 176 6.17 30.75 42.97
C ASN B 176 7.06 29.98 43.92
N PRO B 177 8.03 30.63 44.58
CA PRO B 177 8.94 29.95 45.48
C PRO B 177 8.27 29.29 46.69
N LYS B 178 7.01 29.60 46.96
CA LYS B 178 6.30 29.06 48.16
C LYS B 178 5.62 27.75 47.82
N ILE B 179 5.71 27.28 46.57
CA ILE B 179 5.00 26.03 46.17
C ILE B 179 5.53 24.89 47.00
N LYS B 180 4.60 23.98 47.38
CA LYS B 180 4.95 22.71 48.04
C LYS B 180 4.56 21.56 47.11
N THR B 181 5.37 20.52 47.11
CA THR B 181 5.12 19.28 46.32
C THR B 181 4.83 18.13 47.30
N LYS B 182 3.65 17.54 47.23
CA LYS B 182 3.33 16.36 48.04
C LYS B 182 3.52 15.11 47.17
N VAL B 183 4.21 14.13 47.72
CA VAL B 183 4.54 12.88 46.98
C VAL B 183 3.85 11.73 47.68
N ILE B 184 3.29 10.82 46.90
CA ILE B 184 2.76 9.53 47.40
C ILE B 184 3.38 8.43 46.56
N TRP B 185 3.68 7.30 47.18
CA TRP B 185 4.39 6.18 46.53
C TRP B 185 3.46 4.99 46.41
N VAL B 186 3.41 4.36 45.26
CA VAL B 186 2.53 3.18 45.05
C VAL B 186 3.33 1.88 44.87
N SER B 187 4.67 1.92 44.77
CA SER B 187 5.53 0.72 44.69
C SER B 187 5.14 -0.19 43.54
N THR B 188 4.84 0.43 42.41
CA THR B 188 4.59 -0.20 41.12
C THR B 188 4.75 0.87 40.06
N TRP B 189 5.12 0.49 38.86
CA TRP B 189 5.10 1.43 37.71
C TRP B 189 3.72 1.52 37.08
N TYR B 190 2.88 0.48 37.27
CA TYR B 190 1.60 0.41 36.52
C TYR B 190 0.60 -0.40 37.30
N ASP B 191 -0.44 0.27 37.77
CA ASP B 191 -1.60 -0.38 38.43
C ASP B 191 -2.69 0.66 38.48
N PRO B 192 -3.59 0.68 37.49
CA PRO B 192 -4.54 1.78 37.47
C PRO B 192 -5.35 1.94 38.75
N ALA B 193 -5.64 0.87 39.47
CA ALA B 193 -6.39 0.99 40.74
C ALA B 193 -5.58 1.70 41.81
N LYS B 194 -4.32 1.34 41.93
CA LYS B 194 -3.43 1.94 42.96
C LYS B 194 -3.16 3.39 42.58
N GLU B 195 -2.96 3.64 41.29
CA GLU B 195 -2.71 5.02 40.82
C GLU B 195 -3.94 5.88 41.11
N ARG B 196 -5.15 5.36 40.86
CA ARG B 196 -6.39 6.11 41.12
C ARG B 196 -6.47 6.48 42.62
N GLN B 197 -6.25 5.51 43.50
CA GLN B 197 -6.32 5.75 44.95
C GLN B 197 -5.28 6.80 45.35
N ALA B 198 -4.09 6.74 44.76
CA ALA B 198 -2.99 7.68 45.12
C ALA B 198 -3.43 9.09 44.72
N ALA B 199 -3.97 9.26 43.53
CA ALA B 199 -4.43 10.59 43.03
C ALA B 199 -5.53 11.11 43.95
N GLU B 200 -6.47 10.24 44.37
CA GLU B 200 -7.56 10.66 45.28
C GLU B 200 -6.94 11.17 46.60
N THR B 201 -5.94 10.49 47.12
CA THR B 201 -5.28 10.84 48.40
C THR B 201 -4.56 12.18 48.24
N LEU B 202 -3.84 12.37 47.13
CA LEU B 202 -3.16 13.67 46.93
C LEU B 202 -4.18 14.81 46.92
N ILE B 203 -5.31 14.66 46.23
CA ILE B 203 -6.32 15.73 46.10
C ILE B 203 -6.96 15.94 47.48
N ALA B 204 -7.20 14.88 48.22
CA ALA B 204 -7.77 15.00 49.59
C ALA B 204 -6.83 15.83 50.48
N GLN B 205 -5.52 15.72 50.26
CA GLN B 205 -4.49 16.43 51.03
C GLN B 205 -4.07 17.75 50.37
N GLY B 206 -4.86 18.26 49.44
CA GLY B 206 -4.79 19.67 48.98
C GLY B 206 -4.01 19.88 47.71
N ALA B 207 -3.49 18.83 47.05
CA ALA B 207 -2.78 19.01 45.77
C ALA B 207 -3.79 19.25 44.66
N ASP B 208 -3.59 20.24 43.77
CA ASP B 208 -4.61 20.48 42.72
C ASP B 208 -4.04 20.46 41.29
N VAL B 209 -2.76 20.18 41.17
CA VAL B 209 -2.13 19.92 39.85
C VAL B 209 -1.21 18.72 40.04
N LEU B 210 -1.51 17.64 39.35
CA LEU B 210 -0.82 16.35 39.62
C LEU B 210 0.02 15.89 38.42
N THR B 211 1.14 15.29 38.71
CA THR B 211 1.91 14.55 37.69
C THR B 211 2.34 13.22 38.31
N GLN B 212 3.05 12.40 37.55
CA GLN B 212 3.29 11.02 37.98
C GLN B 212 4.56 10.47 37.32
N ASN B 213 5.06 9.35 37.86
CA ASN B 213 6.05 8.52 37.16
C ASN B 213 5.51 7.09 37.01
N THR B 214 4.25 6.86 37.32
CA THR B 214 3.55 5.62 36.91
C THR B 214 3.06 5.77 35.47
N ASN B 215 2.37 4.77 34.92
CA ASN B 215 2.26 4.60 33.48
C ASN B 215 0.82 4.69 32.93
N SER B 216 -0.19 4.95 33.75
CA SER B 216 -1.60 4.92 33.30
C SER B 216 -2.19 6.33 33.28
N PRO B 217 -3.33 6.51 32.60
CA PRO B 217 -4.12 7.74 32.71
C PRO B 217 -5.02 7.85 33.96
N ALA B 218 -4.84 7.01 34.97
CA ALA B 218 -5.71 6.98 36.15
C ALA B 218 -5.72 8.32 36.88
N THR B 219 -4.55 8.91 37.08
CA THR B 219 -4.43 10.21 37.80
C THR B 219 -5.19 11.29 37.02
N LEU B 220 -5.06 11.32 35.70
CA LEU B 220 -5.80 12.29 34.89
C LEU B 220 -7.33 12.08 35.04
N GLN B 221 -7.77 10.83 35.01
CA GLN B 221 -9.22 10.55 35.15
C GLN B 221 -9.72 11.02 36.50
N VAL B 222 -8.99 10.80 37.57
CA VAL B 222 -9.36 11.30 38.93
C VAL B 222 -9.37 12.83 38.89
N ALA B 223 -8.36 13.45 38.28
CA ALA B 223 -8.27 14.91 38.29
C ALA B 223 -9.53 15.46 37.59
N GLN B 224 -9.94 14.87 36.48
CA GLN B 224 -11.13 15.38 35.76
C GLN B 224 -12.38 15.21 36.64
N GLU B 225 -12.53 14.06 37.29
CA GLU B 225 -13.70 13.79 38.17
C GLU B 225 -13.77 14.83 39.28
N LYS B 226 -12.64 15.29 39.82
CA LYS B 226 -12.55 16.18 41.00
C LYS B 226 -12.43 17.65 40.61
N GLY B 227 -12.34 17.96 39.31
CA GLY B 227 -12.19 19.34 38.82
C GLY B 227 -10.80 19.89 39.03
N LYS B 228 -9.79 19.03 38.97
CA LYS B 228 -8.38 19.42 39.16
C LYS B 228 -7.64 19.23 37.83
N TYR B 229 -6.34 19.50 37.83
CA TYR B 229 -5.55 19.37 36.61
C TYR B 229 -4.46 18.32 36.81
N ALA B 230 -4.02 17.77 35.69
CA ALA B 230 -2.89 16.82 35.69
C ALA B 230 -2.23 16.83 34.32
N PHE B 231 -1.17 16.06 34.19
CA PHE B 231 -0.34 15.99 32.97
C PHE B 231 -0.34 14.56 32.44
N GLY B 232 -0.34 14.44 31.13
CA GLY B 232 -0.04 13.15 30.49
C GLY B 232 1.41 12.78 30.65
N CYS B 233 1.67 11.48 30.68
CA CYS B 233 3.00 10.92 30.96
C CYS B 233 3.34 9.98 29.81
N ASP B 234 4.38 10.33 29.03
CA ASP B 234 4.96 9.53 27.93
C ASP B 234 4.15 9.62 26.65
N ALA B 235 2.87 9.98 26.71
CA ALA B 235 2.05 10.19 25.51
C ALA B 235 1.01 11.24 25.84
N ASP B 236 0.46 11.85 24.81
CA ASP B 236 -0.70 12.76 24.94
C ASP B 236 -1.89 11.92 25.44
N MET B 237 -2.40 12.23 26.62
CA MET B 237 -3.47 11.44 27.27
C MET B 237 -4.74 12.30 27.31
N SER B 238 -4.82 13.35 26.48
CA SER B 238 -5.93 14.32 26.56
C SER B 238 -7.28 13.63 26.30
N LYS B 239 -7.33 12.59 25.47
CA LYS B 239 -8.63 11.92 25.19
C LYS B 239 -9.22 11.32 26.47
N PHE B 240 -8.42 10.98 27.47
CA PHE B 240 -8.87 10.38 28.74
C PHE B 240 -9.44 11.42 29.68
N ALA B 241 -9.09 12.70 29.51
CA ALA B 241 -9.40 13.75 30.47
C ALA B 241 -9.19 15.11 29.82
N PRO B 242 -10.07 15.50 28.89
CA PRO B 242 -9.83 16.70 28.10
C PRO B 242 -9.84 17.99 28.93
N LYS B 243 -10.60 18.03 30.00
CA LYS B 243 -10.66 19.23 30.86
C LYS B 243 -9.41 19.31 31.78
N ALA B 244 -8.91 18.18 32.27
CA ALA B 244 -7.84 18.14 33.28
C ALA B 244 -6.45 18.16 32.61
N HIS B 245 -6.33 17.71 31.38
CA HIS B 245 -5.00 17.49 30.74
C HIS B 245 -4.34 18.83 30.36
N LEU B 246 -3.38 19.32 31.11
CA LEU B 246 -2.76 20.63 30.78
C LEU B 246 -1.81 20.55 29.58
N THR B 247 -1.08 19.45 29.51
CA THR B 247 -0.12 19.08 28.44
C THR B 247 0.43 17.70 28.88
N ALA B 248 1.46 17.24 28.19
CA ALA B 248 2.07 15.94 28.47
C ALA B 248 3.52 15.98 28.08
N SER B 249 4.34 15.20 28.77
CA SER B 249 5.74 14.96 28.34
C SER B 249 5.76 13.72 27.47
N ILE B 250 5.90 13.90 26.16
CA ILE B 250 5.78 12.79 25.18
C ILE B 250 7.17 12.17 25.01
N SER B 251 7.25 10.85 25.03
CA SER B 251 8.50 10.09 24.85
C SER B 251 8.54 9.57 23.43
N ASN B 252 9.56 9.96 22.69
CA ASN B 252 9.80 9.57 21.29
C ASN B 252 11.06 8.71 21.23
N TRP B 253 10.89 7.39 21.18
CA TRP B 253 12.03 6.46 21.23
C TRP B 253 12.44 6.03 19.81
N GLY B 254 11.66 6.36 18.79
CA GLY B 254 11.85 5.81 17.44
C GLY B 254 13.16 6.16 16.80
N ASP B 255 13.65 7.39 16.97
CA ASP B 255 14.94 7.78 16.35
C ASP B 255 16.06 6.96 17.01
N PHE B 256 16.03 6.82 18.32
CA PHE B 256 17.03 6.05 19.07
C PHE B 256 17.01 4.59 18.61
N TYR B 257 15.83 4.01 18.56
CA TYR B 257 15.68 2.57 18.18
C TYR B 257 16.18 2.37 16.74
N THR B 258 15.84 3.28 15.83
CA THR B 258 16.31 3.23 14.45
C THR B 258 17.84 3.29 14.37
N LYS B 259 18.45 4.26 15.04
CA LYS B 259 19.92 4.50 15.01
C LYS B 259 20.63 3.25 15.57
N THR B 260 20.08 2.70 16.64
CA THR B 260 20.69 1.53 17.33
C THR B 260 20.61 0.32 16.39
N ALA B 261 19.47 0.05 15.79
CA ALA B 261 19.29 -1.09 14.87
C ALA B 261 20.26 -0.95 13.68
N GLN B 262 20.38 0.28 13.14
CA GLN B 262 21.37 0.53 12.04
C GLN B 262 22.79 0.21 12.47
N ALA B 263 23.20 0.57 13.68
CA ALA B 263 24.55 0.35 14.22
C ALA B 263 24.80 -1.16 14.34
N VAL B 264 23.81 -1.91 14.81
CA VAL B 264 23.99 -3.39 14.93
C VAL B 264 24.11 -3.99 13.54
N MET B 265 23.30 -3.56 12.57
CA MET B 265 23.38 -4.08 11.18
C MET B 265 24.75 -3.76 10.57
N ALA B 266 25.33 -2.61 10.86
CA ALA B 266 26.59 -2.12 10.24
C ALA B 266 27.81 -2.70 10.95
N GLY B 267 27.63 -3.28 12.14
CA GLY B 267 28.74 -3.66 13.03
C GLY B 267 29.48 -2.50 13.65
N THR B 268 28.82 -1.36 13.86
CA THR B 268 29.42 -0.15 14.48
C THR B 268 28.90 0.06 15.90
N TRP B 269 28.03 -0.81 16.39
CA TRP B 269 27.43 -0.67 17.73
C TRP B 269 28.54 -0.81 18.76
N LYS B 270 28.48 0.00 19.80
CA LYS B 270 29.33 -0.18 20.99
C LYS B 270 28.53 0.11 22.25
N SER B 271 28.95 -0.51 23.34
CA SER B 271 28.36 -0.32 24.66
C SER B 271 28.62 1.10 25.14
N GLU B 272 27.56 1.81 25.49
CA GLU B 272 27.69 3.17 26.08
C GLU B 272 26.43 3.49 26.86
N GLU B 273 26.52 4.56 27.65
CA GLU B 273 25.36 5.14 28.38
C GLU B 273 24.88 6.29 27.53
N VAL B 274 23.65 6.24 27.07
CA VAL B 274 23.03 7.24 26.17
C VAL B 274 21.91 7.92 26.95
N HIS B 275 21.88 9.25 26.94
N HIS B 275 21.89 9.26 26.94
CA HIS B 275 20.73 10.00 27.49
CA HIS B 275 20.77 10.02 27.51
C HIS B 275 20.38 11.07 26.46
C HIS B 275 20.39 11.07 26.46
N TRP B 276 19.14 11.06 26.02
CA TRP B 276 18.65 12.06 25.03
C TRP B 276 17.52 12.83 25.69
N GLY B 277 17.39 14.10 25.33
CA GLY B 277 16.35 14.97 25.91
C GLY B 277 15.57 15.72 24.85
N MET B 278 15.16 16.93 25.18
CA MET B 278 14.33 17.74 24.25
C MET B 278 15.16 18.13 23.02
N ALA B 279 16.43 18.44 23.20
CA ALA B 279 17.32 18.85 22.08
C ALA B 279 17.43 17.74 21.04
N GLU B 280 17.43 16.48 21.47
CA GLU B 280 17.59 15.32 20.56
C GLU B 280 16.23 14.82 20.07
N GLY B 281 15.13 15.39 20.53
CA GLY B 281 13.78 15.02 20.09
C GLY B 281 13.18 13.86 20.84
N MET B 282 13.82 13.36 21.88
CA MET B 282 13.32 12.17 22.64
C MET B 282 12.21 12.62 23.58
N VAL B 283 12.24 13.86 24.01
CA VAL B 283 11.22 14.44 24.93
C VAL B 283 10.57 15.61 24.20
N LYS B 284 9.25 15.57 24.05
N LYS B 284 9.25 15.58 24.06
CA LYS B 284 8.48 16.67 23.40
CA LYS B 284 8.46 16.64 23.39
C LYS B 284 7.27 17.00 24.27
C LYS B 284 7.25 16.99 24.26
N MET B 285 6.76 18.22 24.22
CA MET B 285 5.54 18.55 24.99
C MET B 285 4.32 18.51 24.06
N ALA B 286 3.18 18.05 24.56
CA ALA B 286 1.88 18.15 23.88
C ALA B 286 1.45 19.60 23.85
N PRO B 287 0.52 19.94 22.94
CA PRO B 287 -0.09 21.28 22.96
C PRO B 287 -0.70 21.59 24.33
N LEU B 288 -0.80 22.87 24.63
CA LEU B 288 -1.41 23.34 25.90
C LEU B 288 -2.94 23.28 25.83
N ASN B 289 -3.51 22.92 26.95
CA ASN B 289 -4.97 22.98 27.19
C ASN B 289 -5.45 24.42 26.91
N ALA B 290 -6.65 24.54 26.38
CA ALA B 290 -7.24 25.87 26.09
C ALA B 290 -7.47 26.68 27.37
N ALA B 291 -7.54 26.06 28.54
CA ALA B 291 -7.70 26.76 29.84
C ALA B 291 -6.44 27.54 30.26
N VAL B 292 -5.27 27.30 29.64
CA VAL B 292 -4.02 28.00 30.07
C VAL B 292 -4.11 29.44 29.53
N PRO B 293 -4.06 30.44 30.41
CA PRO B 293 -4.15 31.83 29.94
C PRO B 293 -2.92 32.27 29.17
N PRO B 294 -3.03 33.38 28.40
CA PRO B 294 -1.91 33.82 27.56
C PRO B 294 -0.61 34.10 28.30
N ASP B 295 -0.63 34.67 29.51
CA ASP B 295 0.63 34.96 30.26
C ASP B 295 1.35 33.62 30.56
N ALA B 296 0.58 32.60 30.96
CA ALA B 296 1.15 31.29 31.32
C ALA B 296 1.68 30.60 30.05
N ALA B 297 0.93 30.66 28.96
CA ALA B 297 1.34 30.03 27.68
C ALA B 297 2.65 30.67 27.20
N LYS B 298 2.74 32.00 27.31
CA LYS B 298 3.96 32.71 26.84
C LYS B 298 5.16 32.26 27.64
N LEU B 299 5.04 32.20 28.97
CA LEU B 299 6.16 31.79 29.84
C LEU B 299 6.54 30.35 29.50
N PHE B 300 5.56 29.48 29.35
CA PHE B 300 5.84 28.06 29.03
C PHE B 300 6.63 28.00 27.74
N GLU B 301 6.20 28.71 26.69
CA GLU B 301 6.90 28.61 25.38
C GLU B 301 8.32 29.16 25.51
N GLU B 302 8.54 30.24 26.28
CA GLU B 302 9.89 30.81 26.49
C GLU B 302 10.80 29.80 27.20
N LYS B 303 10.29 29.14 28.26
CA LYS B 303 11.09 28.19 29.03
C LYS B 303 11.34 26.92 28.19
N LYS B 304 10.38 26.52 27.37
CA LYS B 304 10.56 25.37 26.45
C LYS B 304 11.73 25.67 25.51
N ALA B 305 11.73 26.84 24.88
CA ALA B 305 12.83 27.22 23.96
C ALA B 305 14.16 27.23 24.67
N ALA B 306 14.22 27.77 25.89
CA ALA B 306 15.45 27.81 26.70
C ALA B 306 15.90 26.39 27.07
N MET B 307 14.96 25.47 27.30
CA MET B 307 15.31 24.09 27.67
C MET B 307 15.93 23.38 26.46
N VAL B 308 15.33 23.58 25.29
CA VAL B 308 15.82 22.93 24.04
C VAL B 308 17.23 23.44 23.73
N SER B 309 17.51 24.73 23.90
CA SER B 309 18.80 25.39 23.54
C SER B 309 19.88 25.11 24.59
N GLY B 310 19.52 24.67 25.80
CA GLY B 310 20.45 24.51 26.92
C GLY B 310 20.74 25.80 27.64
N LYS B 311 19.99 26.87 27.40
CA LYS B 311 20.13 28.16 28.10
C LYS B 311 19.69 28.01 29.56
N ILE B 312 18.70 27.15 29.83
CA ILE B 312 18.36 26.76 31.23
C ILE B 312 18.51 25.23 31.32
N LYS B 313 18.90 24.77 32.49
CA LYS B 313 18.97 23.33 32.79
C LYS B 313 18.12 23.15 34.05
N PRO B 314 17.34 22.06 34.18
CA PRO B 314 16.49 21.93 35.36
C PRO B 314 17.28 22.00 36.68
N PHE B 315 18.51 21.51 36.71
CA PHE B 315 19.33 21.39 37.94
C PHE B 315 20.49 22.39 37.90
N GLN B 316 20.30 23.51 37.28
CA GLN B 316 21.28 24.65 37.41
C GLN B 316 21.19 25.18 38.86
N GLY B 317 22.31 25.63 39.38
CA GLY B 317 22.35 26.24 40.70
C GLY B 317 21.68 27.61 40.75
N PRO B 318 21.41 28.14 41.96
CA PRO B 318 21.76 27.44 43.20
C PRO B 318 20.70 26.41 43.64
N LEU B 319 21.13 25.29 44.18
CA LEU B 319 20.21 24.26 44.72
C LEU B 319 20.68 23.93 46.13
N LYS B 320 19.72 23.78 47.02
CA LYS B 320 19.95 23.19 48.36
C LYS B 320 19.05 21.98 48.54
N ASP B 321 19.52 21.02 49.33
CA ASP B 321 18.67 19.90 49.72
C ASP B 321 17.85 20.26 50.95
N GLN B 322 17.06 19.32 51.43
CA GLN B 322 16.12 19.63 52.52
C GLN B 322 16.81 19.77 53.88
N SER B 323 18.08 19.38 53.99
CA SER B 323 18.89 19.65 55.20
C SER B 323 19.59 21.01 55.10
N GLY B 324 19.36 21.77 54.01
CA GLY B 324 19.94 23.10 53.82
C GLY B 324 21.34 23.02 53.25
N ALA B 325 21.82 21.85 52.85
CA ALA B 325 23.16 21.71 52.25
C ALA B 325 23.13 22.23 50.82
N VAL B 326 24.15 22.98 50.43
CA VAL B 326 24.31 23.41 49.01
C VAL B 326 24.73 22.21 48.17
N LYS B 327 23.97 21.94 47.11
CA LYS B 327 24.31 20.85 46.16
C LYS B 327 25.01 21.43 44.93
N VAL B 328 24.61 22.61 44.52
CA VAL B 328 25.10 23.31 43.31
C VAL B 328 25.11 24.81 43.62
N ALA B 329 26.25 25.48 43.44
CA ALA B 329 26.37 26.95 43.58
C ALA B 329 25.72 27.65 42.38
N ALA B 330 25.24 28.86 42.57
CA ALA B 330 24.81 29.77 41.48
C ALA B 330 25.91 29.83 40.41
N GLY B 331 25.51 29.81 39.13
CA GLY B 331 26.43 29.83 37.96
C GLY B 331 26.99 28.47 37.61
N SER B 332 26.65 27.41 38.36
CA SER B 332 27.13 26.03 38.10
C SER B 332 25.91 25.14 37.78
N ASP B 333 26.19 23.98 37.20
CA ASP B 333 25.15 22.96 36.90
C ASP B 333 25.44 21.71 37.72
N LEU B 334 24.40 20.97 38.09
CA LEU B 334 24.60 19.71 38.83
C LEU B 334 25.40 18.77 37.94
N PRO B 335 26.52 18.19 38.43
CA PRO B 335 27.30 17.22 37.65
C PRO B 335 26.54 15.94 37.24
N LEU B 336 26.95 15.32 36.14
CA LEU B 336 26.32 14.10 35.56
C LEU B 336 26.30 12.97 36.59
N ALA B 337 27.34 12.80 37.42
CA ALA B 337 27.40 11.72 38.44
C ALA B 337 26.29 11.92 39.48
N SER B 338 26.05 13.17 39.88
CA SER B 338 25.01 13.51 40.90
C SER B 338 23.63 13.34 40.28
N LEU B 339 23.48 13.73 39.01
CA LEU B 339 22.20 13.51 38.28
C LEU B 339 21.91 12.01 38.24
N LYS B 340 22.91 11.20 37.86
CA LYS B 340 22.74 9.76 37.62
C LYS B 340 22.35 9.03 38.92
N GLY B 341 22.81 9.50 40.06
CA GLY B 341 22.56 8.80 41.32
C GLY B 341 21.55 9.52 42.21
N MET B 342 20.86 10.53 41.70
CA MET B 342 20.08 11.48 42.52
C MET B 342 19.16 10.73 43.49
N ASN B 343 19.38 10.98 44.78
CA ASN B 343 18.59 10.35 45.88
C ASN B 343 18.28 11.38 46.96
N TRP B 344 18.33 12.65 46.66
CA TRP B 344 18.04 13.76 47.58
C TRP B 344 16.92 14.59 47.04
N TYR B 345 16.29 15.36 47.89
CA TYR B 345 15.13 16.20 47.57
C TYR B 345 15.46 17.65 47.76
N VAL B 346 14.88 18.46 46.91
CA VAL B 346 14.97 19.93 47.08
C VAL B 346 14.00 20.33 48.19
N GLN B 347 14.27 21.49 48.80
CA GLN B 347 13.34 22.10 49.76
C GLN B 347 11.94 22.24 49.19
N GLY B 348 10.91 21.90 49.96
CA GLY B 348 9.52 22.02 49.54
C GLY B 348 8.86 20.69 49.14
N VAL B 349 9.64 19.64 49.07
CA VAL B 349 9.11 18.27 48.76
C VAL B 349 8.71 17.66 50.11
N GLU B 350 7.50 17.11 50.22
CA GLU B 350 7.17 16.31 51.42
C GLU B 350 6.33 15.11 51.02
N GLY B 351 6.20 14.14 51.92
CA GLY B 351 5.28 13.02 51.73
C GLY B 351 3.86 13.36 52.15
N THR B 352 2.91 12.63 51.62
CA THR B 352 1.52 12.63 52.09
C THR B 352 1.47 11.93 53.45
N ILE B 353 0.41 12.23 54.21
CA ILE B 353 0.10 11.51 55.46
C ILE B 353 -0.46 10.14 55.12
N PRO B 354 0.08 9.05 55.67
CA PRO B 354 -0.32 7.70 55.29
C PRO B 354 -1.78 7.35 55.63
N LYS B 355 -2.39 6.54 54.75
CA LYS B 355 -3.78 5.96 54.77
C LYS B 355 -4.74 6.99 54.16
N GLN C 22 -19.80 24.67 19.24
CA GLN C 22 -19.30 25.46 18.07
C GLN C 22 -19.22 24.55 16.84
N GLU C 23 -19.58 25.09 15.67
CA GLU C 23 -19.36 24.48 14.33
C GLU C 23 -17.90 24.09 14.19
N PRO C 24 -17.53 23.02 13.43
CA PRO C 24 -16.13 22.78 13.10
C PRO C 24 -15.51 23.98 12.33
N LEU C 25 -14.24 24.26 12.61
CA LEU C 25 -13.45 25.27 11.85
C LEU C 25 -13.15 24.71 10.45
N LYS C 26 -13.58 25.41 9.40
CA LYS C 26 -13.32 25.01 8.01
C LYS C 26 -11.95 25.57 7.61
N VAL C 27 -11.03 24.66 7.27
CA VAL C 27 -9.62 25.01 6.97
C VAL C 27 -9.31 24.51 5.57
N ALA C 28 -8.70 25.35 4.74
CA ALA C 28 -8.36 24.99 3.35
C ALA C 28 -6.86 25.20 3.14
N PHE C 29 -6.29 24.32 2.33
CA PHE C 29 -4.88 24.32 1.91
C PHE C 29 -4.82 24.43 0.40
N VAL C 30 -3.98 25.34 -0.08
CA VAL C 30 -3.80 25.57 -1.54
C VAL C 30 -2.37 25.15 -1.87
N TYR C 31 -2.24 24.11 -2.70
CA TYR C 31 -0.93 23.58 -3.13
C TYR C 31 -0.63 23.97 -4.58
N ALA C 32 0.63 24.22 -4.87
CA ALA C 32 1.13 24.57 -6.21
C ALA C 32 1.48 23.30 -7.01
N GLY C 33 1.59 22.19 -6.32
CA GLY C 33 1.98 20.92 -6.97
C GLY C 33 1.07 19.80 -6.54
N PRO C 34 1.44 18.56 -6.91
CA PRO C 34 0.65 17.41 -6.51
C PRO C 34 1.09 16.76 -5.23
N VAL C 35 0.14 16.18 -4.51
CA VAL C 35 0.45 15.36 -3.31
C VAL C 35 1.35 14.17 -3.72
N SER C 36 1.27 13.74 -4.99
CA SER C 36 2.11 12.64 -5.53
C SER C 36 3.55 13.06 -5.78
N ASP C 37 3.98 14.30 -5.44
CA ASP C 37 5.40 14.69 -5.63
C ASP C 37 6.28 13.86 -4.67
N ALA C 38 5.74 13.34 -3.58
CA ALA C 38 6.47 12.62 -2.51
C ALA C 38 7.52 13.53 -1.87
N GLY C 39 7.32 14.86 -1.98
CA GLY C 39 8.25 15.87 -1.46
C GLY C 39 7.50 17.03 -0.84
N TYR C 40 7.67 18.21 -1.39
CA TYR C 40 7.19 19.47 -0.80
C TYR C 40 5.69 19.44 -0.53
N THR C 41 4.88 19.17 -1.57
CA THR C 41 3.42 19.23 -1.42
C THR C 41 2.99 18.10 -0.49
N TYR C 42 3.54 16.90 -0.71
CA TYR C 42 3.28 15.73 0.16
C TYR C 42 3.47 16.12 1.62
N ALA C 43 4.56 16.81 1.98
CA ALA C 43 4.85 17.18 3.38
C ALA C 43 3.82 18.19 3.91
N HIS C 44 3.42 19.18 3.11
CA HIS C 44 2.35 20.11 3.56
C HIS C 44 1.08 19.29 3.81
N ASP C 45 0.77 18.36 2.91
CA ASP C 45 -0.48 17.55 3.01
C ASP C 45 -0.38 16.64 4.24
N GLN C 46 0.78 16.10 4.56
CA GLN C 46 0.99 15.35 5.82
C GLN C 46 0.73 16.25 7.01
N GLY C 47 1.08 17.53 6.92
CA GLY C 47 0.80 18.47 8.01
C GLY C 47 -0.70 18.71 8.15
N ARG C 48 -1.44 18.86 7.03
CA ARG C 48 -2.92 18.96 7.05
C ARG C 48 -3.47 17.71 7.74
N LEU C 49 -3.02 16.53 7.33
CA LEU C 49 -3.55 15.26 7.89
C LEU C 49 -3.20 15.16 9.37
N ALA C 50 -2.04 15.66 9.81
CA ALA C 50 -1.65 15.68 11.23
C ALA C 50 -2.60 16.60 12.01
N MET C 51 -2.91 17.77 11.46
CA MET C 51 -3.87 18.71 12.10
C MET C 51 -5.23 18.02 12.25
N GLU C 52 -5.71 17.32 11.22
CA GLU C 52 -7.00 16.57 11.26
C GLU C 52 -6.96 15.49 12.35
N LYS C 53 -5.86 14.74 12.43
CA LYS C 53 -5.72 13.69 13.48
C LYS C 53 -5.71 14.34 14.87
N ASN C 54 -5.00 15.44 15.03
CA ASN C 54 -4.78 16.11 16.33
C ASN C 54 -6.07 16.78 16.83
N LEU C 55 -6.88 17.37 15.93
CA LEU C 55 -8.05 18.20 16.35
C LEU C 55 -9.38 17.47 16.09
N GLY C 56 -9.37 16.37 15.34
CA GLY C 56 -10.55 15.54 15.02
C GLY C 56 -11.72 16.36 14.49
N ALA C 57 -12.88 16.20 15.10
CA ALA C 57 -14.16 16.80 14.64
C ALA C 57 -14.17 18.34 14.81
N LYS C 58 -13.23 18.94 15.56
CA LYS C 58 -13.14 20.42 15.71
C LYS C 58 -12.74 21.10 14.40
N VAL C 59 -12.20 20.36 13.41
CA VAL C 59 -11.76 20.96 12.11
C VAL C 59 -12.28 20.12 10.96
N LYS C 60 -12.50 20.75 9.82
CA LYS C 60 -12.86 20.11 8.56
C LYS C 60 -11.93 20.72 7.51
N SER C 61 -10.99 19.93 7.01
CA SER C 61 -9.98 20.42 6.05
C SER C 61 -10.39 20.04 4.65
N SER C 62 -9.92 20.84 3.70
CA SER C 62 -9.91 20.47 2.28
C SER C 62 -8.65 21.01 1.64
N TYR C 63 -8.42 20.62 0.42
CA TYR C 63 -7.24 21.09 -0.31
C TYR C 63 -7.52 21.13 -1.78
N VAL C 64 -6.71 21.91 -2.46
CA VAL C 64 -6.69 22.02 -3.94
C VAL C 64 -5.24 21.84 -4.36
N GLU C 65 -4.98 20.94 -5.29
CA GLU C 65 -3.59 20.69 -5.75
C GLU C 65 -3.37 21.27 -7.14
N ASN C 66 -2.09 21.41 -7.50
CA ASN C 66 -1.64 21.82 -8.85
C ASN C 66 -2.19 23.21 -9.21
N VAL C 67 -2.31 24.13 -8.27
CA VAL C 67 -2.84 25.49 -8.55
C VAL C 67 -1.77 26.35 -9.15
N PRO C 68 -1.95 26.85 -10.40
CA PRO C 68 -0.97 27.74 -11.01
C PRO C 68 -0.98 29.11 -10.30
N GLU C 69 0.04 29.89 -10.58
CA GLU C 69 0.15 31.29 -10.09
C GLU C 69 -0.79 32.24 -10.88
N GLY C 70 -0.96 33.48 -10.38
CA GLY C 70 -1.70 34.58 -11.05
C GLY C 70 -3.20 34.35 -10.99
N ALA C 71 -3.87 34.39 -12.14
CA ALA C 71 -5.36 34.51 -12.24
C ALA C 71 -6.01 33.27 -11.63
N ASP C 72 -5.44 32.09 -11.91
CA ASP C 72 -6.03 30.82 -11.44
C ASP C 72 -5.87 30.81 -9.91
N ALA C 73 -4.72 31.22 -9.37
CA ALA C 73 -4.51 31.15 -7.90
C ALA C 73 -5.53 32.07 -7.23
N GLU C 74 -5.66 33.31 -7.74
CA GLU C 74 -6.63 34.25 -7.12
C GLU C 74 -8.03 33.65 -7.15
N ARG C 75 -8.44 33.07 -8.29
CA ARG C 75 -9.81 32.50 -8.44
C ARG C 75 -10.01 31.37 -7.41
N VAL C 76 -9.02 30.48 -7.24
CA VAL C 76 -9.13 29.35 -6.30
C VAL C 76 -9.21 29.87 -4.87
N ILE C 77 -8.32 30.79 -4.51
CA ILE C 77 -8.27 31.30 -3.10
C ILE C 77 -9.61 32.03 -2.80
N ARG C 78 -10.09 32.85 -3.76
CA ARG C 78 -11.37 33.59 -3.60
C ARG C 78 -12.52 32.60 -3.40
N LYS C 79 -12.56 31.52 -4.19
CA LYS C 79 -13.64 30.52 -4.08
C LYS C 79 -13.59 29.87 -2.70
N LEU C 80 -12.41 29.54 -2.17
CA LEU C 80 -12.34 28.93 -0.82
C LEU C 80 -12.82 29.93 0.25
N ALA C 81 -12.53 31.22 0.10
CA ALA C 81 -12.99 32.23 1.08
C ALA C 81 -14.52 32.38 0.96
N ALA C 82 -15.03 32.37 -0.25
CA ALA C 82 -16.49 32.52 -0.53
C ALA C 82 -17.25 31.28 -0.02
N ASP C 83 -16.61 30.12 0.03
CA ASP C 83 -17.26 28.84 0.42
C ASP C 83 -17.28 28.66 1.95
N GLY C 84 -16.74 29.61 2.75
CA GLY C 84 -16.87 29.54 4.21
C GLY C 84 -15.66 28.99 4.96
N ASN C 85 -14.54 28.82 4.28
CA ASN C 85 -13.28 28.49 4.97
C ASN C 85 -12.89 29.72 5.80
N LYS C 86 -12.55 29.52 7.07
CA LYS C 86 -12.24 30.60 8.02
C LYS C 86 -10.72 30.74 8.19
N LEU C 87 -9.96 29.72 7.74
CA LEU C 87 -8.49 29.71 7.81
C LEU C 87 -8.00 29.07 6.53
N ILE C 88 -7.18 29.79 5.79
CA ILE C 88 -6.68 29.36 4.46
C ILE C 88 -5.16 29.47 4.48
N PHE C 89 -4.51 28.34 4.21
CA PHE C 89 -3.04 28.27 4.06
C PHE C 89 -2.70 28.23 2.58
N THR C 90 -1.90 29.18 2.11
CA THR C 90 -1.43 29.19 0.71
C THR C 90 0.04 28.82 0.74
N THR C 91 0.36 27.63 0.22
CA THR C 91 1.64 26.96 0.59
C THR C 91 2.78 27.18 -0.38
N SER C 92 2.74 28.16 -1.26
CA SER C 92 3.79 28.41 -2.26
C SER C 92 4.15 29.88 -2.29
N PHE C 93 5.42 30.20 -2.51
CA PHE C 93 5.90 31.58 -2.71
C PHE C 93 5.07 32.29 -3.78
N GLY C 94 4.72 31.58 -4.83
CA GLY C 94 4.05 32.15 -6.01
C GLY C 94 2.62 32.56 -5.70
N PHE C 95 2.10 32.23 -4.53
CA PHE C 95 0.72 32.64 -4.15
C PHE C 95 0.74 33.94 -3.37
N MET C 96 1.89 34.58 -3.19
CA MET C 96 2.00 35.75 -2.29
C MET C 96 1.02 36.87 -2.72
N ASN C 97 1.10 37.32 -3.97
CA ASN C 97 0.29 38.51 -4.37
C ASN C 97 -1.20 38.18 -4.44
N PRO C 98 -1.62 37.05 -5.03
CA PRO C 98 -3.02 36.64 -4.95
C PRO C 98 -3.56 36.54 -3.53
N THR C 99 -2.77 35.98 -2.60
CA THR C 99 -3.23 35.86 -1.20
C THR C 99 -3.45 37.24 -0.62
N GLU C 100 -2.53 38.18 -0.85
CA GLU C 100 -2.63 39.54 -0.28
C GLU C 100 -3.92 40.20 -0.82
N ARG C 101 -4.20 40.01 -2.10
CA ARG C 101 -5.42 40.63 -2.72
C ARG C 101 -6.70 39.99 -2.16
N VAL C 102 -6.75 38.69 -2.00
CA VAL C 102 -7.96 38.03 -1.47
C VAL C 102 -8.11 38.37 0.02
N ALA C 103 -7.03 38.44 0.80
CA ALA C 103 -7.11 38.77 2.24
C ALA C 103 -7.79 40.14 2.40
N LYS C 104 -7.46 41.08 1.53
CA LYS C 104 -8.04 42.46 1.63
C LYS C 104 -9.55 42.39 1.41
N ALA C 105 -10.02 41.47 0.58
CA ALA C 105 -11.42 41.33 0.16
C ALA C 105 -12.23 40.56 1.21
N PHE C 106 -11.58 39.81 2.12
CA PHE C 106 -12.28 38.89 3.05
C PHE C 106 -11.73 39.10 4.45
N PRO C 107 -12.04 40.24 5.09
CA PRO C 107 -11.49 40.57 6.41
C PRO C 107 -11.94 39.64 7.55
N ASN C 108 -12.90 38.79 7.27
CA ASN C 108 -13.54 37.78 8.15
C ASN C 108 -12.70 36.48 8.15
N VAL C 109 -11.74 36.34 7.24
CA VAL C 109 -11.02 35.04 7.00
C VAL C 109 -9.58 35.25 7.40
N VAL C 110 -8.94 34.25 8.02
CA VAL C 110 -7.50 34.27 8.38
C VAL C 110 -6.73 33.57 7.26
N PHE C 111 -5.72 34.27 6.75
CA PHE C 111 -4.82 33.78 5.68
C PHE C 111 -3.43 33.62 6.27
N GLU C 112 -2.79 32.48 5.92
CA GLU C 112 -1.39 32.21 6.28
C GLU C 112 -0.66 31.86 4.99
N HIS C 113 0.35 32.62 4.64
CA HIS C 113 1.08 32.47 3.38
C HIS C 113 2.48 31.92 3.67
N ALA C 114 2.83 30.83 3.02
CA ALA C 114 4.16 30.21 3.19
C ALA C 114 5.24 30.99 2.44
N THR C 115 6.25 31.44 3.16
CA THR C 115 7.52 32.01 2.66
C THR C 115 7.38 33.44 2.14
N GLY C 116 6.24 34.09 2.35
CA GLY C 116 6.04 35.46 1.88
C GLY C 116 6.60 36.54 2.80
N VAL C 117 6.46 37.80 2.34
CA VAL C 117 6.91 38.99 3.10
C VAL C 117 5.75 39.99 3.24
N LYS C 118 4.53 39.64 2.79
CA LYS C 118 3.37 40.55 2.88
C LYS C 118 2.50 40.12 4.06
N LEU C 119 2.18 41.07 4.91
CA LEU C 119 1.30 40.88 6.08
C LEU C 119 0.18 41.91 6.07
N ALA C 120 -0.85 41.58 6.79
CA ALA C 120 -2.03 42.46 7.02
C ALA C 120 -2.70 42.03 8.30
N LYS C 121 -3.78 42.72 8.71
CA LYS C 121 -4.47 42.35 9.95
C LYS C 121 -4.90 40.88 9.93
N ASN C 122 -5.29 40.35 8.77
CA ASN C 122 -5.81 38.96 8.64
C ASN C 122 -4.86 38.11 7.78
N LEU C 123 -3.58 38.52 7.66
CA LEU C 123 -2.61 37.79 6.82
C LEU C 123 -1.31 37.67 7.59
N GLY C 124 -0.95 36.42 7.90
CA GLY C 124 0.36 36.11 8.49
C GLY C 124 1.22 35.34 7.50
N VAL C 125 2.51 35.26 7.81
CA VAL C 125 3.45 34.49 6.92
C VAL C 125 4.18 33.48 7.80
N TYR C 126 4.49 32.35 7.20
CA TYR C 126 5.19 31.28 7.95
C TYR C 126 6.20 30.63 7.02
N GLU C 127 7.27 30.12 7.64
CA GLU C 127 8.24 29.37 6.87
C GLU C 127 9.12 28.56 7.81
N SER C 128 9.83 27.64 7.19
CA SER C 128 10.79 26.82 7.95
C SER C 128 12.17 27.41 7.76
N ARG C 129 13.08 27.13 8.68
CA ARG C 129 14.52 27.39 8.47
C ARG C 129 15.17 26.13 7.89
N GLN C 130 14.72 25.72 6.72
CA GLN C 130 15.22 24.47 6.09
C GLN C 130 16.71 24.59 5.84
N TYR C 131 17.24 25.81 5.71
CA TYR C 131 18.70 26.01 5.44
C TYR C 131 19.56 25.45 6.57
N GLU C 132 18.98 25.26 7.77
CA GLU C 132 19.72 24.57 8.87
C GLU C 132 19.97 23.14 8.45
N GLY C 133 18.97 22.44 7.93
CA GLY C 133 19.11 21.10 7.36
C GLY C 133 20.06 21.10 6.20
N THR C 134 19.93 22.07 5.27
CA THR C 134 20.80 22.09 4.09
C THR C 134 22.29 22.27 4.48
N TYR C 135 22.58 23.04 5.53
CA TYR C 135 23.95 23.20 6.05
C TYR C 135 24.48 21.82 6.47
N LEU C 136 23.68 21.06 7.20
CA LEU C 136 24.09 19.69 7.62
C LEU C 136 24.24 18.77 6.41
N GLN C 137 23.42 18.90 5.37
CA GLN C 137 23.63 18.14 4.12
C GLN C 137 25.00 18.50 3.54
N GLY C 138 25.37 19.78 3.58
CA GLY C 138 26.67 20.23 3.07
C GLY C 138 27.83 19.59 3.82
N VAL C 139 27.71 19.55 5.12
CA VAL C 139 28.74 18.86 5.98
C VAL C 139 28.89 17.42 5.50
N LEU C 140 27.80 16.70 5.35
CA LEU C 140 27.84 15.30 4.88
C LEU C 140 28.38 15.21 3.46
N ALA C 141 27.95 16.12 2.57
CA ALA C 141 28.41 16.14 1.18
C ALA C 141 29.95 16.20 1.14
N ALA C 142 30.54 17.05 1.97
CA ALA C 142 32.01 17.24 1.98
C ALA C 142 32.71 15.94 2.42
N LYS C 143 32.08 15.16 3.29
CA LYS C 143 32.64 13.86 3.73
C LYS C 143 32.49 12.81 2.63
N MET C 144 31.51 12.91 1.75
CA MET C 144 31.16 11.83 0.80
C MET C 144 31.71 12.12 -0.60
N THR C 145 32.00 13.38 -0.94
CA THR C 145 32.40 13.75 -2.32
C THR C 145 33.79 13.16 -2.64
N LYS C 146 33.99 12.73 -3.88
CA LYS C 146 35.35 12.39 -4.40
C LYS C 146 35.90 13.50 -5.29
N THR C 147 35.04 14.27 -5.93
CA THR C 147 35.47 15.34 -6.87
C THR C 147 35.74 16.66 -6.15
N GLY C 148 35.23 16.87 -4.93
CA GLY C 148 35.23 18.19 -4.28
C GLY C 148 34.28 19.19 -4.92
N VAL C 149 33.36 18.72 -5.74
CA VAL C 149 32.34 19.54 -6.42
C VAL C 149 30.97 18.97 -6.04
N ILE C 150 30.13 19.81 -5.46
CA ILE C 150 28.75 19.42 -5.11
C ILE C 150 27.80 20.22 -5.98
N GLY C 151 26.55 19.78 -6.08
CA GLY C 151 25.61 20.38 -7.02
C GLY C 151 24.27 20.67 -6.42
N PHE C 152 23.61 21.65 -6.98
CA PHE C 152 22.33 22.14 -6.49
C PHE C 152 21.40 22.38 -7.67
N VAL C 153 20.24 21.70 -7.66
CA VAL C 153 19.14 21.94 -8.64
C VAL C 153 18.24 23.04 -8.10
N GLY C 154 18.36 24.23 -8.67
CA GLY C 154 17.59 25.40 -8.26
C GLY C 154 16.30 25.58 -9.02
N SER C 155 15.28 26.04 -8.33
CA SER C 155 13.97 26.40 -8.91
C SER C 155 14.02 27.84 -9.42
N PHE C 156 13.94 28.80 -8.51
CA PHE C 156 13.96 30.25 -8.80
C PHE C 156 14.85 30.93 -7.77
N PRO C 157 15.54 32.00 -8.16
CA PRO C 157 16.42 32.72 -7.23
C PRO C 157 15.68 33.64 -6.27
N VAL C 158 14.86 33.07 -5.40
CA VAL C 158 14.17 33.77 -4.31
C VAL C 158 14.92 33.47 -3.01
N PRO C 159 14.68 34.24 -1.94
CA PRO C 159 15.50 34.12 -0.73
C PRO C 159 15.58 32.72 -0.14
N GLU C 160 14.47 31.99 -0.14
CA GLU C 160 14.49 30.61 0.40
C GLU C 160 15.59 29.80 -0.32
N VAL C 161 15.64 29.91 -1.63
CA VAL C 161 16.51 29.07 -2.46
C VAL C 161 17.96 29.54 -2.34
N ILE C 162 18.18 30.86 -2.34
CA ILE C 162 19.56 31.41 -2.22
C ILE C 162 20.09 31.04 -0.84
N ARG C 163 19.28 31.13 0.20
CA ARG C 163 19.73 30.67 1.56
C ARG C 163 20.14 29.21 1.48
N ASN C 164 19.36 28.35 0.83
CA ASN C 164 19.71 26.91 0.77
C ASN C 164 21.00 26.68 -0.03
N ILE C 165 21.17 27.36 -1.16
CA ILE C 165 22.41 27.24 -1.97
C ILE C 165 23.61 27.62 -1.08
N ASN C 166 23.47 28.75 -0.40
CA ASN C 166 24.60 29.29 0.40
C ASN C 166 24.87 28.36 1.57
N ALA C 167 23.81 27.89 2.25
CA ALA C 167 24.01 27.03 3.43
C ALA C 167 24.64 25.70 3.03
N TYR C 168 24.25 25.10 1.91
CA TYR C 168 24.84 23.85 1.39
C TYR C 168 26.36 24.05 1.24
N THR C 169 26.70 25.17 0.63
CA THR C 169 28.09 25.52 0.32
C THR C 169 28.88 25.74 1.63
N LEU C 170 28.31 26.52 2.56
CA LEU C 170 29.00 26.86 3.82
C LEU C 170 29.17 25.59 4.66
N GLY C 171 28.14 24.73 4.70
CA GLY C 171 28.28 23.47 5.45
C GLY C 171 29.38 22.59 4.88
N ALA C 172 29.48 22.49 3.56
CA ALA C 172 30.56 21.70 2.91
C ALA C 172 31.92 22.36 3.22
N GLN C 173 31.99 23.69 3.11
CA GLN C 173 33.29 24.41 3.29
C GLN C 173 33.74 24.33 4.75
N SER C 174 32.86 24.10 5.71
CA SER C 174 33.23 23.94 7.15
C SER C 174 34.10 22.68 7.32
N VAL C 175 34.00 21.73 6.40
CA VAL C 175 34.80 20.48 6.39
C VAL C 175 35.99 20.68 5.45
N ASN C 176 35.75 21.14 4.24
CA ASN C 176 36.75 21.25 3.15
C ASN C 176 36.56 22.60 2.49
N PRO C 177 37.38 23.62 2.83
CA PRO C 177 37.19 24.94 2.26
C PRO C 177 37.38 25.04 0.75
N LYS C 178 37.88 23.98 0.10
CA LYS C 178 38.10 24.00 -1.36
C LYS C 178 36.82 23.63 -2.12
N ILE C 179 35.78 23.21 -1.42
CA ILE C 179 34.56 22.71 -2.12
C ILE C 179 33.94 23.86 -2.89
N LYS C 180 33.45 23.53 -4.09
CA LYS C 180 32.67 24.41 -4.94
C LYS C 180 31.29 23.81 -5.13
N THR C 181 30.29 24.67 -5.22
CA THR C 181 28.88 24.31 -5.47
C THR C 181 28.47 24.74 -6.86
N LYS C 182 28.11 23.81 -7.73
CA LYS C 182 27.57 24.17 -9.05
C LYS C 182 26.06 24.23 -8.97
N VAL C 183 25.48 25.28 -9.50
CA VAL C 183 24.03 25.54 -9.51
C VAL C 183 23.54 25.46 -10.93
N ILE C 184 22.42 24.79 -11.12
CA ILE C 184 21.66 24.84 -12.38
C ILE C 184 20.25 25.29 -12.08
N TRP C 185 19.67 26.14 -12.91
CA TRP C 185 18.32 26.68 -12.68
C TRP C 185 17.32 26.02 -13.62
N VAL C 186 16.20 25.52 -13.10
CA VAL C 186 15.15 24.94 -14.00
C VAL C 186 13.92 25.82 -14.10
N SER C 187 13.76 26.89 -13.29
CA SER C 187 12.66 27.86 -13.42
C SER C 187 11.32 27.17 -13.24
N THR C 188 11.27 26.22 -12.32
CA THR C 188 10.02 25.56 -11.88
C THR C 188 10.27 24.99 -10.50
N TRP C 189 9.22 24.81 -9.71
CA TRP C 189 9.39 24.06 -8.44
C TRP C 189 9.24 22.56 -8.68
N TYR C 190 8.52 22.16 -9.72
CA TYR C 190 8.19 20.72 -9.91
C TYR C 190 8.06 20.41 -11.40
N ASP C 191 8.95 19.59 -11.89
CA ASP C 191 8.86 19.04 -13.27
C ASP C 191 9.88 17.93 -13.34
N PRO C 192 9.46 16.69 -13.05
CA PRO C 192 10.44 15.64 -12.89
C PRO C 192 11.41 15.51 -14.06
N ALA C 193 10.93 15.72 -15.31
CA ALA C 193 11.82 15.58 -16.47
C ALA C 193 12.87 16.68 -16.49
N LYS C 194 12.46 17.91 -16.18
CA LYS C 194 13.44 19.04 -16.16
C LYS C 194 14.42 18.86 -14.99
N GLU C 195 13.93 18.39 -13.85
CA GLU C 195 14.81 18.14 -12.67
C GLU C 195 15.86 17.07 -13.05
N ARG C 196 15.43 15.99 -13.72
CA ARG C 196 16.32 14.91 -14.14
C ARG C 196 17.40 15.46 -15.06
N GLN C 197 17.04 16.26 -16.08
N GLN C 197 17.03 16.28 -16.06
CA GLN C 197 18.04 16.77 -17.03
CA GLN C 197 17.96 16.87 -17.06
C GLN C 197 19.04 17.65 -16.26
C GLN C 197 19.02 17.67 -16.28
N ALA C 198 18.56 18.45 -15.30
CA ALA C 198 19.45 19.31 -14.51
C ALA C 198 20.43 18.48 -13.72
N ALA C 199 19.96 17.40 -13.08
CA ALA C 199 20.86 16.51 -12.30
C ALA C 199 21.88 15.85 -13.23
N GLU C 200 21.45 15.41 -14.43
CA GLU C 200 22.39 14.79 -15.40
C GLU C 200 23.48 15.80 -15.80
N THR C 201 23.11 17.06 -15.99
CA THR C 201 24.08 18.11 -16.40
C THR C 201 25.06 18.36 -15.26
N LEU C 202 24.56 18.45 -14.04
CA LEU C 202 25.47 18.66 -12.88
C LEU C 202 26.49 17.53 -12.80
N ILE C 203 26.05 16.28 -12.96
CA ILE C 203 26.94 15.11 -12.81
C ILE C 203 27.93 15.12 -13.98
N ALA C 204 27.47 15.45 -15.18
CA ALA C 204 28.37 15.57 -16.36
C ALA C 204 29.46 16.61 -16.10
N GLN C 205 29.17 17.65 -15.32
CA GLN C 205 30.14 18.72 -15.00
C GLN C 205 30.91 18.45 -13.69
N GLY C 206 30.83 17.23 -13.14
CA GLY C 206 31.72 16.77 -12.06
C GLY C 206 31.15 16.90 -10.66
N ALA C 207 29.89 17.30 -10.50
CA ALA C 207 29.25 17.31 -9.14
C ALA C 207 28.92 15.87 -8.78
N ASP C 208 29.25 15.41 -7.56
CA ASP C 208 28.95 14.00 -7.23
C ASP C 208 28.09 13.83 -5.96
N VAL C 209 27.67 14.94 -5.38
CA VAL C 209 26.66 14.92 -4.27
C VAL C 209 25.70 16.07 -4.55
N LEU C 210 24.43 15.74 -4.74
CA LEU C 210 23.44 16.71 -5.21
C LEU C 210 22.37 16.98 -4.18
N THR C 211 21.91 18.23 -4.15
CA THR C 211 20.66 18.56 -3.44
C THR C 211 19.85 19.46 -4.34
N GLN C 212 18.69 19.91 -3.86
CA GLN C 212 17.74 20.59 -4.74
C GLN C 212 16.84 21.51 -3.93
N ASN C 213 16.14 22.43 -4.63
CA ASN C 213 15.00 23.16 -4.06
C ASN C 213 13.75 22.93 -4.90
N THR C 214 13.82 22.01 -5.86
CA THR C 214 12.61 21.51 -6.57
C THR C 214 12.00 20.40 -5.71
N ASN C 215 10.92 19.77 -6.19
CA ASN C 215 10.00 19.09 -5.26
C ASN C 215 9.89 17.59 -5.55
N SER C 216 10.62 17.01 -6.48
CA SER C 216 10.46 15.58 -6.85
C SER C 216 11.68 14.78 -6.45
N PRO C 217 11.58 13.43 -6.47
CA PRO C 217 12.73 12.55 -6.30
C PRO C 217 13.59 12.33 -7.56
N ALA C 218 13.40 13.10 -8.62
CA ALA C 218 14.12 12.90 -9.89
C ALA C 218 15.62 12.97 -9.72
N THR C 219 16.15 13.95 -8.97
CA THR C 219 17.60 14.13 -8.81
C THR C 219 18.19 12.87 -8.12
N LEU C 220 17.48 12.35 -7.14
CA LEU C 220 17.92 11.14 -6.43
C LEU C 220 17.96 9.96 -7.40
N GLN C 221 16.94 9.83 -8.23
CA GLN C 221 16.87 8.71 -9.21
C GLN C 221 18.05 8.80 -10.15
N VAL C 222 18.39 9.98 -10.64
CA VAL C 222 19.56 10.20 -11.53
C VAL C 222 20.81 9.81 -10.76
N ALA C 223 20.93 10.27 -9.50
CA ALA C 223 22.16 10.00 -8.73
C ALA C 223 22.32 8.48 -8.59
N GLN C 224 21.26 7.74 -8.34
CA GLN C 224 21.38 6.27 -8.15
C GLN C 224 21.81 5.65 -9.48
N GLU C 225 21.22 6.08 -10.60
CA GLU C 225 21.57 5.53 -11.93
C GLU C 225 23.04 5.75 -12.22
N LYS C 226 23.62 6.87 -11.80
CA LYS C 226 25.01 7.30 -12.14
C LYS C 226 26.01 6.92 -11.05
N GLY C 227 25.57 6.34 -9.94
CA GLY C 227 26.44 5.92 -8.83
C GLY C 227 26.91 7.10 -8.00
N LYS C 228 26.07 8.13 -7.89
CA LYS C 228 26.38 9.36 -7.13
C LYS C 228 25.42 9.43 -5.94
N TYR C 229 25.54 10.46 -5.15
CA TYR C 229 24.73 10.64 -3.93
C TYR C 229 23.87 11.88 -4.06
N ALA C 230 22.77 11.88 -3.32
CA ALA C 230 21.88 13.04 -3.26
C ALA C 230 21.07 12.98 -1.97
N PHE C 231 20.27 13.99 -1.73
CA PHE C 231 19.48 14.13 -0.50
C PHE C 231 17.99 14.23 -0.84
N GLY C 232 17.17 13.68 0.04
CA GLY C 232 15.73 13.91 0.00
C GLY C 232 15.41 15.31 0.40
N CYS C 233 14.31 15.85 -0.12
CA CYS C 233 13.93 17.26 0.08
C CYS C 233 12.50 17.24 0.64
N ASP C 234 12.29 17.75 1.86
CA ASP C 234 10.98 17.89 2.53
C ASP C 234 10.44 16.58 3.08
N ALA C 235 10.87 15.43 2.57
CA ALA C 235 10.40 14.11 3.03
C ALA C 235 11.52 13.12 2.79
N ASP C 236 11.53 12.05 3.57
CA ASP C 236 12.45 10.91 3.33
C ASP C 236 12.09 10.31 1.97
N MET C 237 13.03 10.33 1.03
CA MET C 237 12.82 9.86 -0.35
C MET C 237 13.64 8.59 -0.59
N SER C 238 14.06 7.91 0.46
CA SER C 238 15.01 6.78 0.31
C SER C 238 14.36 5.64 -0.52
N LYS C 239 13.05 5.47 -0.46
CA LYS C 239 12.41 4.37 -1.24
C LYS C 239 12.63 4.54 -2.73
N PHE C 240 12.86 5.76 -3.23
CA PHE C 240 13.04 6.04 -4.67
C PHE C 240 14.48 5.77 -5.10
N ALA C 241 15.42 5.70 -4.17
CA ALA C 241 16.86 5.67 -4.50
C ALA C 241 17.64 5.29 -3.26
N PRO C 242 17.51 4.03 -2.82
CA PRO C 242 18.10 3.61 -1.56
C PRO C 242 19.63 3.67 -1.50
N LYS C 243 20.31 3.54 -2.65
CA LYS C 243 21.79 3.61 -2.66
C LYS C 243 22.26 5.07 -2.61
N ALA C 244 21.53 5.99 -3.23
CA ALA C 244 22.01 7.38 -3.40
C ALA C 244 21.57 8.24 -2.21
N HIS C 245 20.50 7.88 -1.50
CA HIS C 245 19.85 8.80 -0.52
C HIS C 245 20.70 8.90 0.76
N LEU C 246 21.46 9.96 0.98
CA LEU C 246 22.35 10.02 2.17
C LEU C 246 21.53 10.30 3.44
N THR C 247 20.53 11.15 3.31
CA THR C 247 19.58 11.59 4.34
C THR C 247 18.63 12.57 3.63
N ALA C 248 17.84 13.29 4.39
CA ALA C 248 16.83 14.23 3.85
C ALA C 248 16.58 15.27 4.90
N SER C 249 16.21 16.47 4.47
CA SER C 249 15.70 17.50 5.37
C SER C 249 14.19 17.39 5.37
N ILE C 250 13.62 16.79 6.41
CA ILE C 250 12.16 16.51 6.49
C ILE C 250 11.46 17.74 7.05
N SER C 251 10.37 18.17 6.41
CA SER C 251 9.56 19.32 6.82
C SER C 251 8.36 18.75 7.59
N ASN C 252 8.22 19.17 8.83
CA ASN C 252 7.13 18.77 9.73
C ASN C 252 6.27 20.02 9.99
N TRP C 253 5.17 20.14 9.26
CA TRP C 253 4.30 21.33 9.35
C TRP C 253 3.15 21.11 10.34
N GLY C 254 2.93 19.86 10.78
CA GLY C 254 1.70 19.47 11.50
C GLY C 254 1.58 20.21 12.81
N ASP C 255 2.64 20.40 13.58
CA ASP C 255 2.53 21.13 14.87
C ASP C 255 2.14 22.58 14.62
N PHE C 256 2.76 23.22 13.63
CA PHE C 256 2.41 24.64 13.28
C PHE C 256 0.97 24.72 12.84
N TYR C 257 0.51 23.84 11.97
CA TYR C 257 -0.88 23.86 11.43
C TYR C 257 -1.87 23.66 12.58
N THR C 258 -1.54 22.74 13.48
CA THR C 258 -2.40 22.44 14.65
C THR C 258 -2.48 23.69 15.56
N LYS C 259 -1.36 24.28 15.92
CA LYS C 259 -1.25 25.45 16.82
C LYS C 259 -2.02 26.63 16.19
N THR C 260 -1.87 26.81 14.87
CA THR C 260 -2.55 27.95 14.17
C THR C 260 -4.07 27.73 14.22
N ALA C 261 -4.56 26.55 13.87
CA ALA C 261 -5.99 26.23 13.88
C ALA C 261 -6.52 26.44 15.32
N GLN C 262 -5.79 25.99 16.33
N GLN C 262 -5.78 25.99 16.33
CA GLN C 262 -6.19 26.20 17.75
CA GLN C 262 -6.14 26.17 17.76
C GLN C 262 -6.32 27.69 18.08
C GLN C 262 -6.30 27.67 18.09
N ALA C 263 -5.36 28.52 17.66
CA ALA C 263 -5.37 29.98 17.93
C ALA C 263 -6.60 30.61 17.22
N VAL C 264 -6.93 30.18 15.99
CA VAL C 264 -8.13 30.75 15.31
C VAL C 264 -9.39 30.35 16.10
N MET C 265 -9.50 29.10 16.53
CA MET C 265 -10.65 28.61 17.32
C MET C 265 -10.75 29.37 18.64
N ALA C 266 -9.64 29.73 19.28
CA ALA C 266 -9.60 30.37 20.63
C ALA C 266 -9.77 31.88 20.53
N GLY C 267 -9.67 32.45 19.33
CA GLY C 267 -9.68 33.91 19.13
C GLY C 267 -8.40 34.58 19.57
N THR C 268 -7.25 33.88 19.57
CA THR C 268 -5.95 34.43 19.99
C THR C 268 -5.02 34.60 18.79
N TRP C 269 -5.48 34.29 17.59
CA TRP C 269 -4.63 34.39 16.37
C TRP C 269 -4.28 35.85 16.15
N LYS C 270 -3.05 36.13 15.78
CA LYS C 270 -2.65 37.47 15.30
C LYS C 270 -1.67 37.32 14.14
N SER C 271 -1.65 38.34 13.29
CA SER C 271 -0.72 38.42 12.15
C SER C 271 0.71 38.54 12.67
N GLU C 272 1.59 37.64 12.24
CA GLU C 272 3.03 37.76 12.52
C GLU C 272 3.81 36.97 11.49
N GLU C 273 5.12 37.19 11.46
CA GLU C 273 6.07 36.40 10.65
C GLU C 273 6.62 35.33 11.55
N VAL C 274 6.40 34.08 11.20
CA VAL C 274 6.78 32.90 12.01
C VAL C 274 7.84 32.16 11.20
N HIS C 275 8.96 31.84 11.84
CA HIS C 275 9.96 30.94 11.22
C HIS C 275 10.34 29.93 12.30
N TRP C 276 10.19 28.66 11.99
CA TRP C 276 10.57 27.56 12.90
C TRP C 276 11.68 26.76 12.22
N GLY C 277 12.57 26.21 13.02
CA GLY C 277 13.66 25.38 12.50
C GLY C 277 13.80 24.06 13.24
N MET C 278 15.02 23.62 13.39
CA MET C 278 15.30 22.33 14.06
C MET C 278 14.97 22.40 15.56
N ALA C 279 15.20 23.53 16.20
CA ALA C 279 14.88 23.67 17.66
C ALA C 279 13.38 23.51 17.89
N GLU C 280 12.52 23.95 16.95
CA GLU C 280 11.06 23.88 17.11
C GLU C 280 10.47 22.61 16.53
N GLY C 281 11.29 21.72 15.95
CA GLY C 281 10.86 20.46 15.35
C GLY C 281 10.26 20.56 13.94
N MET C 282 10.37 21.71 13.29
CA MET C 282 9.81 21.89 11.93
C MET C 282 10.74 21.28 10.89
N VAL C 283 12.02 21.21 11.21
CA VAL C 283 13.05 20.63 10.30
C VAL C 283 13.68 19.48 11.09
N LYS C 284 13.72 18.30 10.49
CA LYS C 284 14.28 17.08 11.09
C LYS C 284 15.11 16.39 10.02
N MET C 285 16.20 15.72 10.40
CA MET C 285 16.97 14.95 9.39
C MET C 285 16.52 13.48 9.40
N ALA C 286 16.41 12.88 8.22
CA ALA C 286 16.15 11.44 8.07
C ALA C 286 17.37 10.67 8.58
N PRO C 287 17.18 9.37 8.85
CA PRO C 287 18.32 8.52 9.19
C PRO C 287 19.43 8.56 8.15
N LEU C 288 20.66 8.30 8.56
CA LEU C 288 21.82 8.32 7.63
C LEU C 288 21.86 6.99 6.85
N ASN C 289 22.16 7.08 5.57
CA ASN C 289 22.47 5.92 4.72
C ASN C 289 23.65 5.14 5.34
N ALA C 290 23.63 3.82 5.20
CA ALA C 290 24.70 2.95 5.74
C ALA C 290 26.02 3.21 5.02
N ALA C 291 26.05 3.83 3.84
CA ALA C 291 27.29 4.23 3.14
C ALA C 291 28.10 5.27 3.92
N VAL C 292 27.47 6.03 4.84
CA VAL C 292 28.18 7.10 5.57
C VAL C 292 29.08 6.44 6.60
N PRO C 293 30.40 6.64 6.53
CA PRO C 293 31.30 5.99 7.49
C PRO C 293 31.19 6.58 8.89
N PRO C 294 31.64 5.85 9.91
CA PRO C 294 31.43 6.27 11.31
C PRO C 294 31.95 7.68 11.66
N ASP C 295 33.12 8.08 11.17
N ASP C 295 33.15 8.07 11.20
CA ASP C 295 33.70 9.42 11.52
CA ASP C 295 33.70 9.41 11.50
C ASP C 295 32.78 10.50 10.91
C ASP C 295 32.76 10.49 10.93
N ALA C 296 32.26 10.29 9.71
CA ALA C 296 31.34 11.26 9.07
C ALA C 296 30.04 11.34 9.86
N ALA C 297 29.48 10.20 10.23
CA ALA C 297 28.22 10.13 11.02
C ALA C 297 28.42 10.86 12.35
N LYS C 298 29.55 10.66 13.02
CA LYS C 298 29.83 11.33 14.30
C LYS C 298 29.86 12.86 14.13
N LEU C 299 30.53 13.36 13.11
CA LEU C 299 30.61 14.81 12.82
C LEU C 299 29.19 15.33 12.53
N PHE C 300 28.45 14.63 11.71
CA PHE C 300 27.07 15.04 11.37
C PHE C 300 26.25 15.18 12.65
N GLU C 301 26.34 14.21 13.56
CA GLU C 301 25.51 14.29 14.78
C GLU C 301 25.98 15.44 15.67
N GLU C 302 27.28 15.72 15.74
CA GLU C 302 27.83 16.85 16.52
C GLU C 302 27.32 18.16 15.95
N LYS C 303 27.34 18.33 14.63
CA LYS C 303 26.88 19.56 13.97
C LYS C 303 25.36 19.72 14.13
N LYS C 304 24.62 18.63 14.08
CA LYS C 304 23.15 18.66 14.30
C LYS C 304 22.88 19.21 15.70
N ALA C 305 23.55 18.65 16.72
CA ALA C 305 23.36 19.14 18.10
C ALA C 305 23.71 20.60 18.25
N ALA C 306 24.78 21.06 17.62
CA ALA C 306 25.19 22.48 17.64
C ALA C 306 24.18 23.35 16.90
N MET C 307 23.55 22.83 15.85
CA MET C 307 22.50 23.59 15.11
C MET C 307 21.27 23.78 16.01
N VAL C 308 20.85 22.72 16.68
CA VAL C 308 19.67 22.79 17.58
C VAL C 308 19.93 23.75 18.73
N SER C 309 21.13 23.77 19.31
CA SER C 309 21.47 24.60 20.50
C SER C 309 21.72 26.07 20.12
N GLY C 310 21.98 26.34 18.85
CA GLY C 310 22.38 27.70 18.38
C GLY C 310 23.84 27.97 18.60
N LYS C 311 24.65 26.96 18.95
CA LYS C 311 26.13 27.07 19.08
C LYS C 311 26.73 27.36 17.70
N ILE C 312 26.14 26.80 16.64
CA ILE C 312 26.50 27.21 15.25
C ILE C 312 25.24 27.70 14.58
N LYS C 313 25.41 28.67 13.69
CA LYS C 313 24.33 29.22 12.88
C LYS C 313 24.86 29.14 11.45
N PRO C 314 24.02 28.75 10.46
CA PRO C 314 24.55 28.58 9.11
C PRO C 314 25.23 29.84 8.59
N PHE C 315 24.74 31.01 8.94
CA PHE C 315 25.25 32.28 8.35
C PHE C 315 26.05 33.07 9.40
N GLN C 316 26.67 32.38 10.36
CA GLN C 316 27.69 33.02 11.21
C GLN C 316 28.89 33.43 10.35
N GLY C 317 29.50 34.55 10.71
CA GLY C 317 30.71 35.03 10.04
C GLY C 317 31.89 34.14 10.31
N PRO C 318 32.98 34.24 9.52
CA PRO C 318 33.03 35.19 8.40
C PRO C 318 32.33 34.66 7.13
N LEU C 319 31.74 35.55 6.36
CA LEU C 319 31.10 35.21 5.07
C LEU C 319 31.73 36.13 4.01
N LYS C 320 32.08 35.54 2.90
CA LYS C 320 32.60 36.28 1.73
C LYS C 320 31.70 36.08 0.52
N ASP C 321 31.63 37.11 -0.31
CA ASP C 321 30.87 37.02 -1.56
C ASP C 321 31.76 36.45 -2.67
N GLN C 322 31.22 36.42 -3.90
CA GLN C 322 31.91 35.73 -5.02
C GLN C 322 33.19 36.45 -5.45
N SER C 323 33.40 37.71 -5.05
CA SER C 323 34.67 38.42 -5.36
C SER C 323 35.61 38.32 -4.17
N GLY C 324 35.24 37.57 -3.14
CA GLY C 324 36.07 37.40 -1.94
C GLY C 324 35.93 38.57 -0.98
N ALA C 325 34.93 39.43 -1.12
CA ALA C 325 34.72 40.57 -0.20
C ALA C 325 34.10 40.04 1.08
N VAL C 326 34.56 40.52 2.22
CA VAL C 326 33.91 40.16 3.51
C VAL C 326 32.56 40.86 3.65
N LYS C 327 31.48 40.11 3.80
CA LYS C 327 30.12 40.62 3.98
C LYS C 327 29.69 40.57 5.44
N VAL C 328 30.20 39.60 6.19
CA VAL C 328 29.96 39.40 7.64
C VAL C 328 31.30 39.06 8.26
N ALA C 329 31.73 39.85 9.24
CA ALA C 329 33.02 39.62 9.93
C ALA C 329 32.95 38.38 10.84
N ALA C 330 34.06 37.72 11.07
CA ALA C 330 34.22 36.69 12.13
C ALA C 330 33.68 37.25 13.45
N GLY C 331 32.93 36.45 14.21
CA GLY C 331 32.33 36.85 15.50
C GLY C 331 31.00 37.55 15.35
N SER C 332 30.54 37.79 14.12
CA SER C 332 29.22 38.40 13.83
C SER C 332 28.36 37.37 13.07
N ASP C 333 27.05 37.62 13.02
CA ASP C 333 26.11 36.78 12.27
C ASP C 333 25.47 37.64 11.21
N LEU C 334 25.02 37.04 10.12
CA LEU C 334 24.25 37.77 9.09
C LEU C 334 22.99 38.31 9.76
N PRO C 335 22.72 39.63 9.68
CA PRO C 335 21.56 40.23 10.35
C PRO C 335 20.21 39.71 9.82
N LEU C 336 19.17 39.73 10.63
CA LEU C 336 17.87 39.07 10.32
C LEU C 336 17.27 39.63 9.02
N ALA C 337 17.36 40.93 8.74
CA ALA C 337 16.76 41.53 7.52
C ALA C 337 17.52 41.04 6.29
N SER C 338 18.85 40.86 6.39
CA SER C 338 19.68 40.39 5.25
C SER C 338 19.39 38.91 5.03
N LEU C 339 19.19 38.15 6.10
CA LEU C 339 18.85 36.69 6.01
C LEU C 339 17.50 36.56 5.34
N LYS C 340 16.51 37.36 5.77
CA LYS C 340 15.12 37.24 5.27
C LYS C 340 15.06 37.54 3.78
N GLY C 341 15.88 38.47 3.30
CA GLY C 341 15.85 38.94 1.91
C GLY C 341 17.05 38.47 1.11
N MET C 342 17.79 37.48 1.62
CA MET C 342 19.12 37.11 1.06
C MET C 342 19.05 36.96 -0.45
N ASN C 343 19.86 37.75 -1.15
CA ASN C 343 19.84 37.73 -2.63
C ASN C 343 21.23 37.69 -3.23
N TRP C 344 22.24 37.34 -2.47
CA TRP C 344 23.63 37.24 -2.96
C TRP C 344 24.19 35.86 -2.58
N TYR C 345 25.21 35.47 -3.28
CA TYR C 345 25.87 34.16 -3.17
C TYR C 345 27.22 34.22 -2.46
N VAL C 346 27.48 33.20 -1.65
CA VAL C 346 28.79 33.10 -0.97
C VAL C 346 29.85 32.66 -1.97
N GLN C 347 31.12 32.94 -1.63
CA GLN C 347 32.27 32.48 -2.43
C GLN C 347 32.22 30.95 -2.59
N GLY C 348 32.45 30.48 -3.81
CA GLY C 348 32.46 29.04 -4.12
C GLY C 348 31.20 28.59 -4.82
N VAL C 349 30.17 29.43 -4.91
CA VAL C 349 28.95 29.13 -5.72
C VAL C 349 29.25 29.50 -7.17
N GLU C 350 29.02 28.58 -8.08
CA GLU C 350 29.24 28.87 -9.53
C GLU C 350 28.14 28.22 -10.35
N GLY C 351 28.04 28.60 -11.61
CA GLY C 351 27.04 27.99 -12.52
C GLY C 351 27.60 26.79 -13.25
N THR C 352 26.98 26.43 -14.38
CA THR C 352 27.35 25.21 -15.14
C THR C 352 27.87 25.53 -16.55
N ILE C 353 28.58 26.63 -16.76
CA ILE C 353 29.33 26.85 -18.03
C ILE C 353 30.55 25.92 -18.04
N PRO C 354 30.74 25.07 -19.08
CA PRO C 354 31.91 24.20 -19.14
C PRO C 354 33.17 25.03 -19.49
N GLN D 22 20.64 -24.10 -16.91
CA GLN D 22 19.25 -24.38 -16.44
C GLN D 22 18.86 -25.82 -16.81
N GLU D 23 19.10 -26.77 -15.91
CA GLU D 23 18.52 -28.15 -15.91
C GLU D 23 17.00 -28.02 -15.99
N PRO D 24 16.24 -28.96 -16.61
CA PRO D 24 14.78 -28.95 -16.45
C PRO D 24 14.36 -29.12 -14.98
N LEU D 25 13.32 -28.42 -14.57
CA LEU D 25 12.70 -28.61 -13.23
C LEU D 25 11.97 -29.95 -13.19
N LYS D 26 12.33 -30.83 -12.26
CA LYS D 26 11.66 -32.12 -12.06
C LYS D 26 10.44 -31.88 -11.15
N VAL D 27 9.27 -32.19 -11.70
CA VAL D 27 7.97 -31.93 -11.03
C VAL D 27 7.24 -33.27 -10.92
N ALA D 28 6.75 -33.60 -9.73
CA ALA D 28 6.02 -34.86 -9.49
C ALA D 28 4.61 -34.54 -8.97
N PHE D 29 3.68 -35.39 -9.37
CA PHE D 29 2.25 -35.34 -8.99
C PHE D 29 1.89 -36.66 -8.34
N VAL D 30 1.23 -36.58 -7.18
CA VAL D 30 0.83 -37.77 -6.42
C VAL D 30 -0.71 -37.78 -6.42
N TYR D 31 -1.28 -38.81 -7.02
CA TYR D 31 -2.75 -38.97 -7.12
C TYR D 31 -3.23 -40.09 -6.20
N ALA D 32 -4.42 -39.90 -5.64
CA ALA D 32 -5.08 -40.88 -4.74
C ALA D 32 -5.91 -41.87 -5.57
N GLY D 33 -6.19 -41.52 -6.81
CA GLY D 33 -7.05 -42.34 -7.67
C GLY D 33 -6.39 -42.58 -9.02
N PRO D 34 -7.16 -43.16 -9.96
CA PRO D 34 -6.64 -43.39 -11.30
C PRO D 34 -6.96 -42.26 -12.26
N VAL D 35 -6.07 -42.06 -13.24
CA VAL D 35 -6.34 -41.11 -14.34
C VAL D 35 -7.59 -41.57 -15.12
N SER D 36 -7.90 -42.87 -15.07
CA SER D 36 -9.09 -43.46 -15.74
C SER D 36 -10.40 -43.14 -15.01
N ASP D 37 -10.40 -42.36 -13.91
CA ASP D 37 -11.67 -42.02 -13.23
C ASP D 37 -12.54 -41.14 -14.16
N ALA D 38 -11.95 -40.44 -15.13
CA ALA D 38 -12.62 -39.46 -16.03
C ALA D 38 -13.22 -38.31 -15.22
N GLY D 39 -12.68 -38.09 -14.01
CA GLY D 39 -13.16 -37.03 -13.10
C GLY D 39 -11.99 -36.36 -12.41
N TYR D 40 -11.95 -36.47 -11.08
CA TYR D 40 -11.03 -35.68 -10.24
C TYR D 40 -9.57 -35.89 -10.66
N THR D 41 -9.11 -37.12 -10.69
CA THR D 41 -7.68 -37.40 -10.96
C THR D 41 -7.38 -37.04 -12.40
N TYR D 42 -8.27 -37.45 -13.33
CA TYR D 42 -8.18 -37.07 -14.74
C TYR D 42 -7.93 -35.55 -14.88
N ALA D 43 -8.68 -34.71 -14.15
CA ALA D 43 -8.57 -33.26 -14.22
C ALA D 43 -7.21 -32.78 -13.68
N HIS D 44 -6.75 -33.31 -12.57
CA HIS D 44 -5.39 -32.97 -12.07
C HIS D 44 -4.36 -33.33 -13.15
N ASP D 45 -4.50 -34.50 -13.75
CA ASP D 45 -3.52 -34.99 -14.76
C ASP D 45 -3.62 -34.11 -16.02
N GLN D 46 -4.80 -33.65 -16.41
CA GLN D 46 -4.92 -32.64 -17.51
C GLN D 46 -4.15 -31.37 -17.14
N GLY D 47 -4.16 -30.98 -15.86
CA GLY D 47 -3.40 -29.81 -15.43
C GLY D 47 -1.90 -30.05 -15.57
N ARG D 48 -1.41 -31.25 -15.17
CA ARG D 48 0.00 -31.64 -15.36
C ARG D 48 0.34 -31.51 -16.85
N LEU D 49 -0.49 -32.10 -17.71
CA LEU D 49 -0.22 -32.08 -19.18
C LEU D 49 -0.26 -30.66 -19.71
N ALA D 50 -1.12 -29.78 -19.21
CA ALA D 50 -1.15 -28.35 -19.62
C ALA D 50 0.16 -27.67 -19.22
N MET D 51 0.65 -27.94 -18.01
CA MET D 51 1.94 -27.39 -17.55
C MET D 51 3.05 -27.82 -18.50
N GLU D 52 3.08 -29.11 -18.87
N GLU D 52 3.07 -29.10 -18.89
CA GLU D 52 4.10 -29.66 -19.80
CA GLU D 52 4.08 -29.72 -19.80
C GLU D 52 3.99 -28.97 -21.17
C GLU D 52 4.00 -29.05 -21.19
N LYS D 53 2.78 -28.78 -21.69
CA LYS D 53 2.58 -28.08 -22.99
C LYS D 53 3.05 -26.63 -22.89
N ASN D 54 2.72 -25.95 -21.80
CA ASN D 54 3.01 -24.51 -21.60
C ASN D 54 4.52 -24.26 -21.43
N LEU D 55 5.24 -25.15 -20.73
CA LEU D 55 6.65 -24.88 -20.32
C LEU D 55 7.63 -25.75 -21.12
N GLY D 56 7.14 -26.75 -21.86
CA GLY D 56 7.94 -27.65 -22.73
C GLY D 56 9.14 -28.25 -22.01
N ALA D 57 10.33 -28.12 -22.59
CA ALA D 57 11.56 -28.79 -22.09
C ALA D 57 12.06 -28.16 -20.78
N LYS D 58 11.51 -27.02 -20.32
CA LYS D 58 11.89 -26.40 -19.00
C LYS D 58 11.41 -27.27 -17.82
N VAL D 59 10.46 -28.20 -18.05
CA VAL D 59 9.96 -29.10 -16.96
C VAL D 59 9.98 -30.55 -17.43
N LYS D 60 10.15 -31.46 -16.49
CA LYS D 60 10.00 -32.91 -16.69
C LYS D 60 9.07 -33.40 -15.58
N SER D 61 7.85 -33.77 -15.95
CA SER D 61 6.83 -34.21 -14.98
C SER D 61 6.81 -35.73 -14.90
N SER D 62 6.41 -36.22 -13.74
CA SER D 62 6.01 -37.61 -13.55
C SER D 62 4.84 -37.65 -12.57
N TYR D 63 4.23 -38.80 -12.46
CA TYR D 63 3.08 -38.98 -11.59
C TYR D 63 3.03 -40.41 -11.09
N VAL D 64 2.34 -40.56 -9.98
CA VAL D 64 2.05 -41.86 -9.34
C VAL D 64 0.55 -41.87 -9.08
N GLU D 65 -0.14 -42.90 -9.53
CA GLU D 65 -1.61 -42.98 -9.32
C GLU D 65 -1.96 -44.00 -8.26
N ASN D 66 -3.19 -43.90 -7.76
CA ASN D 66 -3.78 -44.88 -6.81
C ASN D 66 -2.96 -44.99 -5.54
N VAL D 67 -2.40 -43.89 -5.05
CA VAL D 67 -1.57 -43.91 -3.81
C VAL D 67 -2.49 -43.89 -2.61
N PRO D 68 -2.42 -44.92 -1.73
CA PRO D 68 -3.21 -44.94 -0.51
C PRO D 68 -2.73 -43.86 0.48
N GLU D 69 -3.53 -43.61 1.50
CA GLU D 69 -3.18 -42.69 2.61
C GLU D 69 -2.21 -43.38 3.60
N GLY D 70 -1.65 -42.58 4.55
CA GLY D 70 -0.80 -43.05 5.66
C GLY D 70 0.57 -43.49 5.16
N ALA D 71 1.00 -44.69 5.53
CA ALA D 71 2.41 -45.15 5.43
C ALA D 71 2.81 -45.24 3.95
N ASP D 72 1.90 -45.71 3.10
CA ASP D 72 2.19 -45.85 1.65
C ASP D 72 2.39 -44.44 1.09
N ALA D 73 1.53 -43.48 1.45
CA ALA D 73 1.63 -42.12 0.85
C ALA D 73 2.98 -41.52 1.28
N GLU D 74 3.32 -41.63 2.57
CA GLU D 74 4.59 -41.06 3.06
C GLU D 74 5.75 -41.68 2.29
N ARG D 75 5.76 -43.01 2.10
CA ARG D 75 6.87 -43.70 1.40
C ARG D 75 6.97 -43.20 -0.04
N VAL D 76 5.84 -43.04 -0.75
CA VAL D 76 5.83 -42.57 -2.15
C VAL D 76 6.36 -41.13 -2.21
N ILE D 77 5.83 -40.25 -1.34
CA ILE D 77 6.22 -38.80 -1.41
C ILE D 77 7.73 -38.69 -1.09
N ARG D 78 8.19 -39.44 -0.08
CA ARG D 78 9.63 -39.44 0.34
C ARG D 78 10.48 -39.90 -0.84
N LYS D 79 10.08 -40.97 -1.52
CA LYS D 79 10.86 -41.51 -2.67
C LYS D 79 10.95 -40.46 -3.77
N LEU D 80 9.85 -39.75 -4.09
CA LEU D 80 9.90 -38.70 -5.12
C LEU D 80 10.87 -37.57 -4.68
N ALA D 81 10.91 -37.21 -3.41
CA ALA D 81 11.80 -36.13 -2.91
C ALA D 81 13.26 -36.65 -2.98
N ALA D 82 13.48 -37.91 -2.60
CA ALA D 82 14.82 -38.55 -2.62
C ALA D 82 15.33 -38.69 -4.06
N ASP D 83 14.44 -38.80 -5.05
CA ASP D 83 14.81 -39.03 -6.46
C ASP D 83 15.12 -37.71 -7.17
N GLY D 84 15.03 -36.55 -6.50
CA GLY D 84 15.44 -35.27 -7.11
C GLY D 84 14.31 -34.40 -7.65
N ASN D 85 13.05 -34.75 -7.41
CA ASN D 85 11.95 -33.82 -7.75
C ASN D 85 12.09 -32.58 -6.88
N LYS D 86 11.97 -31.40 -7.47
CA LYS D 86 12.16 -30.11 -6.76
C LYS D 86 10.81 -29.48 -6.43
N LEU D 87 9.73 -29.99 -7.03
CA LEU D 87 8.36 -29.47 -6.83
C LEU D 87 7.45 -30.69 -6.87
N ILE D 88 6.71 -30.90 -5.79
CA ILE D 88 5.83 -32.07 -5.61
C ILE D 88 4.44 -31.58 -5.24
N PHE D 89 3.46 -31.96 -6.06
CA PHE D 89 2.02 -31.70 -5.80
C PHE D 89 1.39 -32.96 -5.24
N THR D 90 0.78 -32.86 -4.06
CA THR D 90 0.04 -33.98 -3.45
C THR D 90 -1.44 -33.63 -3.53
N THR D 91 -2.17 -34.34 -4.38
CA THR D 91 -3.47 -33.85 -4.90
C THR D 91 -4.69 -34.35 -4.14
N SER D 92 -4.56 -34.85 -2.94
CA SER D 92 -5.68 -35.39 -2.14
C SER D 92 -5.60 -34.87 -0.72
N PHE D 93 -6.75 -34.58 -0.12
CA PHE D 93 -6.88 -34.21 1.30
C PHE D 93 -6.14 -35.24 2.18
N GLY D 94 -6.24 -36.51 1.84
CA GLY D 94 -5.71 -37.63 2.65
C GLY D 94 -4.19 -37.62 2.70
N PHE D 95 -3.53 -36.82 1.87
CA PHE D 95 -2.04 -36.76 1.85
C PHE D 95 -1.54 -35.65 2.77
N MET D 96 -2.41 -34.95 3.49
CA MET D 96 -2.03 -33.76 4.25
C MET D 96 -0.90 -34.08 5.25
N ASN D 97 -1.10 -35.05 6.13
CA ASN D 97 -0.11 -35.31 7.22
C ASN D 97 1.17 -35.92 6.65
N PRO D 98 1.13 -36.91 5.75
CA PRO D 98 2.34 -37.39 5.09
C PRO D 98 3.14 -36.28 4.40
N THR D 99 2.44 -35.37 3.69
CA THR D 99 3.15 -34.27 3.02
C THR D 99 3.87 -33.40 4.05
N GLU D 100 3.20 -33.06 5.16
CA GLU D 100 3.77 -32.20 6.21
C GLU D 100 5.04 -32.87 6.76
N ARG D 101 5.00 -34.17 6.97
CA ARG D 101 6.15 -34.92 7.56
C ARG D 101 7.33 -34.96 6.57
N VAL D 102 7.05 -35.23 5.29
CA VAL D 102 8.12 -35.28 4.28
C VAL D 102 8.69 -33.87 4.08
N ALA D 103 7.86 -32.82 4.02
CA ALA D 103 8.33 -31.44 3.76
C ALA D 103 9.39 -31.06 4.82
N LYS D 104 9.18 -31.48 6.08
CA LYS D 104 10.13 -31.13 7.19
C LYS D 104 11.52 -31.72 6.89
N ALA D 105 11.57 -32.87 6.24
CA ALA D 105 12.80 -33.65 6.02
C ALA D 105 13.49 -33.18 4.76
N PHE D 106 12.82 -32.43 3.86
CA PHE D 106 13.37 -32.07 2.54
C PHE D 106 13.23 -30.57 2.34
N PRO D 107 14.03 -29.73 3.04
CA PRO D 107 13.84 -28.28 2.98
C PRO D 107 14.22 -27.67 1.63
N ASN D 108 14.87 -28.43 0.77
CA ASN D 108 15.30 -27.99 -0.60
C ASN D 108 14.17 -28.25 -1.63
N VAL D 109 13.07 -28.91 -1.22
CA VAL D 109 11.99 -29.32 -2.14
C VAL D 109 10.76 -28.46 -1.81
N VAL D 110 10.03 -28.03 -2.85
CA VAL D 110 8.75 -27.30 -2.69
C VAL D 110 7.60 -28.30 -2.77
N PHE D 111 6.73 -28.25 -1.79
CA PHE D 111 5.54 -29.12 -1.67
C PHE D 111 4.30 -28.22 -1.77
N GLU D 112 3.33 -28.69 -2.55
CA GLU D 112 2.02 -28.03 -2.69
C GLU D 112 0.96 -29.09 -2.42
N HIS D 113 0.13 -28.87 -1.41
CA HIS D 113 -0.87 -29.83 -0.96
C HIS D 113 -2.26 -29.34 -1.31
N ALA D 114 -3.03 -30.15 -2.01
CA ALA D 114 -4.41 -29.78 -2.42
C ALA D 114 -5.37 -29.92 -1.23
N THR D 115 -6.04 -28.84 -0.87
CA THR D 115 -7.18 -28.74 0.06
C THR D 115 -6.77 -28.81 1.53
N GLY D 116 -5.47 -28.80 1.85
CA GLY D 116 -5.02 -28.90 3.24
C GLY D 116 -5.02 -27.58 4.00
N VAL D 117 -4.67 -27.66 5.27
CA VAL D 117 -4.62 -26.48 6.20
C VAL D 117 -3.23 -26.36 6.84
N LYS D 118 -2.27 -27.22 6.48
CA LYS D 118 -0.91 -27.21 7.07
C LYS D 118 0.02 -26.55 6.06
N LEU D 119 0.76 -25.55 6.53
CA LEU D 119 1.79 -24.82 5.79
C LEU D 119 3.10 -24.85 6.55
N ALA D 120 4.16 -24.60 5.81
CA ALA D 120 5.56 -24.51 6.32
C ALA D 120 6.35 -23.69 5.34
N LYS D 121 7.63 -23.42 5.62
CA LYS D 121 8.47 -22.59 4.72
C LYS D 121 8.46 -23.17 3.31
N ASN D 122 8.41 -24.49 3.16
CA ASN D 122 8.50 -25.17 1.84
C ASN D 122 7.20 -25.93 1.55
N LEU D 123 6.09 -25.53 2.19
CA LEU D 123 4.80 -26.24 2.01
C LEU D 123 3.70 -25.20 1.85
N GLY D 124 3.10 -25.17 0.67
CA GLY D 124 1.91 -24.34 0.39
C GLY D 124 0.67 -25.22 0.22
N VAL D 125 -0.50 -24.61 0.26
CA VAL D 125 -1.78 -25.35 0.04
C VAL D 125 -2.55 -24.64 -1.06
N TYR D 126 -3.30 -25.42 -1.82
CA TYR D 126 -4.07 -24.85 -2.93
C TYR D 126 -5.38 -25.60 -3.04
N GLU D 127 -6.37 -24.86 -3.53
CA GLU D 127 -7.69 -25.49 -3.78
C GLU D 127 -8.49 -24.57 -4.68
N SER D 128 -9.56 -25.11 -5.20
CA SER D 128 -10.53 -24.38 -6.02
C SER D 128 -11.69 -23.99 -5.13
N ARG D 129 -12.41 -22.97 -5.55
CA ARG D 129 -13.72 -22.60 -4.94
C ARG D 129 -14.82 -23.32 -5.71
N GLN D 130 -14.77 -24.64 -5.75
CA GLN D 130 -15.73 -25.44 -6.58
C GLN D 130 -17.15 -25.19 -6.10
N TYR D 131 -17.35 -24.77 -4.84
CA TYR D 131 -18.70 -24.54 -4.28
C TYR D 131 -19.41 -23.40 -5.04
N GLU D 132 -18.65 -22.54 -5.74
CA GLU D 132 -19.29 -21.54 -6.65
C GLU D 132 -20.04 -22.28 -7.76
N GLY D 133 -19.40 -23.27 -8.37
CA GLY D 133 -20.00 -24.15 -9.38
C GLY D 133 -21.16 -24.93 -8.79
N THR D 134 -20.98 -25.48 -7.58
CA THR D 134 -22.04 -26.32 -6.98
C THR D 134 -23.29 -25.47 -6.69
N TYR D 135 -23.11 -24.20 -6.33
CA TYR D 135 -24.26 -23.30 -6.07
C TYR D 135 -25.07 -23.19 -7.38
N LEU D 136 -24.38 -22.99 -8.50
CA LEU D 136 -25.04 -22.90 -9.83
C LEU D 136 -25.69 -24.22 -10.18
N GLN D 137 -25.10 -25.38 -9.83
CA GLN D 137 -25.79 -26.66 -10.06
C GLN D 137 -27.12 -26.66 -9.28
N GLY D 138 -27.10 -26.16 -8.04
CA GLY D 138 -28.30 -26.11 -7.20
C GLY D 138 -29.39 -25.25 -7.83
N VAL D 139 -29.02 -24.10 -8.38
CA VAL D 139 -29.98 -23.23 -9.10
C VAL D 139 -30.64 -24.05 -10.22
N LEU D 140 -29.84 -24.71 -11.05
CA LEU D 140 -30.40 -25.49 -12.16
C LEU D 140 -31.21 -26.69 -11.63
N ALA D 141 -30.73 -27.36 -10.57
CA ALA D 141 -31.46 -28.49 -10.00
C ALA D 141 -32.88 -28.06 -9.63
N ALA D 142 -33.04 -26.89 -9.05
CA ALA D 142 -34.35 -26.40 -8.57
C ALA D 142 -35.29 -26.20 -9.77
N LYS D 143 -34.73 -25.78 -10.91
CA LYS D 143 -35.51 -25.60 -12.15
C LYS D 143 -35.88 -26.93 -12.78
N MET D 144 -35.10 -28.00 -12.56
CA MET D 144 -35.28 -29.26 -13.30
C MET D 144 -35.98 -30.33 -12.44
N THR D 145 -36.00 -30.17 -11.12
CA THR D 145 -36.57 -31.22 -10.21
C THR D 145 -38.10 -31.28 -10.39
N LYS D 146 -38.67 -32.47 -10.28
CA LYS D 146 -40.14 -32.65 -10.17
C LYS D 146 -40.53 -32.95 -8.71
N THR D 147 -39.64 -33.58 -7.93
CA THR D 147 -39.97 -33.98 -6.54
C THR D 147 -39.70 -32.86 -5.53
N GLY D 148 -38.90 -31.86 -5.86
CA GLY D 148 -38.38 -30.88 -4.91
C GLY D 148 -37.38 -31.44 -3.90
N VAL D 149 -36.83 -32.61 -4.21
CA VAL D 149 -35.78 -33.28 -3.40
C VAL D 149 -34.58 -33.51 -4.30
N ILE D 150 -33.43 -32.95 -3.91
CA ILE D 150 -32.17 -33.17 -4.66
C ILE D 150 -31.23 -34.00 -3.79
N GLY D 151 -30.25 -34.62 -4.40
CA GLY D 151 -29.40 -35.58 -3.71
C GLY D 151 -27.94 -35.31 -3.91
N PHE D 152 -27.14 -35.73 -2.94
CA PHE D 152 -25.69 -35.48 -2.90
C PHE D 152 -25.00 -36.76 -2.42
N VAL D 153 -24.13 -37.32 -3.26
CA VAL D 153 -23.26 -38.47 -2.92
C VAL D 153 -21.98 -37.94 -2.31
N GLY D 154 -21.86 -38.07 -0.99
CA GLY D 154 -20.73 -37.60 -0.21
C GLY D 154 -19.62 -38.60 -0.03
N SER D 155 -18.40 -38.12 -0.02
CA SER D 155 -17.17 -38.93 0.23
C SER D 155 -16.93 -38.98 1.76
N PHE D 156 -16.38 -37.91 2.30
CA PHE D 156 -16.08 -37.72 3.74
C PHE D 156 -16.51 -36.32 4.14
N PRO D 157 -16.95 -36.14 5.40
CA PRO D 157 -17.38 -34.82 5.89
C PRO D 157 -16.24 -33.89 6.22
N VAL D 158 -15.49 -33.49 5.22
CA VAL D 158 -14.38 -32.51 5.33
C VAL D 158 -14.88 -31.18 4.77
N PRO D 159 -14.20 -30.06 5.07
CA PRO D 159 -14.72 -28.76 4.68
C PRO D 159 -15.07 -28.59 3.18
N GLU D 160 -14.21 -29.12 2.31
CA GLU D 160 -14.53 -29.05 0.85
C GLU D 160 -15.92 -29.61 0.59
N VAL D 161 -16.24 -30.76 1.14
CA VAL D 161 -17.48 -31.50 0.83
C VAL D 161 -18.66 -30.83 1.52
N ILE D 162 -18.47 -30.36 2.76
CA ILE D 162 -19.59 -29.70 3.48
C ILE D 162 -19.91 -28.39 2.77
N ARG D 163 -18.90 -27.65 2.30
CA ARG D 163 -19.16 -26.42 1.50
C ARG D 163 -19.99 -26.79 0.27
N ASN D 164 -19.63 -27.86 -0.42
CA ASN D 164 -20.38 -28.25 -1.64
C ASN D 164 -21.81 -28.66 -1.32
N ILE D 165 -22.05 -29.43 -0.26
CA ILE D 165 -23.41 -29.84 0.13
C ILE D 165 -24.24 -28.58 0.42
N ASN D 166 -23.65 -27.65 1.19
CA ASN D 166 -24.39 -26.45 1.61
C ASN D 166 -24.62 -25.57 0.38
N ALA D 167 -23.63 -25.42 -0.50
CA ALA D 167 -23.81 -24.55 -1.68
C ALA D 167 -24.87 -25.11 -2.61
N TYR D 168 -24.90 -26.41 -2.82
CA TYR D 168 -25.93 -27.09 -3.66
C TYR D 168 -27.31 -26.74 -3.11
N THR D 169 -27.45 -26.87 -1.79
CA THR D 169 -28.71 -26.62 -1.08
C THR D 169 -29.12 -25.12 -1.20
N LEU D 170 -28.18 -24.21 -0.96
CA LEU D 170 -28.50 -22.75 -0.97
C LEU D 170 -28.81 -22.33 -2.41
N GLY D 171 -28.09 -22.86 -3.38
CA GLY D 171 -28.40 -22.53 -4.79
C GLY D 171 -29.81 -22.98 -5.15
N ALA D 172 -30.22 -24.17 -4.76
CA ALA D 172 -31.57 -24.68 -5.06
C ALA D 172 -32.61 -23.83 -4.32
N GLN D 173 -32.33 -23.51 -3.05
CA GLN D 173 -33.32 -22.76 -2.21
C GLN D 173 -33.46 -21.33 -2.71
N SER D 174 -32.48 -20.77 -3.43
CA SER D 174 -32.58 -19.40 -4.01
C SER D 174 -33.70 -19.37 -5.07
N VAL D 175 -34.05 -20.51 -5.63
CA VAL D 175 -35.14 -20.67 -6.62
C VAL D 175 -36.41 -21.13 -5.90
N ASN D 176 -36.31 -22.19 -5.11
CA ASN D 176 -37.46 -22.81 -4.41
C ASN D 176 -37.06 -23.08 -2.97
N PRO D 177 -37.48 -22.22 -2.02
CA PRO D 177 -37.07 -22.39 -0.63
C PRO D 177 -37.54 -23.69 0.02
N LYS D 178 -38.45 -24.44 -0.58
CA LYS D 178 -38.95 -25.72 0.00
C LYS D 178 -38.00 -26.89 -0.32
N ILE D 179 -37.01 -26.68 -1.17
CA ILE D 179 -36.15 -27.82 -1.63
C ILE D 179 -35.39 -28.36 -0.41
N LYS D 180 -35.28 -29.67 -0.36
CA LYS D 180 -34.44 -30.39 0.61
C LYS D 180 -33.34 -31.15 -0.15
N THR D 181 -32.21 -31.28 0.51
CA THR D 181 -31.04 -32.03 -0.03
C THR D 181 -30.86 -33.30 0.82
N LYS D 182 -30.94 -34.46 0.21
CA LYS D 182 -30.58 -35.72 0.89
C LYS D 182 -29.13 -36.05 0.61
N VAL D 183 -28.40 -36.41 1.64
CA VAL D 183 -26.95 -36.74 1.58
C VAL D 183 -26.81 -38.21 1.96
N ILE D 184 -25.99 -38.90 1.18
CA ILE D 184 -25.55 -40.28 1.56
C ILE D 184 -24.04 -40.28 1.55
N TRP D 185 -23.42 -40.97 2.50
CA TRP D 185 -21.97 -40.99 2.68
C TRP D 185 -21.43 -42.35 2.22
N VAL D 186 -20.41 -42.35 1.37
CA VAL D 186 -19.77 -43.64 0.96
C VAL D 186 -18.40 -43.85 1.59
N SER D 187 -17.80 -42.86 2.27
CA SER D 187 -16.50 -43.00 2.99
C SER D 187 -15.40 -43.46 2.04
N THR D 188 -15.43 -42.91 0.85
CA THR D 188 -14.35 -43.08 -0.15
C THR D 188 -14.48 -41.92 -1.12
N TRP D 189 -13.37 -41.54 -1.77
CA TRP D 189 -13.44 -40.56 -2.87
C TRP D 189 -13.78 -41.24 -4.20
N TYR D 190 -13.49 -42.53 -4.33
CA TYR D 190 -13.55 -43.21 -5.63
C TYR D 190 -13.84 -44.71 -5.39
N ASP D 191 -15.00 -45.13 -5.80
CA ASP D 191 -15.37 -46.58 -5.84
C ASP D 191 -16.65 -46.67 -6.62
N PRO D 192 -16.56 -46.90 -7.95
CA PRO D 192 -17.71 -46.80 -8.77
C PRO D 192 -18.90 -47.63 -8.28
N ALA D 193 -18.66 -48.83 -7.77
CA ALA D 193 -19.78 -49.69 -7.30
C ALA D 193 -20.47 -49.04 -6.09
N LYS D 194 -19.70 -48.53 -5.14
CA LYS D 194 -20.28 -47.89 -3.94
C LYS D 194 -21.01 -46.59 -4.33
N GLU D 195 -20.43 -45.83 -5.28
CA GLU D 195 -21.08 -44.58 -5.75
C GLU D 195 -22.44 -44.93 -6.38
N ARG D 196 -22.46 -45.98 -7.21
N ARG D 196 -22.49 -45.99 -7.20
CA ARG D 196 -23.68 -46.42 -7.91
CA ARG D 196 -23.71 -46.45 -7.88
C ARG D 196 -24.76 -46.79 -6.86
C ARG D 196 -24.78 -46.79 -6.86
N GLN D 197 -24.41 -47.56 -5.84
CA GLN D 197 -25.37 -47.99 -4.81
C GLN D 197 -25.93 -46.73 -4.11
N ALA D 198 -25.08 -45.76 -3.83
CA ALA D 198 -25.49 -44.53 -3.12
C ALA D 198 -26.48 -43.78 -4.00
N ALA D 199 -26.20 -43.64 -5.30
CA ALA D 199 -27.11 -42.94 -6.22
C ALA D 199 -28.47 -43.68 -6.31
N GLU D 200 -28.45 -45.03 -6.35
CA GLU D 200 -29.70 -45.82 -6.39
C GLU D 200 -30.52 -45.53 -5.11
N THR D 201 -29.87 -45.45 -3.96
CA THR D 201 -30.56 -45.22 -2.66
C THR D 201 -31.16 -43.82 -2.68
N LEU D 202 -30.40 -42.82 -3.13
CA LEU D 202 -30.95 -41.44 -3.19
C LEU D 202 -32.20 -41.40 -4.07
N ILE D 203 -32.17 -42.06 -5.23
CA ILE D 203 -33.29 -42.02 -6.18
C ILE D 203 -34.49 -42.77 -5.55
N ALA D 204 -34.22 -43.88 -4.89
CA ALA D 204 -35.27 -44.65 -4.17
C ALA D 204 -35.95 -43.76 -3.12
N GLN D 205 -35.21 -42.83 -2.51
N GLN D 205 -35.22 -42.82 -2.51
CA GLN D 205 -35.73 -41.95 -1.44
CA GLN D 205 -35.77 -41.97 -1.44
C GLN D 205 -36.22 -40.61 -2.02
C GLN D 205 -36.28 -40.63 -2.00
N GLY D 206 -36.41 -40.50 -3.33
CA GLY D 206 -37.16 -39.40 -3.97
C GLY D 206 -36.29 -38.26 -4.50
N ALA D 207 -34.97 -38.38 -4.46
CA ALA D 207 -34.10 -37.33 -5.03
C ALA D 207 -34.12 -37.51 -6.55
N ASP D 208 -34.27 -36.45 -7.34
CA ASP D 208 -34.34 -36.67 -8.81
C ASP D 208 -33.31 -35.82 -9.57
N VAL D 209 -32.49 -35.06 -8.86
CA VAL D 209 -31.33 -34.36 -9.45
C VAL D 209 -30.16 -34.56 -8.50
N LEU D 210 -29.12 -35.23 -8.97
CA LEU D 210 -28.01 -35.67 -8.07
C LEU D 210 -26.71 -34.95 -8.42
N THR D 211 -25.92 -34.69 -7.39
CA THR D 211 -24.51 -34.29 -7.57
C THR D 211 -23.67 -35.10 -6.58
N GLN D 212 -22.36 -34.88 -6.58
CA GLN D 212 -21.47 -35.76 -5.81
C GLN D 212 -20.19 -35.02 -5.44
N ASN D 213 -19.42 -35.58 -4.51
CA ASN D 213 -18.02 -35.16 -4.26
C ASN D 213 -17.10 -36.38 -4.37
N THR D 214 -17.62 -37.49 -4.86
CA THR D 214 -16.79 -38.65 -5.29
C THR D 214 -16.34 -38.40 -6.73
N ASN D 215 -15.62 -39.33 -7.33
CA ASN D 215 -14.75 -39.00 -8.47
C ASN D 215 -15.14 -39.73 -9.75
N SER D 216 -16.20 -40.52 -9.79
CA SER D 216 -16.51 -41.35 -10.99
C SER D 216 -17.79 -40.87 -11.66
N PRO D 217 -18.06 -41.34 -12.90
CA PRO D 217 -19.34 -41.14 -13.54
C PRO D 217 -20.50 -42.05 -13.11
N ALA D 218 -20.33 -42.84 -12.06
CA ALA D 218 -21.31 -43.88 -11.67
C ALA D 218 -22.67 -43.27 -11.35
N THR D 219 -22.73 -42.13 -10.64
CA THR D 219 -24.01 -41.49 -10.29
C THR D 219 -24.75 -41.07 -11.56
N LEU D 220 -24.01 -40.50 -12.53
CA LEU D 220 -24.62 -40.12 -13.82
C LEU D 220 -25.19 -41.35 -14.53
N GLN D 221 -24.45 -42.44 -14.55
CA GLN D 221 -24.91 -43.67 -15.24
C GLN D 221 -26.20 -44.15 -14.58
N VAL D 222 -26.28 -44.14 -13.24
CA VAL D 222 -27.52 -44.51 -12.53
C VAL D 222 -28.64 -43.54 -12.89
N ALA D 223 -28.36 -42.23 -12.91
CA ALA D 223 -29.41 -41.24 -13.23
C ALA D 223 -29.98 -41.54 -14.61
N GLN D 224 -29.11 -41.83 -15.58
CA GLN D 224 -29.63 -42.08 -16.96
C GLN D 224 -30.49 -43.37 -16.95
N GLU D 225 -30.04 -44.42 -16.27
CA GLU D 225 -30.80 -45.70 -16.22
C GLU D 225 -32.19 -45.45 -15.61
N LYS D 226 -32.30 -44.55 -14.63
CA LYS D 226 -33.56 -44.32 -13.87
C LYS D 226 -34.37 -43.14 -14.41
N GLY D 227 -33.92 -42.47 -15.47
CA GLY D 227 -34.59 -41.31 -16.06
C GLY D 227 -34.51 -40.07 -15.21
N LYS D 228 -33.42 -39.90 -14.47
CA LYS D 228 -33.21 -38.75 -13.58
C LYS D 228 -32.05 -37.90 -14.12
N TYR D 229 -31.72 -36.84 -13.40
CA TYR D 229 -30.63 -35.92 -13.85
C TYR D 229 -29.50 -35.94 -12.85
N ALA D 230 -28.31 -35.60 -13.35
CA ALA D 230 -27.14 -35.47 -12.46
C ALA D 230 -26.12 -34.54 -13.12
N PHE D 231 -25.06 -34.25 -12.40
CA PHE D 231 -23.99 -33.33 -12.86
C PHE D 231 -22.68 -34.10 -12.96
N GLY D 232 -21.87 -33.75 -13.97
CA GLY D 232 -20.47 -34.15 -13.99
C GLY D 232 -19.65 -33.44 -12.92
N CYS D 233 -18.60 -34.09 -12.45
CA CYS D 233 -17.76 -33.63 -11.33
C CYS D 233 -16.31 -33.54 -11.82
N ASP D 234 -15.75 -32.32 -11.86
CA ASP D 234 -14.33 -32.03 -12.18
C ASP D 234 -14.06 -32.08 -13.68
N ALA D 235 -14.88 -32.79 -14.45
CA ALA D 235 -14.75 -32.86 -15.92
C ALA D 235 -16.15 -33.04 -16.51
N ASP D 236 -16.30 -32.70 -17.77
CA ASP D 236 -17.50 -33.01 -18.54
C ASP D 236 -17.62 -34.52 -18.65
N MET D 237 -18.72 -35.08 -18.14
CA MET D 237 -18.93 -36.54 -18.09
C MET D 237 -20.11 -36.89 -19.00
N SER D 238 -20.47 -36.00 -19.94
CA SER D 238 -21.72 -36.19 -20.73
C SER D 238 -21.64 -37.49 -21.57
N LYS D 239 -20.45 -37.93 -21.99
CA LYS D 239 -20.37 -39.12 -22.88
C LYS D 239 -20.88 -40.35 -22.13
N PHE D 240 -20.81 -40.36 -20.78
CA PHE D 240 -21.22 -41.51 -19.96
C PHE D 240 -22.73 -41.54 -19.76
N ALA D 241 -23.42 -40.43 -19.98
CA ALA D 241 -24.87 -40.30 -19.66
C ALA D 241 -25.42 -39.06 -20.31
N PRO D 242 -25.56 -39.06 -21.66
CA PRO D 242 -25.91 -37.84 -22.36
C PRO D 242 -27.29 -37.27 -22.05
N LYS D 243 -28.24 -38.13 -21.64
N LYS D 243 -28.25 -38.11 -21.64
CA LYS D 243 -29.61 -37.66 -21.31
CA LYS D 243 -29.60 -37.60 -21.31
C LYS D 243 -29.63 -37.07 -19.90
C LYS D 243 -29.60 -37.02 -19.90
N ALA D 244 -28.85 -37.63 -18.97
CA ALA D 244 -28.92 -37.24 -17.53
C ALA D 244 -28.00 -36.06 -17.23
N HIS D 245 -26.96 -35.81 -18.04
CA HIS D 245 -25.89 -34.84 -17.68
C HIS D 245 -26.39 -33.42 -17.92
N LEU D 246 -26.77 -32.68 -16.88
CA LEU D 246 -27.29 -31.30 -17.06
C LEU D 246 -26.16 -30.32 -17.42
N THR D 247 -25.03 -30.49 -16.77
CA THR D 247 -23.79 -29.71 -16.88
C THR D 247 -22.80 -30.35 -15.92
N ALA D 248 -21.69 -29.68 -15.65
CA ALA D 248 -20.58 -30.23 -14.85
C ALA D 248 -19.77 -29.08 -14.30
N SER D 249 -19.18 -29.27 -13.11
CA SER D 249 -18.24 -28.26 -12.58
C SER D 249 -16.84 -28.69 -12.97
N ILE D 250 -16.22 -28.01 -13.93
CA ILE D 250 -14.94 -28.44 -14.53
C ILE D 250 -13.80 -27.78 -13.74
N SER D 251 -12.81 -28.57 -13.37
CA SER D 251 -11.63 -28.12 -12.58
C SER D 251 -10.49 -27.93 -13.57
N ASN D 252 -9.99 -26.71 -13.65
CA ASN D 252 -8.90 -26.33 -14.57
C ASN D 252 -7.67 -25.97 -13.69
N TRP D 253 -6.76 -26.92 -13.56
CA TRP D 253 -5.58 -26.76 -12.67
C TRP D 253 -4.35 -26.28 -13.45
N GLY D 254 -4.42 -26.26 -14.78
CA GLY D 254 -3.24 -26.08 -15.63
C GLY D 254 -2.58 -24.73 -15.40
N ASP D 255 -3.35 -23.66 -15.31
CA ASP D 255 -2.77 -22.30 -15.12
C ASP D 255 -2.05 -22.24 -13.75
N PHE D 256 -2.68 -22.79 -12.71
CA PHE D 256 -2.06 -22.81 -11.36
C PHE D 256 -0.76 -23.61 -11.38
N TYR D 257 -0.76 -24.80 -11.98
CA TYR D 257 0.43 -25.68 -12.00
C TYR D 257 1.55 -24.97 -12.80
N THR D 258 1.19 -24.32 -13.91
CA THR D 258 2.17 -23.59 -14.75
C THR D 258 2.77 -22.44 -13.94
N LYS D 259 1.96 -21.61 -13.31
CA LYS D 259 2.40 -20.42 -12.54
C LYS D 259 3.30 -20.88 -11.40
N THR D 260 2.93 -21.98 -10.74
CA THR D 260 3.72 -22.50 -9.59
C THR D 260 5.10 -22.96 -10.09
N ALA D 261 5.16 -23.75 -11.16
CA ALA D 261 6.43 -24.26 -11.71
C ALA D 261 7.28 -23.04 -12.14
N GLN D 262 6.69 -22.02 -12.76
CA GLN D 262 7.43 -20.79 -13.16
C GLN D 262 8.06 -20.12 -11.93
N ALA D 263 7.31 -19.98 -10.84
CA ALA D 263 7.80 -19.33 -9.59
C ALA D 263 8.96 -20.16 -9.01
N VAL D 264 8.88 -21.48 -9.05
CA VAL D 264 10.00 -22.31 -8.49
C VAL D 264 11.24 -22.13 -9.38
N MET D 265 11.09 -22.11 -10.70
CA MET D 265 12.22 -21.91 -11.65
C MET D 265 12.84 -20.50 -11.45
N ALA D 266 12.03 -19.48 -11.13
CA ALA D 266 12.48 -18.07 -11.01
C ALA D 266 13.05 -17.80 -9.62
N GLY D 267 12.86 -18.70 -8.66
CA GLY D 267 13.23 -18.48 -7.25
C GLY D 267 12.31 -17.51 -6.53
N THR D 268 11.05 -17.33 -6.95
CA THR D 268 10.09 -16.38 -6.35
C THR D 268 8.98 -17.11 -5.61
N TRP D 269 9.02 -18.44 -5.56
CA TRP D 269 7.94 -19.21 -4.88
C TRP D 269 7.95 -18.88 -3.39
N LYS D 270 6.78 -18.76 -2.80
CA LYS D 270 6.63 -18.68 -1.34
C LYS D 270 5.39 -19.46 -0.91
N SER D 271 5.43 -19.93 0.33
CA SER D 271 4.33 -20.65 0.99
C SER D 271 3.14 -19.70 1.16
N GLU D 272 1.99 -20.12 0.64
CA GLU D 272 0.73 -19.38 0.88
C GLU D 272 -0.44 -20.33 0.69
N GLU D 273 -1.62 -19.88 1.12
CA GLU D 273 -2.90 -20.59 0.88
C GLU D 273 -3.50 -19.94 -0.34
N VAL D 274 -3.68 -20.71 -1.40
CA VAL D 274 -4.19 -20.23 -2.70
C VAL D 274 -5.57 -20.85 -2.88
N HIS D 275 -6.57 -20.02 -3.19
CA HIS D 275 -7.91 -20.53 -3.56
C HIS D 275 -8.32 -19.71 -4.78
N TRP D 276 -8.63 -20.39 -5.88
CA TRP D 276 -9.05 -19.72 -7.13
C TRP D 276 -10.46 -20.25 -7.45
N GLY D 277 -11.25 -19.41 -8.09
CA GLY D 277 -12.64 -19.78 -8.43
C GLY D 277 -12.98 -19.48 -9.87
N MET D 278 -14.23 -19.11 -10.07
CA MET D 278 -14.74 -18.86 -11.45
C MET D 278 -14.09 -17.62 -12.05
N ALA D 279 -13.83 -16.60 -11.23
CA ALA D 279 -13.17 -15.36 -11.71
C ALA D 279 -11.77 -15.66 -12.23
N GLU D 280 -11.04 -16.60 -11.65
CA GLU D 280 -9.64 -16.90 -12.03
C GLU D 280 -9.59 -17.97 -13.12
N GLY D 281 -10.74 -18.57 -13.48
CA GLY D 281 -10.83 -19.63 -14.50
C GLY D 281 -10.50 -21.03 -14.00
N MET D 282 -10.32 -21.22 -12.69
CA MET D 282 -10.04 -22.57 -12.14
C MET D 282 -11.32 -23.40 -12.10
N VAL D 283 -12.46 -22.72 -11.99
CA VAL D 283 -13.79 -23.40 -11.97
C VAL D 283 -14.55 -22.88 -13.18
N LYS D 284 -14.96 -23.80 -14.05
CA LYS D 284 -15.77 -23.48 -15.25
C LYS D 284 -16.93 -24.46 -15.31
N MET D 285 -18.04 -24.09 -15.95
N MET D 285 -18.02 -24.14 -15.98
CA MET D 285 -19.18 -25.00 -16.12
CA MET D 285 -19.16 -25.09 -16.03
C MET D 285 -19.14 -25.60 -17.54
C MET D 285 -19.41 -25.52 -17.48
N ALA D 286 -19.56 -26.84 -17.69
CA ALA D 286 -19.84 -27.47 -18.98
C ALA D 286 -21.08 -26.82 -19.57
N PRO D 287 -21.24 -26.91 -20.91
CA PRO D 287 -22.46 -26.40 -21.53
C PRO D 287 -23.71 -27.12 -20.95
N LEU D 288 -24.84 -26.45 -21.09
CA LEU D 288 -26.16 -26.98 -20.65
C LEU D 288 -26.64 -28.08 -21.57
N ASN D 289 -27.24 -29.10 -20.95
CA ASN D 289 -27.97 -30.14 -21.70
C ASN D 289 -29.04 -29.46 -22.56
N ALA D 290 -29.31 -30.03 -23.73
CA ALA D 290 -30.34 -29.47 -24.65
C ALA D 290 -31.74 -29.54 -24.04
N ALA D 291 -31.98 -30.39 -23.04
CA ALA D 291 -33.30 -30.50 -22.37
C ALA D 291 -33.58 -29.31 -21.44
N VAL D 292 -32.59 -28.49 -21.07
CA VAL D 292 -32.84 -27.34 -20.17
C VAL D 292 -33.62 -26.29 -20.95
N PRO D 293 -34.85 -25.93 -20.53
CA PRO D 293 -35.64 -24.96 -21.26
C PRO D 293 -35.10 -23.54 -21.15
N PRO D 294 -35.50 -22.65 -22.08
CA PRO D 294 -34.95 -21.29 -22.11
C PRO D 294 -35.05 -20.51 -20.80
N ASP D 295 -36.15 -20.58 -20.05
CA ASP D 295 -36.28 -19.81 -18.78
C ASP D 295 -35.19 -20.25 -17.78
N ALA D 296 -34.97 -21.56 -17.69
CA ALA D 296 -33.99 -22.15 -16.76
C ALA D 296 -32.58 -21.76 -17.21
N ALA D 297 -32.31 -21.86 -18.52
CA ALA D 297 -30.98 -21.53 -19.08
C ALA D 297 -30.68 -20.05 -18.85
N LYS D 298 -31.67 -19.18 -18.99
CA LYS D 298 -31.47 -17.72 -18.81
C LYS D 298 -31.08 -17.43 -17.36
N LEU D 299 -31.79 -18.02 -16.42
CA LEU D 299 -31.49 -17.81 -14.98
C LEU D 299 -30.09 -18.35 -14.69
N PHE D 300 -29.79 -19.54 -15.18
CA PHE D 300 -28.46 -20.14 -14.94
C PHE D 300 -27.38 -19.19 -15.44
N GLU D 301 -27.53 -18.66 -16.65
CA GLU D 301 -26.44 -17.81 -17.22
C GLU D 301 -26.34 -16.49 -16.46
N GLU D 302 -27.45 -15.93 -16.00
CA GLU D 302 -27.44 -14.68 -15.18
C GLU D 302 -26.70 -14.95 -13.86
N LYS D 303 -27.00 -16.08 -13.20
CA LYS D 303 -26.34 -16.42 -11.89
C LYS D 303 -24.87 -16.69 -12.11
N LYS D 304 -24.52 -17.36 -13.21
CA LYS D 304 -23.11 -17.62 -13.54
C LYS D 304 -22.35 -16.31 -13.68
N ALA D 305 -22.89 -15.37 -14.45
CA ALA D 305 -22.25 -14.05 -14.64
C ALA D 305 -22.09 -13.32 -13.30
N ALA D 306 -23.10 -13.37 -12.44
CA ALA D 306 -23.05 -12.74 -11.10
C ALA D 306 -22.00 -13.45 -10.24
N MET D 307 -21.83 -14.77 -10.39
CA MET D 307 -20.82 -15.50 -9.59
C MET D 307 -19.41 -15.11 -10.04
N VAL D 308 -19.18 -15.02 -11.35
CA VAL D 308 -17.86 -14.66 -11.92
C VAL D 308 -17.50 -13.24 -11.49
N SER D 309 -18.45 -12.30 -11.46
CA SER D 309 -18.21 -10.87 -11.15
C SER D 309 -18.11 -10.62 -9.64
N GLY D 310 -18.56 -11.55 -8.80
CA GLY D 310 -18.58 -11.39 -7.34
C GLY D 310 -19.81 -10.66 -6.85
N LYS D 311 -20.80 -10.44 -7.71
CA LYS D 311 -22.08 -9.78 -7.34
C LYS D 311 -22.88 -10.70 -6.40
N ILE D 312 -22.77 -12.01 -6.53
CA ILE D 312 -23.40 -12.97 -5.56
C ILE D 312 -22.31 -13.86 -4.98
N LYS D 313 -22.50 -14.29 -3.74
CA LYS D 313 -21.55 -15.20 -3.06
C LYS D 313 -22.39 -16.37 -2.56
N PRO D 314 -21.90 -17.62 -2.69
CA PRO D 314 -22.72 -18.74 -2.25
C PRO D 314 -23.14 -18.64 -0.78
N PHE D 315 -22.28 -18.09 0.08
CA PHE D 315 -22.54 -18.10 1.54
C PHE D 315 -22.86 -16.69 2.05
N GLN D 316 -23.44 -15.86 1.19
CA GLN D 316 -24.06 -14.59 1.66
C GLN D 316 -25.26 -14.90 2.56
N GLY D 317 -25.44 -14.08 3.59
CA GLY D 317 -26.54 -14.21 4.54
C GLY D 317 -27.87 -13.84 3.88
N PRO D 318 -29.00 -14.23 4.48
CA PRO D 318 -29.00 -14.96 5.75
C PRO D 318 -28.78 -16.47 5.57
N LEU D 319 -28.13 -17.10 6.56
CA LEU D 319 -27.88 -18.56 6.58
C LEU D 319 -28.41 -19.05 7.91
N LYS D 320 -29.14 -20.16 7.85
CA LYS D 320 -29.66 -20.83 9.07
C LYS D 320 -29.13 -22.27 9.15
N ASP D 321 -28.92 -22.74 10.39
CA ASP D 321 -28.48 -24.13 10.58
C ASP D 321 -29.70 -25.07 10.63
N GLN D 322 -29.46 -26.34 10.95
CA GLN D 322 -30.53 -27.36 10.87
C GLN D 322 -31.59 -27.19 11.98
N SER D 323 -31.34 -26.37 13.00
CA SER D 323 -32.34 -26.09 14.06
C SER D 323 -33.03 -24.76 13.73
N GLY D 324 -32.71 -24.14 12.59
CA GLY D 324 -33.34 -22.86 12.21
C GLY D 324 -32.65 -21.67 12.88
N ALA D 325 -31.49 -21.85 13.49
CA ALA D 325 -30.75 -20.73 14.13
C ALA D 325 -30.09 -19.90 13.04
N VAL D 326 -30.15 -18.58 13.18
CA VAL D 326 -29.39 -17.70 12.26
C VAL D 326 -27.89 -17.76 12.55
N LYS D 327 -27.09 -18.17 11.58
CA LYS D 327 -25.63 -18.28 11.70
C LYS D 327 -24.93 -17.08 11.06
N VAL D 328 -25.52 -16.56 9.98
CA VAL D 328 -25.06 -15.35 9.26
C VAL D 328 -26.29 -14.48 8.99
N ALA D 329 -26.27 -13.22 9.43
CA ALA D 329 -27.42 -12.28 9.23
C ALA D 329 -27.49 -11.83 7.77
N ALA D 330 -28.69 -11.46 7.29
CA ALA D 330 -28.89 -10.76 6.00
C ALA D 330 -27.94 -9.55 5.96
N GLY D 331 -27.32 -9.30 4.81
CA GLY D 331 -26.36 -8.18 4.61
C GLY D 331 -24.95 -8.52 5.05
N SER D 332 -24.72 -9.72 5.60
CA SER D 332 -23.38 -10.21 5.99
C SER D 332 -23.06 -11.45 5.16
N ASP D 333 -21.79 -11.82 5.15
CA ASP D 333 -21.26 -12.99 4.45
C ASP D 333 -20.65 -13.90 5.50
N LEU D 334 -20.62 -15.20 5.24
CA LEU D 334 -19.89 -16.14 6.12
C LEU D 334 -18.42 -15.70 6.12
N PRO D 335 -17.80 -15.48 7.30
CA PRO D 335 -16.41 -15.05 7.38
C PRO D 335 -15.40 -16.07 6.82
N LEU D 336 -14.24 -15.62 6.34
CA LEU D 336 -13.26 -16.48 5.61
C LEU D 336 -12.80 -17.66 6.47
N ALA D 337 -12.58 -17.50 7.78
CA ALA D 337 -12.12 -18.60 8.66
C ALA D 337 -13.22 -19.66 8.78
N SER D 338 -14.48 -19.23 8.84
CA SER D 338 -15.63 -20.15 8.97
C SER D 338 -15.82 -20.88 7.63
N LEU D 339 -15.63 -20.17 6.52
CA LEU D 339 -15.73 -20.78 5.17
C LEU D 339 -14.63 -21.84 5.01
N LYS D 340 -13.40 -21.50 5.39
CA LYS D 340 -12.22 -22.38 5.21
C LYS D 340 -12.39 -23.68 6.01
N GLY D 341 -13.02 -23.60 7.17
CA GLY D 341 -13.13 -24.74 8.09
C GLY D 341 -14.54 -25.27 8.19
N MET D 342 -15.41 -24.91 7.25
CA MET D 342 -16.87 -25.13 7.38
C MET D 342 -17.16 -26.56 7.77
N ASN D 343 -17.85 -26.76 8.89
CA ASN D 343 -18.16 -28.13 9.34
C ASN D 343 -19.59 -28.28 9.82
N TRP D 344 -20.49 -27.35 9.47
CA TRP D 344 -21.91 -27.45 9.85
C TRP D 344 -22.77 -27.36 8.58
N TYR D 345 -23.98 -27.82 8.71
CA TYR D 345 -24.96 -27.91 7.58
C TYR D 345 -26.06 -26.86 7.67
N VAL D 346 -26.39 -26.31 6.52
CA VAL D 346 -27.54 -25.39 6.41
C VAL D 346 -28.86 -26.13 6.56
N GLN D 347 -29.90 -25.39 6.95
CA GLN D 347 -31.27 -25.89 7.06
C GLN D 347 -31.69 -26.50 5.71
N GLY D 348 -32.29 -27.68 5.77
CA GLY D 348 -32.78 -28.40 4.58
C GLY D 348 -31.86 -29.52 4.15
N VAL D 349 -30.68 -29.65 4.74
CA VAL D 349 -29.79 -30.82 4.54
C VAL D 349 -30.29 -31.94 5.42
N GLU D 350 -30.48 -33.13 4.87
CA GLU D 350 -30.89 -34.29 5.67
C GLU D 350 -30.23 -35.55 5.15
N GLY D 351 -30.28 -36.62 5.92
CA GLY D 351 -29.70 -37.92 5.51
C GLY D 351 -30.71 -38.75 4.76
N THR D 352 -30.48 -40.08 4.67
CA THR D 352 -31.36 -40.98 3.88
C THR D 352 -32.11 -42.00 4.76
N ILE D 353 -32.44 -41.68 6.01
CA ILE D 353 -33.42 -42.48 6.81
C ILE D 353 -34.84 -42.23 6.26
N9 GUN E . -8.07 -4.25 -35.64
C8 GUN E . -9.00 -4.19 -36.62
N7 GUN E . -10.15 -3.67 -36.19
C5 GUN E . -9.91 -3.33 -34.89
C6 GUN E . -10.72 -2.67 -33.96
O6 GUN E . -11.88 -2.31 -34.14
N1 GUN E . -10.05 -2.38 -32.75
C2 GUN E . -8.71 -2.74 -32.55
N2 GUN E . -8.11 -2.49 -31.37
N3 GUN E . -7.98 -3.39 -33.40
C4 GUN E . -8.58 -3.62 -34.58
N9 GUN F . 7.42 1.08 33.73
C8 GUN F . 8.13 -0.04 33.94
N7 GUN F . 9.43 0.18 34.10
C5 GUN F . 9.56 1.54 34.00
C6 GUN F . 10.69 2.35 34.11
O6 GUN F . 11.85 1.98 34.31
N1 GUN F . 10.41 3.73 34.02
C2 GUN F . 9.09 4.18 33.88
N2 GUN F . 8.87 5.48 33.77
N3 GUN F . 8.06 3.41 33.73
C4 GUN F . 8.29 2.11 33.82
N9 GUN G . 6.88 24.28 -4.46
C8 GUN G . 5.95 25.18 -4.77
N7 GUN G . 6.08 26.35 -4.15
C5 GUN G . 7.19 26.20 -3.37
C6 GUN G . 7.85 27.07 -2.50
O6 GUN G . 7.49 28.22 -2.19
N1 GUN G . 9.00 26.51 -1.93
C2 GUN G . 9.44 25.23 -2.25
N2 GUN G . 10.54 24.72 -1.67
N3 GUN G . 8.83 24.40 -3.03
C4 GUN G . 7.71 24.88 -3.60
S DMS H . 13.26 18.45 18.54
O DMS H . 14.64 18.50 17.87
C1 DMS H . 12.07 18.63 17.31
C2 DMS H . 13.11 20.01 19.36
N9 GUN I . -10.06 -37.75 -4.48
C8 GUN I . -9.01 -38.01 -3.67
N7 GUN I . -8.73 -37.01 -2.85
C5 GUN I . -9.67 -36.05 -3.10
C6 GUN I . -9.87 -34.76 -2.52
O6 GUN I . -9.19 -34.17 -1.67
N1 GUN I . -10.99 -34.10 -3.09
C2 GUN I . -11.79 -34.69 -4.06
N2 GUN I . -12.84 -34.00 -4.53
N3 GUN I . -11.57 -35.86 -4.60
C4 GUN I . -10.53 -36.53 -4.11
#